data_2DKS
#
_entry.id   2DKS
#
_entity_poly.entity_id   1
_entity_poly.type   'polypeptide(L)'
_entity_poly.pdbx_seq_one_letter_code
;GSSGSSGTAQLTIEAVPSNAAEGKEVLLLVHNLPQDPRGYNWYKGETVDANRRIIGYVISNQQITPGPAYSNRETIYPNA
SLLMRNVTRNDTGSYTLQVIKLNLMSEEVTGQFSVHPETPKPSISGPSSG
;
_entity_poly.pdbx_strand_id   A
#
# COMPACT_ATOMS: atom_id res chain seq x y z
N GLY A 1 -19.94 -9.00 -4.04
CA GLY A 1 -18.50 -8.97 -4.18
C GLY A 1 -17.88 -10.35 -4.12
N SER A 2 -18.21 -11.18 -5.10
CA SER A 2 -17.69 -12.54 -5.17
C SER A 2 -16.16 -12.54 -5.08
N SER A 3 -15.59 -13.71 -4.82
CA SER A 3 -14.14 -13.85 -4.71
C SER A 3 -13.64 -15.03 -5.54
N GLY A 4 -14.15 -16.22 -5.23
CA GLY A 4 -13.73 -17.40 -5.96
C GLY A 4 -13.69 -18.63 -5.08
N SER A 5 -14.50 -19.63 -5.42
CA SER A 5 -14.55 -20.87 -4.65
C SER A 5 -13.39 -21.79 -5.01
N SER A 6 -13.18 -21.97 -6.31
CA SER A 6 -12.11 -22.83 -6.80
C SER A 6 -10.75 -22.16 -6.62
N GLY A 7 -9.95 -22.67 -5.68
CA GLY A 7 -8.64 -22.10 -5.42
C GLY A 7 -8.54 -21.49 -4.05
N THR A 8 -7.41 -21.71 -3.39
CA THR A 8 -7.18 -21.17 -2.05
C THR A 8 -7.20 -19.65 -2.05
N ALA A 9 -7.10 -19.05 -0.87
CA ALA A 9 -7.11 -17.60 -0.75
C ALA A 9 -5.92 -17.12 0.07
N GLN A 10 -5.55 -15.86 -0.12
CA GLN A 10 -4.42 -15.28 0.60
C GLN A 10 -4.46 -13.76 0.53
N LEU A 11 -4.32 -13.11 1.68
CA LEU A 11 -4.33 -11.66 1.76
C LEU A 11 -3.43 -11.04 0.69
N THR A 12 -3.98 -10.15 -0.11
CA THR A 12 -3.23 -9.50 -1.17
C THR A 12 -3.56 -8.02 -1.25
N ILE A 13 -2.82 -7.29 -2.08
CA ILE A 13 -3.05 -5.86 -2.26
C ILE A 13 -2.91 -5.45 -3.72
N GLU A 14 -3.94 -4.80 -4.24
CA GLU A 14 -3.94 -4.34 -5.62
C GLU A 14 -4.02 -2.82 -5.71
N ALA A 15 -3.01 -2.23 -6.34
CA ALA A 15 -2.96 -0.78 -6.48
C ALA A 15 -4.01 -0.28 -7.47
N VAL A 16 -4.62 0.85 -7.16
CA VAL A 16 -5.65 1.43 -8.02
C VAL A 16 -5.56 2.95 -8.04
N PRO A 17 -5.09 3.50 -9.16
CA PRO A 17 -4.68 2.70 -10.32
C PRO A 17 -3.40 1.91 -10.06
N SER A 18 -2.90 1.23 -11.09
CA SER A 18 -1.68 0.44 -10.96
C SER A 18 -0.45 1.29 -11.22
N ASN A 19 -0.64 2.41 -11.92
CA ASN A 19 0.46 3.32 -12.24
C ASN A 19 -0.05 4.74 -12.45
N ALA A 20 0.19 5.59 -11.47
CA ALA A 20 -0.25 6.99 -11.55
C ALA A 20 0.93 7.91 -11.89
N ALA A 21 0.64 9.20 -12.00
CA ALA A 21 1.67 10.18 -12.32
C ALA A 21 1.90 11.14 -11.16
N GLU A 22 3.11 11.67 -11.05
CA GLU A 22 3.45 12.59 -9.98
C GLU A 22 2.32 13.58 -9.74
N GLY A 23 1.89 13.68 -8.48
CA GLY A 23 0.81 14.58 -8.13
C GLY A 23 -0.54 13.90 -8.11
N LYS A 24 -0.59 12.67 -8.61
CA LYS A 24 -1.83 11.91 -8.64
C LYS A 24 -2.05 11.15 -7.33
N GLU A 25 -3.11 10.37 -7.27
CA GLU A 25 -3.43 9.60 -6.07
C GLU A 25 -3.53 8.11 -6.40
N VAL A 26 -3.08 7.28 -5.46
CA VAL A 26 -3.11 5.83 -5.64
C VAL A 26 -3.74 5.15 -4.43
N LEU A 27 -4.82 4.40 -4.68
CA LEU A 27 -5.51 3.70 -3.60
C LEU A 27 -5.15 2.21 -3.61
N LEU A 28 -4.39 1.79 -2.62
CA LEU A 28 -3.98 0.39 -2.51
C LEU A 28 -5.05 -0.45 -1.82
N LEU A 29 -5.86 -1.15 -2.61
CA LEU A 29 -6.92 -1.98 -2.07
C LEU A 29 -6.35 -3.28 -1.50
N VAL A 30 -7.20 -4.04 -0.80
CA VAL A 30 -6.79 -5.29 -0.21
C VAL A 30 -7.87 -6.36 -0.37
N HIS A 31 -7.46 -7.63 -0.35
CA HIS A 31 -8.40 -8.74 -0.49
C HIS A 31 -8.01 -9.89 0.43
N ASN A 32 -8.91 -10.85 0.58
CA ASN A 32 -8.68 -12.01 1.44
C ASN A 32 -8.32 -11.57 2.85
N LEU A 33 -8.82 -10.41 3.24
CA LEU A 33 -8.55 -9.87 4.58
C LEU A 33 -8.93 -10.89 5.65
N PRO A 34 -8.38 -10.71 6.86
CA PRO A 34 -8.63 -11.60 8.00
C PRO A 34 -10.06 -11.46 8.53
N GLN A 35 -10.40 -12.28 9.51
CA GLN A 35 -11.73 -12.25 10.10
C GLN A 35 -11.93 -10.98 10.92
N ASP A 36 -11.03 -10.73 11.87
CA ASP A 36 -11.11 -9.56 12.72
C ASP A 36 -9.75 -8.89 12.85
N PRO A 37 -9.45 -7.95 11.93
CA PRO A 37 -8.19 -7.22 11.92
C PRO A 37 -8.06 -6.26 13.10
N ARG A 38 -7.44 -6.72 14.18
CA ARG A 38 -7.25 -5.90 15.37
C ARG A 38 -6.78 -4.50 15.00
N GLY A 39 -5.97 -4.40 13.95
CA GLY A 39 -5.47 -3.12 13.51
C GLY A 39 -4.54 -3.23 12.32
N TYR A 40 -4.59 -2.24 11.43
CA TYR A 40 -3.74 -2.24 10.25
C TYR A 40 -2.45 -1.45 10.49
N ASN A 41 -1.38 -1.85 9.82
CA ASN A 41 -0.09 -1.19 9.97
C ASN A 41 0.66 -1.19 8.64
N TRP A 42 0.81 -0.01 8.05
CA TRP A 42 1.52 0.13 6.78
C TRP A 42 2.96 0.53 7.01
N TYR A 43 3.84 0.14 6.10
CA TYR A 43 5.26 0.46 6.20
C TYR A 43 5.83 0.86 4.84
N LYS A 44 7.00 1.50 4.86
CA LYS A 44 7.65 1.92 3.62
C LYS A 44 8.82 1.00 3.29
N GLY A 45 8.61 0.13 2.30
CA GLY A 45 9.67 -0.79 1.90
C GLY A 45 9.23 -2.24 1.98
N GLU A 46 10.18 -3.13 2.22
CA GLU A 46 9.88 -4.56 2.32
C GLU A 46 10.19 -5.08 3.72
N THR A 47 10.01 -4.23 4.72
CA THR A 47 10.28 -4.61 6.10
C THR A 47 9.24 -3.99 7.05
N VAL A 48 8.88 -4.74 8.09
CA VAL A 48 7.90 -4.27 9.06
C VAL A 48 8.59 -3.64 10.26
N ASP A 49 9.46 -2.66 9.99
CA ASP A 49 10.17 -1.97 11.05
C ASP A 49 9.59 -0.58 11.28
N ALA A 50 9.56 -0.16 12.55
CA ALA A 50 9.02 1.15 12.91
C ALA A 50 9.80 2.26 12.22
N ASN A 51 11.11 2.08 12.09
CA ASN A 51 11.96 3.08 11.45
C ASN A 51 11.48 3.36 10.03
N ARG A 52 10.60 2.51 9.52
CA ARG A 52 10.07 2.67 8.17
C ARG A 52 8.54 2.71 8.20
N ARG A 53 7.96 2.55 9.38
CA ARG A 53 6.52 2.56 9.54
C ARG A 53 5.92 3.85 9.00
N ILE A 54 4.88 3.73 8.19
CA ILE A 54 4.22 4.90 7.61
C ILE A 54 3.07 5.38 8.50
N ILE A 55 2.16 4.46 8.82
CA ILE A 55 1.02 4.79 9.66
C ILE A 55 0.32 3.52 10.16
N GLY A 56 -0.14 3.56 11.40
CA GLY A 56 -0.82 2.41 11.98
C GLY A 56 -2.16 2.78 12.60
N TYR A 57 -3.16 1.94 12.39
CA TYR A 57 -4.49 2.18 12.93
C TYR A 57 -4.99 0.96 13.70
N VAL A 58 -5.58 1.21 14.86
CA VAL A 58 -6.11 0.14 15.70
C VAL A 58 -7.63 0.23 15.80
N ILE A 59 -8.32 -0.76 15.25
CA ILE A 59 -9.78 -0.79 15.28
C ILE A 59 -10.28 -0.97 16.71
N SER A 60 -9.60 -1.81 17.48
CA SER A 60 -9.98 -2.07 18.86
C SER A 60 -10.37 -0.78 19.57
N ASN A 61 -9.45 0.18 19.60
CA ASN A 61 -9.71 1.45 20.25
C ASN A 61 -9.85 2.57 19.21
N GLN A 62 -9.81 2.19 17.94
CA GLN A 62 -9.93 3.17 16.85
C GLN A 62 -8.92 4.30 17.02
N GLN A 63 -7.66 3.93 17.24
CA GLN A 63 -6.60 4.90 17.41
C GLN A 63 -5.66 4.92 16.21
N ILE A 64 -5.04 6.06 15.96
CA ILE A 64 -4.13 6.21 14.84
C ILE A 64 -2.76 6.70 15.30
N THR A 65 -1.71 6.00 14.87
CA THR A 65 -0.35 6.36 15.25
C THR A 65 0.57 6.37 14.04
N PRO A 66 0.80 7.57 13.47
CA PRO A 66 1.66 7.74 12.30
C PRO A 66 3.14 7.51 12.62
N GLY A 67 3.81 6.78 11.75
CA GLY A 67 5.22 6.49 11.97
C GLY A 67 6.12 7.61 11.47
N PRO A 68 7.43 7.34 11.42
CA PRO A 68 8.42 8.32 10.96
C PRO A 68 8.33 8.60 9.47
N ALA A 69 7.92 7.59 8.71
CA ALA A 69 7.78 7.72 7.26
C ALA A 69 6.42 8.31 6.90
N TYR A 70 5.86 9.11 7.81
CA TYR A 70 4.56 9.74 7.59
C TYR A 70 4.72 11.17 7.11
N SER A 71 3.94 11.55 6.10
CA SER A 71 4.00 12.90 5.55
C SER A 71 2.63 13.56 5.59
N ASN A 72 1.69 12.90 6.25
CA ASN A 72 0.32 13.43 6.37
C ASN A 72 -0.36 13.47 5.00
N ARG A 73 0.09 12.61 4.09
CA ARG A 73 -0.48 12.55 2.75
C ARG A 73 -1.19 11.23 2.52
N GLU A 74 -0.94 10.26 3.40
CA GLU A 74 -1.56 8.94 3.29
C GLU A 74 -2.74 8.81 4.25
N THR A 75 -3.63 7.88 3.95
CA THR A 75 -4.80 7.65 4.79
C THR A 75 -5.22 6.19 4.77
N ILE A 76 -5.34 5.60 5.95
CA ILE A 76 -5.73 4.20 6.08
C ILE A 76 -7.23 4.02 5.83
N TYR A 77 -7.64 2.77 5.64
CA TYR A 77 -9.04 2.46 5.40
C TYR A 77 -9.52 1.31 6.27
N PRO A 78 -10.84 1.19 6.43
CA PRO A 78 -11.45 0.12 7.23
C PRO A 78 -11.30 -1.25 6.58
N ASN A 79 -10.63 -1.30 5.44
CA ASN A 79 -10.42 -2.54 4.72
C ASN A 79 -8.93 -2.88 4.62
N ALA A 80 -8.13 -2.18 5.42
CA ALA A 80 -6.68 -2.41 5.41
C ALA A 80 -6.03 -1.79 4.18
N SER A 81 -6.69 -0.78 3.63
CA SER A 81 -6.17 -0.10 2.44
C SER A 81 -5.59 1.27 2.81
N LEU A 82 -4.69 1.76 1.96
CA LEU A 82 -4.05 3.06 2.18
C LEU A 82 -4.11 3.92 0.92
N LEU A 83 -4.61 5.13 1.07
CA LEU A 83 -4.71 6.06 -0.06
C LEU A 83 -3.52 7.02 -0.08
N MET A 84 -2.75 6.96 -1.17
CA MET A 84 -1.59 7.83 -1.32
C MET A 84 -1.91 9.01 -2.23
N ARG A 85 -1.97 10.20 -1.64
CA ARG A 85 -2.26 11.41 -2.41
C ARG A 85 -0.98 12.13 -2.81
N ASN A 86 -1.08 12.97 -3.83
CA ASN A 86 0.08 13.71 -4.32
C ASN A 86 1.33 12.84 -4.33
N VAL A 87 1.22 11.66 -4.93
CA VAL A 87 2.34 10.73 -5.00
C VAL A 87 3.55 11.38 -5.67
N THR A 88 4.68 10.68 -5.65
CA THR A 88 5.91 11.19 -6.25
C THR A 88 6.78 10.04 -6.77
N ARG A 89 7.64 10.36 -7.73
CA ARG A 89 8.53 9.36 -8.31
C ARG A 89 9.32 8.64 -7.22
N ASN A 90 9.53 9.31 -6.10
CA ASN A 90 10.27 8.74 -4.98
C ASN A 90 9.45 7.66 -4.29
N ASP A 91 8.16 7.93 -4.10
CA ASP A 91 7.27 6.98 -3.44
C ASP A 91 7.43 5.59 -4.03
N THR A 92 7.63 5.52 -5.34
CA THR A 92 7.80 4.25 -6.04
C THR A 92 8.81 3.37 -5.32
N GLY A 93 8.43 2.11 -5.09
CA GLY A 93 9.32 1.18 -4.42
C GLY A 93 8.59 0.00 -3.84
N SER A 94 8.37 -0.01 -2.54
CA SER A 94 7.68 -1.09 -1.86
C SER A 94 6.92 -0.59 -0.64
N TYR A 95 5.72 -1.13 -0.44
CA TYR A 95 4.88 -0.72 0.69
C TYR A 95 4.30 -1.94 1.40
N THR A 96 4.96 -2.37 2.47
CA THR A 96 4.50 -3.52 3.24
C THR A 96 3.31 -3.16 4.11
N LEU A 97 2.33 -4.05 4.16
CA LEU A 97 1.13 -3.84 4.97
C LEU A 97 0.84 -5.05 5.84
N GLN A 98 0.99 -4.89 7.15
CA GLN A 98 0.73 -5.96 8.10
C GLN A 98 -0.62 -5.80 8.75
N VAL A 99 -1.33 -6.91 8.94
CA VAL A 99 -2.65 -6.90 9.57
C VAL A 99 -2.68 -7.76 10.82
N ILE A 100 -2.90 -7.13 11.97
CA ILE A 100 -2.96 -7.84 13.23
C ILE A 100 -4.38 -8.33 13.52
N LYS A 101 -4.47 -9.55 14.06
CA LYS A 101 -5.77 -10.13 14.39
C LYS A 101 -5.95 -10.23 15.91
N LEU A 102 -7.20 -10.24 16.35
CA LEU A 102 -7.50 -10.34 17.77
C LEU A 102 -6.84 -11.56 18.38
N ASN A 103 -6.36 -12.47 17.53
CA ASN A 103 -5.69 -13.68 18.00
C ASN A 103 -4.23 -13.40 18.33
N LEU A 104 -3.90 -12.13 18.52
CA LEU A 104 -2.53 -11.73 18.84
C LEU A 104 -1.57 -12.13 17.73
N MET A 105 -2.11 -12.26 16.52
CA MET A 105 -1.29 -12.63 15.36
C MET A 105 -1.26 -11.51 14.33
N SER A 106 -0.46 -11.69 13.28
CA SER A 106 -0.33 -10.69 12.24
C SER A 106 0.13 -11.32 10.93
N GLU A 107 -0.21 -10.68 9.82
CA GLU A 107 0.16 -11.19 8.50
C GLU A 107 1.12 -10.23 7.81
N GLU A 108 1.51 -10.56 6.58
CA GLU A 108 2.42 -9.73 5.81
C GLU A 108 2.05 -9.74 4.33
N VAL A 109 2.08 -8.57 3.71
CA VAL A 109 1.75 -8.45 2.29
C VAL A 109 2.32 -7.16 1.70
N THR A 110 3.26 -7.31 0.78
CA THR A 110 3.89 -6.15 0.14
C THR A 110 3.03 -5.62 -1.00
N GLY A 111 2.32 -4.52 -0.74
CA GLY A 111 1.47 -3.93 -1.74
C GLY A 111 1.87 -2.51 -2.09
N GLN A 112 2.51 -2.33 -3.23
CA GLN A 112 2.95 -1.02 -3.67
C GLN A 112 2.52 -0.75 -5.11
N PHE A 113 2.95 0.38 -5.65
CA PHE A 113 2.62 0.76 -7.02
C PHE A 113 3.79 1.45 -7.71
N SER A 114 3.56 1.92 -8.92
CA SER A 114 4.61 2.59 -9.69
C SER A 114 4.14 3.98 -10.13
N VAL A 115 5.03 4.96 -10.02
CA VAL A 115 4.72 6.33 -10.41
C VAL A 115 5.62 6.80 -11.54
N HIS A 116 5.01 7.23 -12.64
CA HIS A 116 5.76 7.71 -13.80
C HIS A 116 5.51 9.20 -14.03
N PRO A 117 6.57 9.92 -14.39
CA PRO A 117 6.50 11.36 -14.65
C PRO A 117 5.72 11.68 -15.92
N GLU A 118 4.41 11.82 -15.79
CA GLU A 118 3.56 12.13 -16.94
C GLU A 118 3.51 13.63 -17.19
N THR A 119 4.64 14.21 -17.56
CA THR A 119 4.72 15.64 -17.83
C THR A 119 5.43 15.91 -19.15
N PRO A 120 5.03 17.01 -19.81
CA PRO A 120 5.61 17.40 -21.10
C PRO A 120 7.06 17.88 -20.97
N LYS A 121 7.77 17.87 -22.08
CA LYS A 121 9.17 18.31 -22.09
C LYS A 121 9.37 19.47 -23.07
N PRO A 122 9.04 20.68 -22.62
CA PRO A 122 9.18 21.89 -23.43
C PRO A 122 10.63 22.27 -23.67
N SER A 123 11.23 21.70 -24.71
CA SER A 123 12.63 21.97 -25.03
C SER A 123 12.75 22.59 -26.42
N ILE A 124 13.34 23.78 -26.48
CA ILE A 124 13.51 24.48 -27.74
C ILE A 124 14.62 23.84 -28.57
N SER A 125 15.72 23.50 -27.92
CA SER A 125 16.85 22.88 -28.59
C SER A 125 16.49 21.50 -29.12
N GLY A 126 15.98 20.65 -28.23
CA GLY A 126 15.59 19.31 -28.64
C GLY A 126 16.21 18.24 -27.75
N PRO A 127 17.36 17.70 -28.21
CA PRO A 127 18.08 16.65 -27.48
C PRO A 127 18.73 17.18 -26.20
N SER A 128 18.31 16.63 -25.06
CA SER A 128 18.85 17.06 -23.78
C SER A 128 19.31 15.85 -22.96
N SER A 129 19.91 16.12 -21.81
CA SER A 129 20.41 15.06 -20.93
C SER A 129 19.26 14.41 -20.16
N GLY A 130 18.51 15.24 -19.44
CA GLY A 130 17.39 14.73 -18.66
C GLY A 130 16.85 15.77 -17.69
N GLY A 1 -3.72 -8.49 -9.39
CA GLY A 1 -3.64 -8.37 -10.84
C GLY A 1 -4.58 -9.32 -11.56
N SER A 2 -4.02 -10.39 -12.11
CA SER A 2 -4.81 -11.38 -12.83
C SER A 2 -5.04 -12.62 -11.98
N SER A 3 -6.24 -12.75 -11.43
CA SER A 3 -6.58 -13.89 -10.59
C SER A 3 -7.77 -14.67 -11.18
N GLY A 4 -7.60 -15.98 -11.31
CA GLY A 4 -8.66 -16.81 -11.85
C GLY A 4 -9.41 -17.58 -10.78
N SER A 5 -9.71 -18.84 -11.06
CA SER A 5 -10.44 -19.68 -10.12
C SER A 5 -9.49 -20.24 -9.06
N SER A 6 -9.92 -20.16 -7.80
CA SER A 6 -9.11 -20.67 -6.70
C SER A 6 -9.95 -20.82 -5.43
N GLY A 7 -9.57 -21.77 -4.59
CA GLY A 7 -10.31 -22.00 -3.36
C GLY A 7 -9.72 -21.24 -2.18
N THR A 8 -8.44 -21.48 -1.91
CA THR A 8 -7.76 -20.81 -0.80
C THR A 8 -7.61 -19.32 -1.05
N ALA A 9 -7.23 -18.58 -0.03
CA ALA A 9 -7.05 -17.14 -0.14
C ALA A 9 -5.78 -16.68 0.57
N GLN A 10 -5.28 -15.50 0.20
CA GLN A 10 -4.08 -14.96 0.81
C GLN A 10 -4.08 -13.44 0.74
N LEU A 11 -3.71 -12.80 1.85
CA LEU A 11 -3.67 -11.34 1.91
C LEU A 11 -2.92 -10.77 0.72
N THR A 12 -3.64 -10.07 -0.15
CA THR A 12 -3.04 -9.47 -1.33
C THR A 12 -3.40 -7.99 -1.44
N ILE A 13 -2.73 -7.29 -2.35
CA ILE A 13 -2.98 -5.87 -2.55
C ILE A 13 -2.94 -5.51 -4.03
N GLU A 14 -3.84 -4.63 -4.44
CA GLU A 14 -3.91 -4.20 -5.83
C GLU A 14 -4.01 -2.68 -5.93
N ALA A 15 -2.92 -2.04 -6.34
CA ALA A 15 -2.88 -0.59 -6.48
C ALA A 15 -3.96 -0.10 -7.44
N VAL A 16 -4.66 0.95 -7.04
CA VAL A 16 -5.73 1.52 -7.86
C VAL A 16 -5.66 3.03 -7.87
N PRO A 17 -5.24 3.60 -9.02
CA PRO A 17 -4.87 2.81 -10.20
C PRO A 17 -3.57 2.04 -9.99
N SER A 18 -3.14 1.32 -11.03
CA SER A 18 -1.92 0.53 -10.96
C SER A 18 -0.72 1.35 -11.42
N ASN A 19 -0.98 2.32 -12.29
CA ASN A 19 0.08 3.18 -12.81
C ASN A 19 -0.34 4.64 -12.79
N ALA A 20 -0.09 5.31 -11.67
CA ALA A 20 -0.44 6.71 -11.52
C ALA A 20 0.70 7.62 -11.97
N ALA A 21 0.43 8.91 -12.04
CA ALA A 21 1.43 9.89 -12.46
C ALA A 21 1.80 10.82 -11.32
N GLU A 22 2.83 11.64 -11.53
CA GLU A 22 3.27 12.59 -10.52
C GLU A 22 2.17 13.57 -10.17
N GLY A 23 1.71 13.53 -8.92
CA GLY A 23 0.66 14.42 -8.49
C GLY A 23 -0.69 13.74 -8.38
N LYS A 24 -0.73 12.46 -8.75
CA LYS A 24 -1.96 11.68 -8.70
C LYS A 24 -2.07 10.90 -7.39
N GLU A 25 -3.20 10.24 -7.19
CA GLU A 25 -3.42 9.46 -5.98
C GLU A 25 -3.48 7.97 -6.30
N VAL A 26 -3.13 7.15 -5.31
CA VAL A 26 -3.13 5.70 -5.48
C VAL A 26 -3.70 5.01 -4.25
N LEU A 27 -4.78 4.25 -4.46
CA LEU A 27 -5.43 3.54 -3.36
C LEU A 27 -5.07 2.05 -3.39
N LEU A 28 -4.29 1.62 -2.41
CA LEU A 28 -3.87 0.22 -2.33
C LEU A 28 -4.94 -0.63 -1.65
N LEU A 29 -5.78 -1.27 -2.46
CA LEU A 29 -6.84 -2.12 -1.93
C LEU A 29 -6.28 -3.43 -1.38
N VAL A 30 -7.09 -4.12 -0.58
CA VAL A 30 -6.67 -5.39 0.01
C VAL A 30 -7.77 -6.44 -0.13
N HIS A 31 -7.40 -7.59 -0.69
CA HIS A 31 -8.35 -8.69 -0.88
C HIS A 31 -8.01 -9.86 0.03
N ASN A 32 -9.00 -10.73 0.25
CA ASN A 32 -8.81 -11.90 1.11
C ASN A 32 -8.46 -11.47 2.54
N LEU A 33 -8.91 -10.28 2.92
CA LEU A 33 -8.64 -9.76 4.26
C LEU A 33 -8.98 -10.81 5.32
N PRO A 34 -8.43 -10.63 6.52
CA PRO A 34 -8.66 -11.53 7.65
C PRO A 34 -10.07 -11.45 8.19
N GLN A 35 -10.35 -12.21 9.25
CA GLN A 35 -11.67 -12.22 9.86
C GLN A 35 -11.87 -11.01 10.76
N ASP A 36 -10.96 -10.83 11.71
CA ASP A 36 -11.03 -9.70 12.64
C ASP A 36 -9.67 -9.04 12.78
N PRO A 37 -9.35 -8.13 11.85
CA PRO A 37 -8.08 -7.39 11.86
C PRO A 37 -7.99 -6.39 13.00
N ARG A 38 -7.53 -6.86 14.15
CA ARG A 38 -7.39 -6.01 15.33
C ARG A 38 -6.95 -4.61 14.92
N GLY A 39 -6.17 -4.52 13.85
CA GLY A 39 -5.69 -3.23 13.38
C GLY A 39 -4.78 -3.35 12.18
N TYR A 40 -4.68 -2.28 11.40
CA TYR A 40 -3.84 -2.28 10.21
C TYR A 40 -2.57 -1.47 10.45
N ASN A 41 -1.50 -1.85 9.76
CA ASN A 41 -0.22 -1.17 9.89
C ASN A 41 0.57 -1.22 8.58
N TRP A 42 0.82 -0.05 8.00
CA TRP A 42 1.56 0.04 6.75
C TRP A 42 3.03 0.35 7.00
N TYR A 43 3.87 0.03 6.03
CA TYR A 43 5.31 0.28 6.16
C TYR A 43 5.91 0.70 4.82
N LYS A 44 7.06 1.34 4.87
CA LYS A 44 7.74 1.80 3.67
C LYS A 44 8.88 0.85 3.30
N GLY A 45 8.59 -0.11 2.42
CA GLY A 45 9.60 -1.07 2.00
C GLY A 45 9.09 -2.49 2.03
N GLU A 46 10.02 -3.45 2.06
CA GLU A 46 9.66 -4.87 2.08
C GLU A 46 10.08 -5.51 3.39
N THR A 47 9.79 -4.83 4.51
CA THR A 47 10.14 -5.33 5.83
C THR A 47 9.24 -4.73 6.90
N VAL A 48 8.95 -5.51 7.93
CA VAL A 48 8.11 -5.05 9.03
C VAL A 48 8.91 -4.25 10.04
N ASP A 49 9.58 -3.20 9.56
CA ASP A 49 10.39 -2.37 10.44
C ASP A 49 9.54 -1.30 11.12
N ALA A 50 10.03 -0.79 12.25
CA ALA A 50 9.31 0.23 12.99
C ALA A 50 9.90 1.61 12.77
N ASN A 51 11.05 1.64 12.10
CA ASN A 51 11.74 2.90 11.81
C ASN A 51 11.21 3.52 10.51
N ARG A 52 10.70 2.67 9.63
CA ARG A 52 10.17 3.13 8.35
C ARG A 52 8.65 3.06 8.34
N ARG A 53 8.06 2.89 9.51
CA ARG A 53 6.61 2.81 9.63
C ARG A 53 5.95 4.08 9.12
N ILE A 54 4.91 3.91 8.30
CA ILE A 54 4.19 5.05 7.75
C ILE A 54 3.05 5.48 8.67
N ILE A 55 2.14 4.56 8.95
CA ILE A 55 1.01 4.84 9.83
C ILE A 55 0.30 3.55 10.25
N GLY A 56 -0.18 3.54 11.48
CA GLY A 56 -0.87 2.37 12.00
C GLY A 56 -2.19 2.72 12.67
N TYR A 57 -3.24 1.99 12.32
CA TYR A 57 -4.56 2.22 12.90
C TYR A 57 -5.05 0.99 13.64
N VAL A 58 -5.77 1.23 14.74
CA VAL A 58 -6.31 0.14 15.55
C VAL A 58 -7.83 0.22 15.65
N ILE A 59 -8.51 -0.75 15.06
CA ILE A 59 -9.98 -0.78 15.09
C ILE A 59 -10.49 -0.92 16.52
N SER A 60 -9.80 -1.73 17.32
CA SER A 60 -10.19 -1.96 18.71
C SER A 60 -10.77 -0.68 19.32
N ASN A 61 -9.95 0.36 19.40
CA ASN A 61 -10.38 1.64 19.96
C ASN A 61 -10.30 2.74 18.92
N GLN A 62 -10.07 2.37 17.67
CA GLN A 62 -9.96 3.33 16.58
C GLN A 62 -8.86 4.35 16.86
N GLN A 63 -7.66 3.84 17.13
CA GLN A 63 -6.52 4.71 17.41
C GLN A 63 -5.59 4.79 16.20
N ILE A 64 -4.94 5.94 16.03
CA ILE A 64 -4.03 6.15 14.92
C ILE A 64 -2.69 6.70 15.40
N THR A 65 -1.60 6.11 14.92
CA THR A 65 -0.27 6.54 15.30
C THR A 65 0.62 6.70 14.07
N PRO A 66 0.77 7.96 13.60
CA PRO A 66 1.59 8.28 12.44
C PRO A 66 3.09 8.11 12.72
N GLY A 67 3.73 7.25 11.94
CA GLY A 67 5.17 7.02 12.12
C GLY A 67 6.01 8.17 11.60
N PRO A 68 7.33 7.98 11.62
CA PRO A 68 8.28 9.00 11.15
C PRO A 68 8.23 9.19 9.64
N ALA A 69 7.78 8.16 8.93
CA ALA A 69 7.68 8.22 7.47
C ALA A 69 6.31 8.74 7.05
N TYR A 70 5.65 9.48 7.93
CA TYR A 70 4.34 10.03 7.64
C TYR A 70 4.43 11.53 7.32
N SER A 71 4.04 11.87 6.09
CA SER A 71 4.08 13.27 5.65
C SER A 71 2.68 13.87 5.64
N ASN A 72 1.75 13.20 6.31
CA ASN A 72 0.37 13.67 6.36
C ASN A 72 -0.27 13.69 4.99
N ARG A 73 0.15 12.76 4.13
CA ARG A 73 -0.37 12.67 2.77
C ARG A 73 -1.02 11.31 2.53
N GLU A 74 -0.85 10.40 3.49
CA GLU A 74 -1.43 9.06 3.38
C GLU A 74 -2.55 8.87 4.41
N THR A 75 -3.53 8.04 4.04
CA THR A 75 -4.66 7.76 4.92
C THR A 75 -5.06 6.29 4.86
N ILE A 76 -5.27 5.69 6.02
CA ILE A 76 -5.67 4.29 6.09
C ILE A 76 -7.15 4.12 5.79
N TYR A 77 -7.57 2.87 5.59
CA TYR A 77 -8.97 2.58 5.29
C TYR A 77 -9.48 1.45 6.16
N PRO A 78 -10.81 1.33 6.27
CA PRO A 78 -11.46 0.29 7.07
C PRO A 78 -11.31 -1.10 6.45
N ASN A 79 -10.58 -1.17 5.34
CA ASN A 79 -10.34 -2.44 4.66
C ASN A 79 -8.85 -2.73 4.55
N ALA A 80 -8.06 -2.08 5.40
CA ALA A 80 -6.62 -2.27 5.40
C ALA A 80 -5.98 -1.68 4.16
N SER A 81 -6.64 -0.67 3.58
CA SER A 81 -6.14 -0.01 2.39
C SER A 81 -5.56 1.36 2.71
N LEU A 82 -4.51 1.74 1.99
CA LEU A 82 -3.86 3.03 2.21
C LEU A 82 -3.97 3.90 0.96
N LEU A 83 -4.47 5.12 1.14
CA LEU A 83 -4.62 6.05 0.03
C LEU A 83 -3.44 7.02 -0.02
N MET A 84 -2.64 6.93 -1.08
CA MET A 84 -1.48 7.80 -1.25
C MET A 84 -1.82 8.98 -2.16
N ARG A 85 -1.92 10.16 -1.58
CA ARG A 85 -2.24 11.37 -2.34
C ARG A 85 -0.97 12.10 -2.76
N ASN A 86 -1.03 12.82 -3.87
CA ASN A 86 0.11 13.57 -4.38
C ASN A 86 1.35 12.67 -4.48
N VAL A 87 1.17 11.51 -5.12
CA VAL A 87 2.27 10.56 -5.29
C VAL A 87 3.35 11.15 -6.18
N THR A 88 4.60 10.71 -5.94
CA THR A 88 5.73 11.20 -6.72
C THR A 88 6.63 10.03 -7.15
N ARG A 89 7.49 10.30 -8.13
CA ARG A 89 8.40 9.28 -8.63
C ARG A 89 9.18 8.63 -7.49
N ASN A 90 9.32 9.36 -6.39
CA ASN A 90 10.04 8.85 -5.23
C ASN A 90 9.26 7.73 -4.55
N ASP A 91 7.98 7.95 -4.35
CA ASP A 91 7.12 6.94 -3.71
C ASP A 91 7.32 5.57 -4.35
N THR A 92 7.52 5.57 -5.67
CA THR A 92 7.74 4.32 -6.40
C THR A 92 8.76 3.44 -5.70
N GLY A 93 8.30 2.32 -5.14
CA GLY A 93 9.20 1.41 -4.46
C GLY A 93 8.47 0.18 -3.92
N SER A 94 8.27 0.15 -2.61
CA SER A 94 7.59 -0.98 -1.98
C SER A 94 6.87 -0.53 -0.72
N TYR A 95 5.72 -1.15 -0.46
CA TYR A 95 4.91 -0.82 0.71
C TYR A 95 4.34 -2.07 1.36
N THR A 96 4.87 -2.43 2.53
CA THR A 96 4.41 -3.61 3.24
C THR A 96 3.25 -3.27 4.18
N LEU A 97 2.16 -4.00 4.05
CA LEU A 97 0.99 -3.78 4.89
C LEU A 97 0.70 -4.99 5.77
N GLN A 98 0.88 -4.83 7.07
CA GLN A 98 0.65 -5.92 8.02
C GLN A 98 -0.69 -5.74 8.73
N VAL A 99 -1.42 -6.83 8.89
CA VAL A 99 -2.71 -6.80 9.56
C VAL A 99 -2.72 -7.66 10.81
N ILE A 100 -3.03 -7.04 11.94
CA ILE A 100 -3.06 -7.76 13.22
C ILE A 100 -4.45 -8.31 13.49
N LYS A 101 -4.50 -9.48 14.12
CA LYS A 101 -5.77 -10.13 14.45
C LYS A 101 -5.97 -10.19 15.97
N LEU A 102 -7.24 -10.27 16.38
CA LEU A 102 -7.58 -10.34 17.79
C LEU A 102 -6.84 -11.49 18.48
N ASN A 103 -6.28 -12.39 17.67
CA ASN A 103 -5.55 -13.53 18.20
C ASN A 103 -4.08 -13.19 18.42
N LEU A 104 -3.81 -11.93 18.70
CA LEU A 104 -2.44 -11.47 18.92
C LEU A 104 -1.52 -11.90 17.79
N MET A 105 -2.09 -12.04 16.59
CA MET A 105 -1.33 -12.44 15.43
C MET A 105 -1.14 -11.27 14.46
N SER A 106 -0.40 -11.52 13.38
CA SER A 106 -0.15 -10.49 12.38
C SER A 106 0.07 -11.10 11.00
N GLU A 107 -0.43 -10.43 9.98
CA GLU A 107 -0.29 -10.90 8.61
C GLU A 107 0.70 -10.04 7.82
N GLU A 108 0.85 -10.35 6.54
CA GLU A 108 1.77 -9.60 5.68
C GLU A 108 1.31 -9.65 4.23
N VAL A 109 1.51 -8.55 3.52
CA VAL A 109 1.12 -8.47 2.11
C VAL A 109 1.83 -7.31 1.42
N THR A 110 2.74 -7.65 0.50
CA THR A 110 3.49 -6.65 -0.24
C THR A 110 2.63 -6.00 -1.32
N GLY A 111 2.20 -4.76 -1.07
CA GLY A 111 1.38 -4.06 -2.02
C GLY A 111 1.89 -2.66 -2.31
N GLN A 112 2.45 -2.47 -3.50
CA GLN A 112 2.98 -1.18 -3.89
C GLN A 112 2.49 -0.79 -5.29
N PHE A 113 2.94 0.37 -5.77
CA PHE A 113 2.56 0.85 -7.08
C PHE A 113 3.75 1.49 -7.81
N SER A 114 3.51 1.97 -9.02
CA SER A 114 4.55 2.59 -9.82
C SER A 114 4.07 3.90 -10.44
N VAL A 115 4.85 4.95 -10.28
CA VAL A 115 4.50 6.25 -10.83
C VAL A 115 5.31 6.56 -12.09
N HIS A 116 4.65 7.18 -13.07
CA HIS A 116 5.31 7.53 -14.33
C HIS A 116 5.07 8.99 -14.69
N PRO A 117 6.15 9.73 -14.90
CA PRO A 117 6.08 11.15 -15.26
C PRO A 117 5.52 11.38 -16.66
N GLU A 118 4.67 12.39 -16.80
CA GLU A 118 4.07 12.72 -18.09
C GLU A 118 5.14 13.15 -19.09
N THR A 119 5.82 12.17 -19.69
CA THR A 119 6.86 12.46 -20.67
C THR A 119 6.88 11.40 -21.77
N PRO A 120 7.18 11.83 -23.00
CA PRO A 120 7.24 10.94 -24.16
C PRO A 120 8.45 10.01 -24.09
N LYS A 121 8.29 8.80 -24.64
CA LYS A 121 9.36 7.82 -24.65
C LYS A 121 9.34 7.00 -25.94
N PRO A 122 10.54 6.72 -26.46
CA PRO A 122 10.68 5.93 -27.70
C PRO A 122 10.29 4.47 -27.52
N SER A 123 10.59 3.65 -28.52
CA SER A 123 10.27 2.23 -28.48
C SER A 123 11.43 1.39 -29.00
N ILE A 124 11.85 0.41 -28.21
CA ILE A 124 12.95 -0.47 -28.61
C ILE A 124 12.48 -1.92 -28.72
N SER A 125 13.13 -2.68 -29.59
CA SER A 125 12.77 -4.08 -29.79
C SER A 125 13.68 -4.98 -28.96
N GLY A 126 13.06 -5.82 -28.13
CA GLY A 126 13.83 -6.73 -27.29
C GLY A 126 12.94 -7.59 -26.41
N PRO A 127 13.33 -8.86 -26.23
CA PRO A 127 12.57 -9.81 -25.42
C PRO A 127 12.64 -9.49 -23.93
N SER A 128 11.69 -8.68 -23.47
CA SER A 128 11.64 -8.29 -22.06
C SER A 128 11.37 -9.49 -21.16
N SER A 129 12.42 -10.03 -20.56
CA SER A 129 12.29 -11.19 -19.68
C SER A 129 11.25 -10.93 -18.60
N GLY A 130 11.39 -9.81 -17.90
CA GLY A 130 10.45 -9.48 -16.85
C GLY A 130 11.12 -8.84 -15.64
N GLY A 1 -16.58 -8.88 -19.33
CA GLY A 1 -15.17 -9.07 -19.65
C GLY A 1 -14.36 -9.53 -18.46
N SER A 2 -14.87 -10.51 -17.74
CA SER A 2 -14.19 -11.05 -16.57
C SER A 2 -13.12 -12.07 -16.98
N SER A 3 -11.95 -11.97 -16.37
CA SER A 3 -10.85 -12.88 -16.66
C SER A 3 -11.08 -14.24 -16.00
N GLY A 4 -11.13 -14.24 -14.68
CA GLY A 4 -11.34 -15.48 -13.95
C GLY A 4 -10.26 -15.73 -12.91
N SER A 5 -10.61 -16.47 -11.87
CA SER A 5 -9.66 -16.77 -10.79
C SER A 5 -10.08 -18.04 -10.04
N SER A 6 -9.13 -18.96 -9.86
CA SER A 6 -9.41 -20.20 -9.17
C SER A 6 -8.15 -20.73 -8.48
N GLY A 7 -8.23 -20.91 -7.17
CA GLY A 7 -7.10 -21.40 -6.41
C GLY A 7 -7.14 -20.98 -4.96
N THR A 8 -6.02 -21.17 -4.25
CA THR A 8 -5.94 -20.81 -2.84
C THR A 8 -6.06 -19.30 -2.66
N ALA A 9 -6.44 -18.89 -1.45
CA ALA A 9 -6.59 -17.47 -1.14
C ALA A 9 -5.49 -17.00 -0.20
N GLN A 10 -5.18 -15.70 -0.25
CA GLN A 10 -4.15 -15.13 0.60
C GLN A 10 -4.20 -13.60 0.57
N LEU A 11 -3.99 -12.98 1.72
CA LEU A 11 -4.02 -11.53 1.82
C LEU A 11 -3.11 -10.90 0.76
N THR A 12 -3.71 -10.07 -0.11
CA THR A 12 -2.96 -9.41 -1.15
C THR A 12 -3.35 -7.93 -1.26
N ILE A 13 -2.64 -7.20 -2.11
CA ILE A 13 -2.91 -5.78 -2.30
C ILE A 13 -2.88 -5.41 -3.78
N GLU A 14 -3.90 -4.67 -4.22
CA GLU A 14 -3.99 -4.25 -5.61
C GLU A 14 -4.06 -2.74 -5.72
N ALA A 15 -3.02 -2.14 -6.29
CA ALA A 15 -2.97 -0.69 -6.46
C ALA A 15 -4.03 -0.20 -7.43
N VAL A 16 -4.74 0.86 -7.05
CA VAL A 16 -5.77 1.42 -7.89
C VAL A 16 -5.73 2.94 -7.89
N PRO A 17 -5.33 3.53 -9.03
CA PRO A 17 -4.96 2.78 -10.22
C PRO A 17 -3.64 2.02 -10.03
N SER A 18 -3.32 1.17 -11.01
CA SER A 18 -2.08 0.39 -10.95
C SER A 18 -0.87 1.25 -11.28
N ASN A 19 -1.10 2.34 -12.01
CA ASN A 19 -0.02 3.25 -12.39
C ASN A 19 -0.55 4.67 -12.52
N ALA A 20 -0.22 5.51 -11.54
CA ALA A 20 -0.65 6.91 -11.56
C ALA A 20 0.48 7.82 -12.00
N ALA A 21 0.18 9.11 -12.09
CA ALA A 21 1.17 10.10 -12.50
C ALA A 21 1.48 11.08 -11.38
N GLU A 22 2.68 11.66 -11.41
CA GLU A 22 3.09 12.61 -10.40
C GLU A 22 1.96 13.57 -10.06
N GLY A 23 1.73 13.76 -8.76
CA GLY A 23 0.67 14.64 -8.30
C GLY A 23 -0.66 13.93 -8.13
N LYS A 24 -0.75 12.72 -8.70
CA LYS A 24 -1.97 11.93 -8.59
C LYS A 24 -2.00 11.13 -7.30
N GLU A 25 -3.06 10.35 -7.11
CA GLU A 25 -3.20 9.53 -5.91
C GLU A 25 -3.36 8.06 -6.27
N VAL A 26 -2.95 7.19 -5.36
CA VAL A 26 -3.06 5.75 -5.57
C VAL A 26 -3.69 5.06 -4.37
N LEU A 27 -4.79 4.37 -4.60
CA LEU A 27 -5.50 3.65 -3.53
C LEU A 27 -5.14 2.17 -3.54
N LEU A 28 -4.37 1.75 -2.53
CA LEU A 28 -3.96 0.35 -2.43
C LEU A 28 -5.03 -0.47 -1.73
N LEU A 29 -5.85 -1.15 -2.53
CA LEU A 29 -6.92 -1.99 -1.99
C LEU A 29 -6.37 -3.29 -1.45
N VAL A 30 -7.10 -3.91 -0.51
CA VAL A 30 -6.68 -5.16 0.09
C VAL A 30 -7.74 -6.24 -0.12
N HIS A 31 -7.29 -7.46 -0.38
CA HIS A 31 -8.19 -8.59 -0.58
C HIS A 31 -7.83 -9.75 0.33
N ASN A 32 -8.69 -10.77 0.35
CA ASN A 32 -8.46 -11.95 1.19
C ASN A 32 -8.18 -11.54 2.63
N LEU A 33 -8.72 -10.40 3.04
CA LEU A 33 -8.52 -9.90 4.39
C LEU A 33 -8.94 -10.94 5.43
N PRO A 34 -8.47 -10.78 6.67
CA PRO A 34 -8.78 -11.69 7.77
C PRO A 34 -10.24 -11.59 8.21
N GLN A 35 -10.58 -12.31 9.27
CA GLN A 35 -11.95 -12.31 9.79
C GLN A 35 -12.15 -11.16 10.78
N ASP A 36 -11.31 -11.12 11.81
CA ASP A 36 -11.39 -10.09 12.83
C ASP A 36 -10.04 -9.39 13.00
N PRO A 37 -9.76 -8.41 12.13
CA PRO A 37 -8.51 -7.66 12.16
C PRO A 37 -8.43 -6.73 13.37
N ARG A 38 -7.36 -6.86 14.14
CA ARG A 38 -7.16 -6.03 15.33
C ARG A 38 -6.75 -4.62 14.94
N GLY A 39 -5.96 -4.50 13.88
CA GLY A 39 -5.50 -3.21 13.41
C GLY A 39 -4.63 -3.30 12.20
N TYR A 40 -4.47 -2.18 11.49
CA TYR A 40 -3.65 -2.15 10.29
C TYR A 40 -2.34 -1.42 10.54
N ASN A 41 -1.32 -1.73 9.74
CA ASN A 41 -0.02 -1.10 9.87
C ASN A 41 0.74 -1.14 8.57
N TRP A 42 1.01 0.04 8.01
CA TRP A 42 1.74 0.15 6.75
C TRP A 42 3.20 0.50 6.99
N TYR A 43 4.04 0.23 5.99
CA TYR A 43 5.47 0.52 6.10
C TYR A 43 6.06 0.86 4.73
N LYS A 44 7.20 1.55 4.74
CA LYS A 44 7.86 1.93 3.50
C LYS A 44 9.00 0.97 3.18
N GLY A 45 8.81 0.17 2.12
CA GLY A 45 9.84 -0.78 1.73
C GLY A 45 9.36 -2.21 1.83
N GLU A 46 10.27 -3.13 2.17
CA GLU A 46 9.94 -4.54 2.29
C GLU A 46 10.24 -5.04 3.70
N THR A 47 10.00 -4.20 4.69
CA THR A 47 10.25 -4.56 6.08
C THR A 47 9.17 -3.99 7.00
N VAL A 48 8.72 -4.80 7.95
CA VAL A 48 7.68 -4.38 8.89
C VAL A 48 8.31 -3.90 10.20
N ASP A 49 9.19 -2.91 10.11
CA ASP A 49 9.85 -2.36 11.28
C ASP A 49 9.30 -0.98 11.61
N ALA A 50 9.16 -0.70 12.90
CA ALA A 50 8.65 0.59 13.35
C ALA A 50 9.39 1.74 12.68
N ASN A 51 10.69 1.56 12.47
CA ASN A 51 11.52 2.58 11.83
C ASN A 51 10.95 2.95 10.46
N ARG A 52 10.50 1.94 9.72
CA ARG A 52 9.95 2.16 8.39
C ARG A 52 8.42 2.06 8.41
N ARG A 53 7.83 2.40 9.56
CA ARG A 53 6.39 2.35 9.72
C ARG A 53 5.76 3.69 9.33
N ILE A 54 4.99 3.67 8.24
CA ILE A 54 4.34 4.88 7.75
C ILE A 54 3.25 5.34 8.72
N ILE A 55 2.26 4.49 8.94
CA ILE A 55 1.16 4.80 9.85
C ILE A 55 0.46 3.54 10.32
N GLY A 56 0.10 3.52 11.60
CA GLY A 56 -0.58 2.36 12.16
C GLY A 56 -1.92 2.72 12.78
N TYR A 57 -2.98 2.08 12.30
CA TYR A 57 -4.33 2.34 12.81
C TYR A 57 -4.89 1.12 13.53
N VAL A 58 -5.73 1.36 14.52
CA VAL A 58 -6.34 0.27 15.28
C VAL A 58 -7.85 0.23 15.07
N ILE A 59 -8.39 -0.98 14.98
CA ILE A 59 -9.82 -1.16 14.79
C ILE A 59 -10.54 -1.40 16.11
N SER A 60 -9.76 -1.65 17.15
CA SER A 60 -10.32 -1.90 18.48
C SER A 60 -11.01 -0.66 19.02
N ASN A 61 -10.35 0.49 18.88
CA ASN A 61 -10.89 1.75 19.35
C ASN A 61 -10.78 2.84 18.28
N GLN A 62 -10.47 2.42 17.05
CA GLN A 62 -10.33 3.35 15.95
C GLN A 62 -9.27 4.40 16.25
N GLN A 63 -8.08 3.93 16.64
CA GLN A 63 -6.97 4.83 16.95
C GLN A 63 -6.00 4.94 15.78
N ILE A 64 -5.24 6.03 15.75
CA ILE A 64 -4.27 6.25 14.68
C ILE A 64 -2.92 6.68 15.24
N THR A 65 -1.86 6.04 14.78
CA THR A 65 -0.51 6.36 15.24
C THR A 65 0.45 6.48 14.06
N PRO A 66 0.69 7.72 13.60
CA PRO A 66 1.59 7.99 12.49
C PRO A 66 3.05 7.75 12.85
N GLY A 67 3.82 7.25 11.87
CA GLY A 67 5.22 6.98 12.11
C GLY A 67 6.13 8.03 11.50
N PRO A 68 7.43 7.71 11.42
CA PRO A 68 8.42 8.63 10.85
C PRO A 68 8.27 8.80 9.34
N ALA A 69 7.82 7.75 8.68
CA ALA A 69 7.62 7.78 7.23
C ALA A 69 6.26 8.37 6.88
N TYR A 70 5.78 9.28 7.72
CA TYR A 70 4.48 9.92 7.50
C TYR A 70 4.65 11.41 7.24
N SER A 71 4.07 11.89 6.14
CA SER A 71 4.16 13.30 5.78
C SER A 71 2.77 13.90 5.60
N ASN A 72 1.79 13.31 6.28
CA ASN A 72 0.41 13.79 6.20
C ASN A 72 -0.10 13.76 4.76
N ARG A 73 0.22 12.68 4.05
CA ARG A 73 -0.20 12.53 2.66
C ARG A 73 -0.95 11.22 2.46
N GLU A 74 -0.64 10.23 3.29
CA GLU A 74 -1.27 8.93 3.20
C GLU A 74 -2.48 8.84 4.13
N THR A 75 -3.44 8.00 3.78
CA THR A 75 -4.65 7.84 4.58
C THR A 75 -5.07 6.37 4.63
N ILE A 76 -5.09 5.80 5.83
CA ILE A 76 -5.48 4.41 6.01
C ILE A 76 -6.97 4.22 5.75
N TYR A 77 -7.40 2.97 5.74
CA TYR A 77 -8.81 2.65 5.50
C TYR A 77 -9.27 1.50 6.40
N PRO A 78 -10.59 1.39 6.58
CA PRO A 78 -11.19 0.34 7.42
C PRO A 78 -11.06 -1.04 6.80
N ASN A 79 -10.40 -1.11 5.65
CA ASN A 79 -10.20 -2.38 4.96
C ASN A 79 -8.71 -2.69 4.82
N ALA A 80 -7.88 -1.98 5.58
CA ALA A 80 -6.44 -2.19 5.54
C ALA A 80 -5.83 -1.61 4.28
N SER A 81 -6.49 -0.60 3.72
CA SER A 81 -6.02 0.05 2.50
C SER A 81 -5.39 1.40 2.81
N LEU A 82 -4.45 1.82 1.96
CA LEU A 82 -3.78 3.10 2.14
C LEU A 82 -3.89 3.96 0.88
N LEU A 83 -4.51 5.12 1.02
CA LEU A 83 -4.68 6.03 -0.11
C LEU A 83 -3.53 7.04 -0.16
N MET A 84 -2.69 6.91 -1.18
CA MET A 84 -1.56 7.81 -1.36
C MET A 84 -1.96 9.03 -2.18
N ARG A 85 -1.64 10.22 -1.68
CA ARG A 85 -1.96 11.46 -2.37
C ARG A 85 -0.70 12.20 -2.78
N ASN A 86 -0.76 12.88 -3.92
CA ASN A 86 0.39 13.63 -4.42
C ASN A 86 1.60 12.73 -4.59
N VAL A 87 1.41 11.60 -5.25
CA VAL A 87 2.49 10.64 -5.48
C VAL A 87 3.64 11.30 -6.22
N THR A 88 4.74 10.57 -6.36
CA THR A 88 5.92 11.07 -7.05
C THR A 88 6.75 9.93 -7.64
N ARG A 89 7.54 10.24 -8.66
CA ARG A 89 8.38 9.25 -9.31
C ARG A 89 9.26 8.52 -8.29
N ASN A 90 9.55 9.20 -7.19
CA ASN A 90 10.39 8.63 -6.14
C ASN A 90 9.61 7.59 -5.33
N ASP A 91 8.42 7.97 -4.88
CA ASP A 91 7.58 7.08 -4.09
C ASP A 91 7.72 5.63 -4.58
N THR A 92 7.78 5.46 -5.89
CA THR A 92 7.91 4.14 -6.48
C THR A 92 8.92 3.29 -5.72
N GLY A 93 8.52 2.07 -5.38
CA GLY A 93 9.40 1.18 -4.65
C GLY A 93 8.66 -0.02 -4.07
N SER A 94 8.41 0.02 -2.77
CA SER A 94 7.72 -1.08 -2.10
C SER A 94 7.01 -0.57 -0.84
N TYR A 95 5.83 -1.14 -0.57
CA TYR A 95 5.06 -0.75 0.60
C TYR A 95 4.47 -1.97 1.30
N THR A 96 5.05 -2.33 2.44
CA THR A 96 4.59 -3.49 3.20
C THR A 96 3.42 -3.12 4.10
N LEU A 97 2.41 -3.97 4.13
CA LEU A 97 1.23 -3.73 4.96
C LEU A 97 0.96 -4.92 5.88
N GLN A 98 1.20 -4.72 7.17
CA GLN A 98 0.97 -5.77 8.15
C GLN A 98 -0.40 -5.65 8.78
N VAL A 99 -1.10 -6.77 8.91
CA VAL A 99 -2.43 -6.79 9.50
C VAL A 99 -2.48 -7.66 10.75
N ILE A 100 -2.74 -7.03 11.89
CA ILE A 100 -2.80 -7.75 13.15
C ILE A 100 -4.21 -8.29 13.41
N LYS A 101 -4.28 -9.38 14.16
CA LYS A 101 -5.57 -10.00 14.48
C LYS A 101 -5.77 -10.07 15.99
N LEU A 102 -7.04 -10.10 16.41
CA LEU A 102 -7.37 -10.17 17.82
C LEU A 102 -6.66 -11.35 18.50
N ASN A 103 -6.17 -12.28 17.68
CA ASN A 103 -5.47 -13.45 18.20
C ASN A 103 -3.99 -13.15 18.39
N LEU A 104 -3.68 -11.90 18.71
CA LEU A 104 -2.30 -11.48 18.94
C LEU A 104 -1.41 -11.93 17.78
N MET A 105 -1.99 -12.04 16.60
CA MET A 105 -1.25 -12.46 15.41
C MET A 105 -1.13 -11.31 14.41
N SER A 106 -0.38 -11.55 13.34
CA SER A 106 -0.20 -10.54 12.30
C SER A 106 0.24 -11.17 10.98
N GLU A 107 -0.04 -10.49 9.88
CA GLU A 107 0.32 -11.00 8.56
C GLU A 107 1.29 -10.05 7.86
N GLU A 108 1.64 -10.37 6.62
CA GLU A 108 2.56 -9.55 5.84
C GLU A 108 2.20 -9.58 4.36
N VAL A 109 2.25 -8.42 3.71
CA VAL A 109 1.93 -8.32 2.30
C VAL A 109 2.55 -7.06 1.69
N THR A 110 3.41 -7.25 0.68
CA THR A 110 4.07 -6.14 0.01
C THR A 110 3.23 -5.64 -1.16
N GLY A 111 2.51 -4.56 -0.94
CA GLY A 111 1.68 -3.99 -1.99
C GLY A 111 2.05 -2.56 -2.31
N GLN A 112 2.62 -2.34 -3.49
CA GLN A 112 3.03 -1.01 -3.92
C GLN A 112 2.51 -0.71 -5.32
N PHE A 113 2.91 0.45 -5.85
CA PHE A 113 2.49 0.86 -7.18
C PHE A 113 3.63 1.52 -7.94
N SER A 114 3.34 2.04 -9.13
CA SER A 114 4.34 2.70 -9.95
C SER A 114 3.84 4.06 -10.43
N VAL A 115 4.71 5.06 -10.36
CA VAL A 115 4.36 6.40 -10.79
C VAL A 115 5.13 6.80 -12.04
N HIS A 116 4.42 7.40 -12.99
CA HIS A 116 5.05 7.84 -14.25
C HIS A 116 4.79 9.32 -14.49
N PRO A 117 5.81 10.02 -15.02
CA PRO A 117 5.73 11.45 -15.32
C PRO A 117 4.78 11.75 -16.48
N GLU A 118 3.49 11.87 -16.18
CA GLU A 118 2.50 12.15 -17.20
C GLU A 118 2.15 13.65 -17.23
N THR A 119 3.17 14.49 -17.04
CA THR A 119 2.97 15.93 -17.04
C THR A 119 4.24 16.66 -17.46
N PRO A 120 4.08 17.74 -18.22
CA PRO A 120 5.21 18.56 -18.70
C PRO A 120 5.88 19.33 -17.58
N LYS A 121 7.16 19.65 -17.77
CA LYS A 121 7.92 20.39 -16.78
C LYS A 121 8.23 21.80 -17.26
N PRO A 122 8.30 22.76 -16.33
CA PRO A 122 8.60 24.15 -16.65
C PRO A 122 10.03 24.36 -17.10
N SER A 123 10.24 24.29 -18.41
CA SER A 123 11.58 24.46 -18.98
C SER A 123 12.04 25.91 -18.85
N ILE A 124 12.89 26.16 -17.86
CA ILE A 124 13.41 27.50 -17.62
C ILE A 124 14.90 27.47 -17.29
N SER A 125 15.63 28.47 -17.76
CA SER A 125 17.06 28.55 -17.51
C SER A 125 17.38 29.65 -16.50
N GLY A 126 17.78 29.24 -15.30
CA GLY A 126 18.11 30.20 -14.26
C GLY A 126 19.58 30.16 -13.87
N PRO A 127 19.99 31.11 -13.02
CA PRO A 127 21.38 31.20 -12.56
C PRO A 127 21.76 30.06 -11.63
N SER A 128 20.76 29.33 -11.14
CA SER A 128 20.98 28.21 -10.24
C SER A 128 20.11 27.02 -10.62
N SER A 129 20.35 25.89 -9.97
CA SER A 129 19.59 24.67 -10.25
C SER A 129 19.16 24.01 -8.94
N GLY A 130 18.28 23.01 -9.07
CA GLY A 130 17.80 22.29 -7.89
C GLY A 130 16.48 22.83 -7.40
N GLY A 1 5.13 -10.33 -4.43
CA GLY A 1 5.74 -10.28 -5.75
C GLY A 1 4.74 -9.88 -6.83
N SER A 2 3.83 -10.77 -7.16
CA SER A 2 2.81 -10.50 -8.18
C SER A 2 1.45 -10.99 -7.73
N SER A 3 0.41 -10.21 -8.04
CA SER A 3 -0.95 -10.57 -7.67
C SER A 3 -1.24 -12.04 -7.98
N GLY A 4 -1.11 -12.41 -9.25
CA GLY A 4 -1.36 -13.78 -9.66
C GLY A 4 -2.77 -14.23 -9.37
N SER A 5 -3.16 -15.37 -9.94
CA SER A 5 -4.50 -15.90 -9.75
C SER A 5 -4.46 -17.38 -9.41
N SER A 6 -4.92 -17.73 -8.22
CA SER A 6 -4.94 -19.11 -7.78
C SER A 6 -6.15 -19.40 -6.90
N GLY A 7 -6.62 -20.64 -6.93
CA GLY A 7 -7.78 -21.02 -6.14
C GLY A 7 -7.59 -20.70 -4.66
N THR A 8 -6.44 -21.07 -4.12
CA THR A 8 -6.14 -20.82 -2.72
C THR A 8 -6.19 -19.33 -2.39
N ALA A 9 -6.85 -19.00 -1.29
CA ALA A 9 -6.98 -17.60 -0.87
C ALA A 9 -5.70 -17.12 -0.20
N GLN A 10 -5.34 -15.87 -0.47
CA GLN A 10 -4.13 -15.29 0.10
C GLN A 10 -4.25 -13.77 0.18
N LEU A 11 -3.79 -13.20 1.29
CA LEU A 11 -3.84 -11.76 1.49
C LEU A 11 -2.94 -11.03 0.49
N THR A 12 -3.57 -10.30 -0.42
CA THR A 12 -2.83 -9.56 -1.45
C THR A 12 -3.26 -8.10 -1.48
N ILE A 13 -2.55 -7.30 -2.27
CA ILE A 13 -2.86 -5.88 -2.39
C ILE A 13 -2.77 -5.42 -3.84
N GLU A 14 -3.81 -4.73 -4.31
CA GLU A 14 -3.85 -4.23 -5.67
C GLU A 14 -4.00 -2.72 -5.69
N ALA A 15 -3.03 -2.05 -6.32
CA ALA A 15 -3.06 -0.59 -6.41
C ALA A 15 -4.12 -0.12 -7.40
N VAL A 16 -4.82 0.95 -7.04
CA VAL A 16 -5.87 1.50 -7.90
C VAL A 16 -5.82 3.02 -7.90
N PRO A 17 -5.37 3.59 -9.03
CA PRO A 17 -4.94 2.82 -10.19
C PRO A 17 -3.63 2.07 -9.93
N SER A 18 -3.16 1.37 -10.95
CA SER A 18 -1.91 0.60 -10.84
C SER A 18 -0.72 1.44 -11.28
N ASN A 19 -0.97 2.41 -12.15
CA ASN A 19 0.09 3.28 -12.66
C ASN A 19 -0.35 4.74 -12.65
N ALA A 20 -0.17 5.41 -11.52
CA ALA A 20 -0.56 6.80 -11.40
C ALA A 20 0.60 7.73 -11.78
N ALA A 21 0.32 9.03 -11.84
CA ALA A 21 1.33 10.01 -12.20
C ALA A 21 1.55 11.00 -11.06
N GLU A 22 2.73 11.62 -11.03
CA GLU A 22 3.07 12.58 -10.00
C GLU A 22 1.91 13.54 -9.75
N GLY A 23 1.53 13.69 -8.48
CA GLY A 23 0.43 14.56 -8.13
C GLY A 23 -0.89 13.84 -8.03
N LYS A 24 -0.95 12.64 -8.60
CA LYS A 24 -2.16 11.84 -8.57
C LYS A 24 -2.28 11.05 -7.27
N GLU A 25 -3.36 10.31 -7.12
CA GLU A 25 -3.58 9.51 -5.92
C GLU A 25 -3.68 8.03 -6.26
N VAL A 26 -3.19 7.18 -5.35
CA VAL A 26 -3.23 5.74 -5.54
C VAL A 26 -3.82 5.03 -4.33
N LEU A 27 -4.85 4.22 -4.57
CA LEU A 27 -5.51 3.49 -3.49
C LEU A 27 -5.08 2.02 -3.50
N LEU A 28 -4.34 1.61 -2.48
CA LEU A 28 -3.87 0.24 -2.37
C LEU A 28 -4.92 -0.64 -1.70
N LEU A 29 -5.75 -1.28 -2.52
CA LEU A 29 -6.79 -2.16 -2.01
C LEU A 29 -6.22 -3.49 -1.53
N VAL A 30 -6.95 -4.16 -0.65
CA VAL A 30 -6.50 -5.45 -0.12
C VAL A 30 -7.55 -6.53 -0.34
N HIS A 31 -7.10 -7.76 -0.53
CA HIS A 31 -8.00 -8.88 -0.74
C HIS A 31 -7.68 -10.03 0.21
N ASN A 32 -8.66 -10.92 0.40
CA ASN A 32 -8.48 -12.07 1.29
C ASN A 32 -8.22 -11.60 2.72
N LEU A 33 -8.70 -10.41 3.05
CA LEU A 33 -8.51 -9.86 4.38
C LEU A 33 -8.95 -10.85 5.46
N PRO A 34 -8.49 -10.64 6.70
CA PRO A 34 -8.82 -11.51 7.82
C PRO A 34 -10.27 -11.38 8.24
N GLN A 35 -10.64 -12.09 9.31
CA GLN A 35 -12.01 -12.05 9.81
C GLN A 35 -12.21 -10.87 10.75
N ASP A 36 -11.37 -10.80 11.78
CA ASP A 36 -11.45 -9.71 12.75
C ASP A 36 -10.10 -9.03 12.93
N PRO A 37 -9.81 -8.04 12.08
CA PRO A 37 -8.54 -7.30 12.12
C PRO A 37 -8.45 -6.40 13.34
N ARG A 38 -7.44 -6.65 14.18
CA ARG A 38 -7.25 -5.87 15.39
C ARG A 38 -6.71 -4.48 15.05
N GLY A 39 -5.99 -4.38 13.95
CA GLY A 39 -5.44 -3.09 13.54
C GLY A 39 -4.51 -3.22 12.33
N TYR A 40 -4.53 -2.21 11.47
CA TYR A 40 -3.69 -2.22 10.28
C TYR A 40 -2.39 -1.45 10.53
N ASN A 41 -1.35 -1.78 9.76
CA ASN A 41 -0.06 -1.13 9.89
C ASN A 41 0.71 -1.16 8.57
N TRP A 42 0.94 0.01 8.00
CA TRP A 42 1.66 0.12 6.73
C TRP A 42 3.11 0.52 6.97
N TYR A 43 3.96 0.23 6.00
CA TYR A 43 5.38 0.56 6.10
C TYR A 43 5.96 0.91 4.73
N LYS A 44 7.14 1.51 4.73
CA LYS A 44 7.81 1.90 3.50
C LYS A 44 8.98 0.98 3.20
N GLY A 45 8.75 0.00 2.31
CA GLY A 45 9.80 -0.93 1.94
C GLY A 45 9.33 -2.37 2.01
N GLU A 46 10.27 -3.29 2.20
CA GLU A 46 9.96 -4.71 2.28
C GLU A 46 10.23 -5.25 3.68
N THR A 47 10.05 -4.40 4.69
CA THR A 47 10.28 -4.79 6.07
C THR A 47 9.31 -4.09 7.01
N VAL A 48 8.81 -4.82 8.00
CA VAL A 48 7.87 -4.26 8.98
C VAL A 48 8.60 -3.72 10.19
N ASP A 49 9.47 -2.74 9.96
CA ASP A 49 10.23 -2.12 11.05
C ASP A 49 9.62 -0.79 11.46
N ALA A 50 9.63 -0.51 12.76
CA ALA A 50 9.08 0.73 13.28
C ALA A 50 9.71 1.94 12.59
N ASN A 51 10.97 1.79 12.20
CA ASN A 51 11.68 2.88 11.54
C ASN A 51 11.05 3.20 10.18
N ARG A 52 10.51 2.18 9.53
CA ARG A 52 9.89 2.35 8.23
C ARG A 52 8.36 2.30 8.36
N ARG A 53 7.86 2.63 9.55
CA ARG A 53 6.43 2.62 9.79
C ARG A 53 5.78 3.91 9.28
N ILE A 54 4.97 3.78 8.24
CA ILE A 54 4.29 4.93 7.66
C ILE A 54 3.16 5.41 8.56
N ILE A 55 2.21 4.52 8.85
CA ILE A 55 1.08 4.86 9.70
C ILE A 55 0.39 3.59 10.22
N GLY A 56 -0.03 3.63 11.48
CA GLY A 56 -0.71 2.49 12.06
C GLY A 56 -2.03 2.85 12.68
N TYR A 57 -3.05 2.03 12.46
CA TYR A 57 -4.38 2.27 13.00
C TYR A 57 -4.89 1.05 13.76
N VAL A 58 -5.62 1.31 14.84
CA VAL A 58 -6.17 0.24 15.67
C VAL A 58 -7.69 0.28 15.69
N ILE A 59 -8.32 -0.68 15.02
CA ILE A 59 -9.77 -0.75 14.96
C ILE A 59 -10.37 -0.98 16.35
N SER A 60 -9.59 -1.61 17.22
CA SER A 60 -10.04 -1.91 18.58
C SER A 60 -10.17 -0.61 19.39
N ASN A 61 -9.15 0.23 19.31
CA ASN A 61 -9.15 1.50 20.04
C ASN A 61 -9.33 2.67 19.09
N GLN A 62 -9.74 2.37 17.86
CA GLN A 62 -9.94 3.41 16.85
C GLN A 62 -8.94 4.54 17.02
N GLN A 63 -7.67 4.18 17.20
CA GLN A 63 -6.61 5.16 17.37
C GLN A 63 -5.66 5.16 16.17
N ILE A 64 -5.08 6.31 15.89
CA ILE A 64 -4.15 6.44 14.78
C ILE A 64 -2.81 7.04 15.22
N THR A 65 -1.74 6.28 15.04
CA THR A 65 -0.41 6.73 15.43
C THR A 65 0.57 6.63 14.27
N PRO A 66 0.79 7.75 13.57
CA PRO A 66 1.71 7.81 12.43
C PRO A 66 3.17 7.66 12.85
N GLY A 67 4.01 7.21 11.92
CA GLY A 67 5.41 7.03 12.21
C GLY A 67 6.28 8.11 11.58
N PRO A 68 7.59 7.83 11.49
CA PRO A 68 8.55 8.77 10.90
C PRO A 68 8.37 8.93 9.39
N ALA A 69 7.91 7.85 8.74
CA ALA A 69 7.68 7.86 7.31
C ALA A 69 6.31 8.45 6.96
N TYR A 70 5.82 9.32 7.83
CA TYR A 70 4.52 9.95 7.63
C TYR A 70 4.67 11.43 7.31
N SER A 71 3.90 11.90 6.33
CA SER A 71 3.95 13.30 5.93
C SER A 71 2.55 13.89 5.80
N ASN A 72 1.58 13.19 6.38
CA ASN A 72 0.19 13.64 6.33
C ASN A 72 -0.36 13.58 4.91
N ARG A 73 0.02 12.53 4.18
CA ARG A 73 -0.43 12.36 2.80
C ARG A 73 -1.17 11.04 2.63
N GLU A 74 -0.80 10.05 3.44
CA GLU A 74 -1.42 8.73 3.39
C GLU A 74 -2.65 8.67 4.29
N THR A 75 -3.57 7.76 3.98
CA THR A 75 -4.78 7.61 4.76
C THR A 75 -5.24 6.15 4.78
N ILE A 76 -5.13 5.52 5.95
CA ILE A 76 -5.53 4.12 6.10
C ILE A 76 -7.02 3.95 5.83
N TYR A 77 -7.45 2.69 5.72
CA TYR A 77 -8.85 2.39 5.45
C TYR A 77 -9.33 1.24 6.35
N PRO A 78 -10.66 1.14 6.50
CA PRO A 78 -11.28 0.08 7.32
C PRO A 78 -11.14 -1.30 6.69
N ASN A 79 -10.45 -1.35 5.55
CA ASN A 79 -10.25 -2.62 4.84
C ASN A 79 -8.76 -2.93 4.70
N ALA A 80 -7.94 -2.22 5.47
CA ALA A 80 -6.50 -2.42 5.43
C ALA A 80 -5.89 -1.83 4.16
N SER A 81 -6.50 -0.76 3.66
CA SER A 81 -6.04 -0.10 2.44
C SER A 81 -5.47 1.28 2.75
N LEU A 82 -4.41 1.64 2.04
CA LEU A 82 -3.77 2.94 2.24
C LEU A 82 -3.89 3.80 0.99
N LEU A 83 -4.51 4.97 1.14
CA LEU A 83 -4.68 5.90 0.02
C LEU A 83 -3.54 6.90 -0.04
N MET A 84 -2.69 6.77 -1.06
CA MET A 84 -1.57 7.67 -1.23
C MET A 84 -1.95 8.87 -2.08
N ARG A 85 -1.86 10.06 -1.50
CA ARG A 85 -2.21 11.30 -2.20
C ARG A 85 -0.95 12.04 -2.64
N ASN A 86 -1.04 12.72 -3.78
CA ASN A 86 0.09 13.48 -4.31
C ASN A 86 1.31 12.58 -4.48
N VAL A 87 1.10 11.39 -5.03
CA VAL A 87 2.19 10.44 -5.24
C VAL A 87 3.34 11.09 -6.01
N THR A 88 4.54 10.55 -5.81
CA THR A 88 5.72 11.08 -6.48
C THR A 88 6.58 9.95 -7.03
N ARG A 89 7.51 10.30 -7.91
CA ARG A 89 8.40 9.32 -8.53
C ARG A 89 9.27 8.65 -7.46
N ASN A 90 9.39 9.29 -6.31
CA ASN A 90 10.20 8.75 -5.21
C ASN A 90 9.48 7.60 -4.52
N ASP A 91 8.17 7.77 -4.31
CA ASP A 91 7.37 6.73 -3.65
C ASP A 91 7.57 5.38 -4.31
N THR A 92 7.79 5.40 -5.63
CA THR A 92 7.99 4.17 -6.39
C THR A 92 9.01 3.26 -5.70
N GLY A 93 8.58 2.04 -5.37
CA GLY A 93 9.45 1.10 -4.71
C GLY A 93 8.71 -0.09 -4.15
N SER A 94 8.40 -0.03 -2.86
CA SER A 94 7.68 -1.12 -2.20
C SER A 94 6.96 -0.62 -0.95
N TYR A 95 5.83 -1.24 -0.63
CA TYR A 95 5.05 -0.85 0.53
C TYR A 95 4.46 -2.07 1.22
N THR A 96 4.98 -2.38 2.41
CA THR A 96 4.51 -3.53 3.18
C THR A 96 3.34 -3.15 4.08
N LEU A 97 2.32 -4.01 4.10
CA LEU A 97 1.14 -3.76 4.93
C LEU A 97 0.88 -4.94 5.86
N GLN A 98 1.13 -4.73 7.16
CA GLN A 98 0.92 -5.77 8.15
C GLN A 98 -0.35 -5.50 8.95
N VAL A 99 -1.26 -6.47 8.95
CA VAL A 99 -2.52 -6.33 9.68
C VAL A 99 -2.61 -7.35 10.80
N ILE A 100 -2.91 -6.88 12.01
CA ILE A 100 -3.03 -7.75 13.17
C ILE A 100 -4.46 -8.26 13.33
N LYS A 101 -4.61 -9.41 13.96
CA LYS A 101 -5.92 -10.00 14.19
C LYS A 101 -6.17 -10.24 15.68
N LEU A 102 -7.42 -10.08 16.09
CA LEU A 102 -7.79 -10.27 17.49
C LEU A 102 -7.24 -11.60 18.02
N ASN A 103 -6.87 -12.49 17.11
CA ASN A 103 -6.33 -13.79 17.49
C ASN A 103 -4.83 -13.70 17.77
N LEU A 104 -4.38 -12.49 18.12
CA LEU A 104 -2.97 -12.27 18.42
C LEU A 104 -2.09 -12.72 17.27
N MET A 105 -2.50 -12.37 16.05
CA MET A 105 -1.75 -12.74 14.85
C MET A 105 -1.50 -11.52 13.97
N SER A 106 -0.68 -11.70 12.94
CA SER A 106 -0.36 -10.61 12.02
C SER A 106 0.05 -11.15 10.65
N GLU A 107 -0.55 -10.61 9.60
CA GLU A 107 -0.25 -11.04 8.24
C GLU A 107 0.67 -10.05 7.54
N GLU A 108 1.36 -10.51 6.50
CA GLU A 108 2.28 -9.66 5.75
C GLU A 108 1.95 -9.68 4.27
N VAL A 109 2.01 -8.52 3.63
CA VAL A 109 1.72 -8.40 2.21
C VAL A 109 2.33 -7.13 1.63
N THR A 110 3.25 -7.28 0.68
CA THR A 110 3.90 -6.14 0.05
C THR A 110 3.06 -5.62 -1.12
N GLY A 111 2.35 -4.53 -0.88
CA GLY A 111 1.53 -3.93 -1.92
C GLY A 111 1.94 -2.53 -2.28
N GLN A 112 2.59 -2.37 -3.43
CA GLN A 112 3.05 -1.06 -3.87
C GLN A 112 2.54 -0.75 -5.27
N PHE A 113 2.95 0.40 -5.81
CA PHE A 113 2.53 0.82 -7.14
C PHE A 113 3.68 1.49 -7.88
N SER A 114 3.39 1.98 -9.09
CA SER A 114 4.40 2.65 -9.90
C SER A 114 3.91 4.02 -10.34
N VAL A 115 4.77 5.03 -10.22
CA VAL A 115 4.43 6.39 -10.61
C VAL A 115 5.28 6.86 -11.79
N HIS A 116 4.63 7.39 -12.81
CA HIS A 116 5.33 7.88 -14.00
C HIS A 116 5.18 9.39 -14.13
N PRO A 117 6.28 10.07 -14.48
CA PRO A 117 6.29 11.53 -14.65
C PRO A 117 5.50 11.97 -15.89
N GLU A 118 4.20 12.18 -15.71
CA GLU A 118 3.34 12.61 -16.80
C GLU A 118 4.02 13.69 -17.63
N THR A 119 4.54 13.30 -18.80
CA THR A 119 5.22 14.23 -19.68
C THR A 119 4.69 14.12 -21.11
N PRO A 120 4.69 15.25 -21.84
CA PRO A 120 4.22 15.31 -23.22
C PRO A 120 5.13 14.56 -24.18
N LYS A 121 4.54 13.92 -25.19
CA LYS A 121 5.31 13.17 -26.18
C LYS A 121 4.44 12.83 -27.39
N PRO A 122 4.84 13.33 -28.57
CA PRO A 122 4.12 13.08 -29.82
C PRO A 122 4.24 11.64 -30.27
N SER A 123 4.94 10.82 -29.50
CA SER A 123 5.13 9.42 -29.83
C SER A 123 4.49 8.52 -28.78
N ILE A 124 3.30 8.01 -29.10
CA ILE A 124 2.57 7.14 -28.19
C ILE A 124 3.13 5.72 -28.21
N SER A 125 3.50 5.26 -29.41
CA SER A 125 4.05 3.91 -29.58
C SER A 125 5.57 3.93 -29.40
N GLY A 126 6.01 3.70 -28.17
CA GLY A 126 7.44 3.68 -27.89
C GLY A 126 7.80 2.72 -26.77
N PRO A 127 8.86 3.05 -26.03
CA PRO A 127 9.34 2.23 -24.92
C PRO A 127 8.38 2.26 -23.72
N SER A 128 7.61 1.18 -23.57
CA SER A 128 6.65 1.09 -22.47
C SER A 128 7.23 0.26 -21.33
N SER A 129 7.66 -0.95 -21.63
CA SER A 129 8.23 -1.84 -20.63
C SER A 129 9.39 -1.16 -19.90
N GLY A 130 9.91 -0.10 -20.49
CA GLY A 130 11.01 0.62 -19.87
C GLY A 130 10.62 1.27 -18.55
N GLY A 1 -16.15 -10.51 -15.92
CA GLY A 1 -16.90 -11.69 -16.33
C GLY A 1 -16.01 -12.92 -16.42
N SER A 2 -15.76 -13.56 -15.28
CA SER A 2 -14.91 -14.75 -15.24
C SER A 2 -15.67 -15.92 -14.62
N SER A 3 -15.24 -17.13 -14.96
CA SER A 3 -15.88 -18.34 -14.43
C SER A 3 -14.92 -19.11 -13.55
N GLY A 4 -15.25 -19.19 -12.26
CA GLY A 4 -14.40 -19.91 -11.32
C GLY A 4 -14.13 -19.11 -10.06
N SER A 5 -13.36 -19.69 -9.14
CA SER A 5 -13.03 -19.03 -7.89
C SER A 5 -11.63 -19.41 -7.42
N SER A 6 -11.11 -18.65 -6.46
CA SER A 6 -9.78 -18.91 -5.93
C SER A 6 -9.85 -19.77 -4.67
N GLY A 7 -8.88 -20.67 -4.52
CA GLY A 7 -8.86 -21.54 -3.37
C GLY A 7 -8.16 -20.91 -2.18
N THR A 8 -6.95 -21.39 -1.88
CA THR A 8 -6.18 -20.86 -0.76
C THR A 8 -6.10 -19.35 -0.81
N ALA A 9 -6.67 -18.69 0.21
CA ALA A 9 -6.67 -17.25 0.28
C ALA A 9 -5.36 -16.73 0.88
N GLN A 10 -4.88 -15.61 0.35
CA GLN A 10 -3.64 -15.01 0.85
C GLN A 10 -3.68 -13.50 0.73
N LEU A 11 -3.43 -12.82 1.85
CA LEU A 11 -3.44 -11.36 1.88
C LEU A 11 -2.65 -10.78 0.71
N THR A 12 -3.34 -10.05 -0.16
CA THR A 12 -2.71 -9.44 -1.32
C THR A 12 -3.12 -7.99 -1.49
N ILE A 13 -2.39 -7.24 -2.30
CA ILE A 13 -2.69 -5.84 -2.53
C ILE A 13 -2.63 -5.51 -4.02
N GLU A 14 -3.62 -4.75 -4.49
CA GLU A 14 -3.68 -4.37 -5.90
C GLU A 14 -3.80 -2.85 -6.04
N ALA A 15 -2.69 -2.22 -6.44
CA ALA A 15 -2.67 -0.78 -6.61
C ALA A 15 -3.83 -0.31 -7.48
N VAL A 16 -4.53 0.72 -7.01
CA VAL A 16 -5.68 1.26 -7.74
C VAL A 16 -5.66 2.79 -7.73
N PRO A 17 -5.32 3.39 -8.88
CA PRO A 17 -4.98 2.64 -10.10
C PRO A 17 -3.65 1.92 -9.97
N SER A 18 -3.34 1.09 -10.96
CA SER A 18 -2.09 0.32 -10.96
C SER A 18 -0.90 1.23 -11.30
N ASN A 19 -1.19 2.32 -12.00
CA ASN A 19 -0.14 3.26 -12.40
C ASN A 19 -0.71 4.68 -12.52
N ALA A 20 -0.39 5.52 -11.54
CA ALA A 20 -0.86 6.90 -11.53
C ALA A 20 0.24 7.85 -11.98
N ALA A 21 -0.05 9.15 -11.94
CA ALA A 21 0.91 10.16 -12.33
C ALA A 21 1.19 11.14 -11.19
N GLU A 22 2.31 11.83 -11.26
CA GLU A 22 2.69 12.79 -10.23
C GLU A 22 1.50 13.67 -9.84
N GLY A 23 1.26 13.80 -8.54
CA GLY A 23 0.16 14.60 -8.06
C GLY A 23 -1.11 13.79 -7.89
N LYS A 24 -1.20 12.67 -8.59
CA LYS A 24 -2.37 11.81 -8.50
C LYS A 24 -2.39 11.04 -7.18
N GLU A 25 -3.40 10.20 -6.99
CA GLU A 25 -3.53 9.41 -5.77
C GLU A 25 -3.64 7.93 -6.10
N VAL A 26 -3.05 7.10 -5.24
CA VAL A 26 -3.08 5.65 -5.44
C VAL A 26 -3.66 4.94 -4.21
N LEU A 27 -4.77 4.26 -4.41
CA LEU A 27 -5.43 3.54 -3.32
C LEU A 27 -5.03 2.07 -3.33
N LEU A 28 -4.21 1.68 -2.35
CA LEU A 28 -3.75 0.30 -2.24
C LEU A 28 -4.81 -0.57 -1.58
N LEU A 29 -5.58 -1.28 -2.39
CA LEU A 29 -6.63 -2.15 -1.89
C LEU A 29 -6.05 -3.48 -1.40
N VAL A 30 -6.75 -4.13 -0.48
CA VAL A 30 -6.31 -5.41 0.06
C VAL A 30 -7.40 -6.46 -0.07
N HIS A 31 -7.02 -7.64 -0.57
CA HIS A 31 -7.97 -8.74 -0.75
C HIS A 31 -7.65 -9.88 0.21
N ASN A 32 -8.59 -10.82 0.35
CA ASN A 32 -8.41 -11.96 1.23
C ASN A 32 -8.13 -11.50 2.66
N LEU A 33 -8.58 -10.30 2.99
CA LEU A 33 -8.38 -9.74 4.33
C LEU A 33 -8.75 -10.77 5.40
N PRO A 34 -8.21 -10.56 6.61
CA PRO A 34 -8.48 -11.45 7.75
C PRO A 34 -9.91 -11.34 8.25
N GLN A 35 -10.22 -12.13 9.28
CA GLN A 35 -11.57 -12.12 9.86
C GLN A 35 -11.76 -10.91 10.75
N ASP A 36 -10.87 -10.75 11.73
CA ASP A 36 -10.95 -9.63 12.66
C ASP A 36 -9.60 -8.92 12.77
N PRO A 37 -9.35 -7.99 11.84
CA PRO A 37 -8.11 -7.22 11.81
C PRO A 37 -8.00 -6.23 12.97
N ARG A 38 -7.58 -6.73 14.12
CA ARG A 38 -7.43 -5.89 15.31
C ARG A 38 -6.96 -4.49 14.93
N GLY A 39 -6.16 -4.41 13.87
CA GLY A 39 -5.64 -3.12 13.42
C GLY A 39 -4.75 -3.25 12.21
N TYR A 40 -4.63 -2.16 11.45
CA TYR A 40 -3.79 -2.15 10.25
C TYR A 40 -2.51 -1.37 10.48
N ASN A 41 -1.44 -1.77 9.80
CA ASN A 41 -0.16 -1.11 9.94
C ASN A 41 0.62 -1.16 8.62
N TRP A 42 0.91 0.01 8.06
CA TRP A 42 1.65 0.09 6.81
C TRP A 42 3.12 0.41 7.06
N TYR A 43 3.97 0.10 6.09
CA TYR A 43 5.40 0.36 6.21
C TYR A 43 6.02 0.59 4.84
N LYS A 44 7.26 1.08 4.84
CA LYS A 44 7.98 1.35 3.60
C LYS A 44 9.07 0.32 3.37
N GLY A 45 9.01 -0.36 2.23
CA GLY A 45 10.01 -1.36 1.91
C GLY A 45 9.40 -2.69 1.49
N GLU A 46 10.14 -3.77 1.69
CA GLU A 46 9.66 -5.10 1.32
C GLU A 46 9.62 -6.02 2.53
N THR A 47 9.36 -5.44 3.70
CA THR A 47 9.30 -6.20 4.94
C THR A 47 8.84 -5.33 6.10
N VAL A 48 8.56 -5.96 7.23
CA VAL A 48 8.11 -5.24 8.42
C VAL A 48 9.21 -4.35 8.97
N ASP A 49 9.10 -3.05 8.73
CA ASP A 49 10.08 -2.09 9.20
C ASP A 49 9.45 -1.06 10.12
N ALA A 50 9.60 -1.26 11.42
CA ALA A 50 9.03 -0.34 12.41
C ALA A 50 9.66 1.04 12.29
N ASN A 51 10.89 1.09 11.81
CA ASN A 51 11.60 2.36 11.64
C ASN A 51 11.01 3.16 10.47
N ARG A 52 10.38 2.45 9.54
CA ARG A 52 9.78 3.09 8.38
C ARG A 52 8.25 3.03 8.45
N ARG A 53 7.73 2.90 9.65
CA ARG A 53 6.29 2.82 9.86
C ARG A 53 5.60 4.08 9.34
N ILE A 54 4.92 3.95 8.20
CA ILE A 54 4.21 5.07 7.60
C ILE A 54 3.06 5.54 8.48
N ILE A 55 2.23 4.60 8.90
CA ILE A 55 1.08 4.91 9.75
C ILE A 55 0.40 3.64 10.25
N GLY A 56 -0.06 3.68 11.49
CA GLY A 56 -0.73 2.53 12.08
C GLY A 56 -2.07 2.88 12.68
N TYR A 57 -3.08 2.08 12.39
CA TYR A 57 -4.42 2.30 12.91
C TYR A 57 -4.94 1.07 13.65
N VAL A 58 -5.69 1.31 14.72
CA VAL A 58 -6.25 0.22 15.52
C VAL A 58 -7.77 0.29 15.56
N ILE A 59 -8.41 -0.69 14.94
CA ILE A 59 -9.87 -0.75 14.90
C ILE A 59 -10.44 -0.96 16.29
N SER A 60 -9.73 -1.74 17.11
CA SER A 60 -10.17 -2.03 18.47
C SER A 60 -10.52 -0.75 19.22
N ASN A 61 -9.58 0.19 19.25
CA ASN A 61 -9.78 1.46 19.93
C ASN A 61 -9.80 2.62 18.92
N GLN A 62 -9.98 2.29 17.65
CA GLN A 62 -10.01 3.30 16.60
C GLN A 62 -8.96 4.38 16.84
N GLN A 63 -7.73 3.95 17.11
CA GLN A 63 -6.64 4.88 17.36
C GLN A 63 -5.71 4.98 16.15
N ILE A 64 -5.13 6.15 15.95
CA ILE A 64 -4.21 6.37 14.84
C ILE A 64 -2.91 7.00 15.31
N THR A 65 -1.81 6.28 15.10
CA THR A 65 -0.49 6.77 15.50
C THR A 65 0.51 6.66 14.37
N PRO A 66 0.75 7.79 13.67
CA PRO A 66 1.69 7.85 12.55
C PRO A 66 3.14 7.69 12.99
N GLY A 67 3.99 7.26 12.07
CA GLY A 67 5.40 7.08 12.39
C GLY A 67 6.29 8.11 11.73
N PRO A 68 7.59 7.83 11.68
CA PRO A 68 8.57 8.74 11.07
C PRO A 68 8.43 8.82 9.56
N ALA A 69 7.93 7.75 8.96
CA ALA A 69 7.74 7.69 7.51
C ALA A 69 6.40 8.32 7.12
N TYR A 70 5.93 9.25 7.92
CA TYR A 70 4.65 9.92 7.65
C TYR A 70 4.88 11.35 7.18
N SER A 71 4.12 11.77 6.17
CA SER A 71 4.23 13.12 5.64
C SER A 71 2.86 13.80 5.58
N ASN A 72 1.87 13.16 6.19
CA ASN A 72 0.51 13.70 6.20
C ASN A 72 -0.10 13.68 4.81
N ARG A 73 0.19 12.61 4.06
CA ARG A 73 -0.34 12.46 2.71
C ARG A 73 -1.07 11.13 2.55
N GLU A 74 -0.63 10.13 3.31
CA GLU A 74 -1.23 8.80 3.26
C GLU A 74 -2.40 8.70 4.23
N THR A 75 -3.40 7.90 3.87
CA THR A 75 -4.57 7.71 4.72
C THR A 75 -5.01 6.25 4.73
N ILE A 76 -5.16 5.70 5.93
CA ILE A 76 -5.58 4.31 6.08
C ILE A 76 -7.06 4.13 5.77
N TYR A 77 -7.49 2.90 5.60
CA TYR A 77 -8.89 2.60 5.30
C TYR A 77 -9.41 1.47 6.19
N PRO A 78 -10.74 1.37 6.29
CA PRO A 78 -11.39 0.34 7.10
C PRO A 78 -11.23 -1.05 6.51
N ASN A 79 -10.50 -1.14 5.41
CA ASN A 79 -10.27 -2.42 4.74
C ASN A 79 -8.78 -2.72 4.64
N ALA A 80 -7.98 -1.98 5.41
CA ALA A 80 -6.53 -2.17 5.41
C ALA A 80 -5.91 -1.59 4.15
N SER A 81 -6.55 -0.57 3.59
CA SER A 81 -6.06 0.07 2.38
C SER A 81 -5.48 1.45 2.69
N LEU A 82 -4.43 1.83 1.98
CA LEU A 82 -3.78 3.12 2.18
C LEU A 82 -3.86 3.97 0.92
N LEU A 83 -4.41 5.17 1.06
CA LEU A 83 -4.55 6.08 -0.07
C LEU A 83 -3.37 7.06 -0.13
N MET A 84 -2.50 6.87 -1.11
CA MET A 84 -1.33 7.73 -1.27
C MET A 84 -1.66 8.92 -2.16
N ARG A 85 -2.01 10.04 -1.52
CA ARG A 85 -2.35 11.25 -2.26
C ARG A 85 -1.09 12.00 -2.69
N ASN A 86 -1.25 12.92 -3.65
CA ASN A 86 -0.13 13.70 -4.15
C ASN A 86 1.11 12.83 -4.32
N VAL A 87 0.95 11.71 -5.01
CA VAL A 87 2.06 10.79 -5.25
C VAL A 87 3.17 11.46 -6.04
N THR A 88 4.26 10.73 -6.27
CA THR A 88 5.40 11.25 -7.01
C THR A 88 6.21 10.12 -7.64
N ARG A 89 6.75 10.38 -8.83
CA ARG A 89 7.54 9.39 -9.55
C ARG A 89 8.50 8.69 -8.60
N ASN A 90 8.86 9.37 -7.52
CA ASN A 90 9.78 8.82 -6.52
C ASN A 90 9.09 7.77 -5.67
N ASP A 91 7.89 8.09 -5.21
CA ASP A 91 7.12 7.16 -4.37
C ASP A 91 7.28 5.72 -4.87
N THR A 92 7.23 5.55 -6.19
CA THR A 92 7.37 4.23 -6.78
C THR A 92 8.44 3.41 -6.07
N GLY A 93 8.02 2.29 -5.48
CA GLY A 93 8.96 1.44 -4.77
C GLY A 93 8.29 0.21 -4.19
N SER A 94 8.12 0.20 -2.88
CA SER A 94 7.50 -0.92 -2.19
C SER A 94 6.89 -0.49 -0.87
N TYR A 95 5.82 -1.16 -0.46
CA TYR A 95 5.14 -0.84 0.79
C TYR A 95 4.51 -2.08 1.40
N THR A 96 4.94 -2.43 2.62
CA THR A 96 4.42 -3.60 3.31
C THR A 96 3.26 -3.22 4.21
N LEU A 97 2.19 -4.02 4.16
CA LEU A 97 1.01 -3.76 4.99
C LEU A 97 0.70 -4.97 5.87
N GLN A 98 0.91 -4.81 7.17
CA GLN A 98 0.66 -5.89 8.13
C GLN A 98 -0.68 -5.67 8.83
N VAL A 99 -1.43 -6.76 9.00
CA VAL A 99 -2.73 -6.70 9.66
C VAL A 99 -2.77 -7.60 10.88
N ILE A 100 -3.04 -7.01 12.04
CA ILE A 100 -3.10 -7.77 13.29
C ILE A 100 -4.51 -8.31 13.53
N LYS A 101 -4.59 -9.51 14.10
CA LYS A 101 -5.87 -10.14 14.38
C LYS A 101 -6.09 -10.26 15.89
N LEU A 102 -7.35 -10.16 16.30
CA LEU A 102 -7.70 -10.26 17.71
C LEU A 102 -7.00 -11.45 18.36
N ASN A 103 -6.58 -12.40 17.54
CA ASN A 103 -5.91 -13.60 18.02
C ASN A 103 -4.42 -13.33 18.23
N LEU A 104 -4.09 -12.11 18.61
CA LEU A 104 -2.70 -11.73 18.84
C LEU A 104 -1.80 -12.20 17.69
N MET A 105 -2.33 -12.10 16.47
CA MET A 105 -1.57 -12.51 15.29
C MET A 105 -1.29 -11.32 14.38
N SER A 106 -0.60 -11.57 13.27
CA SER A 106 -0.26 -10.52 12.32
C SER A 106 -0.05 -11.09 10.93
N GLU A 107 -0.58 -10.40 9.93
CA GLU A 107 -0.45 -10.83 8.54
C GLU A 107 0.61 -10.01 7.81
N GLU A 108 0.81 -10.33 6.54
CA GLU A 108 1.80 -9.62 5.73
C GLU A 108 1.39 -9.63 4.26
N VAL A 109 1.57 -8.49 3.59
CA VAL A 109 1.22 -8.36 2.18
C VAL A 109 2.03 -7.26 1.51
N THR A 110 2.85 -7.63 0.53
CA THR A 110 3.68 -6.68 -0.18
C THR A 110 2.92 -6.05 -1.33
N GLY A 111 2.41 -4.84 -1.12
CA GLY A 111 1.66 -4.14 -2.14
C GLY A 111 2.38 -2.90 -2.64
N GLN A 112 2.92 -2.96 -3.84
CA GLN A 112 3.64 -1.83 -4.42
C GLN A 112 2.85 -1.23 -5.59
N PHE A 113 3.46 -0.26 -6.26
CA PHE A 113 2.81 0.40 -7.39
C PHE A 113 3.82 1.21 -8.20
N SER A 114 3.32 1.92 -9.20
CA SER A 114 4.19 2.73 -10.05
C SER A 114 3.58 4.12 -10.29
N VAL A 115 4.43 5.12 -10.46
CA VAL A 115 3.99 6.49 -10.69
C VAL A 115 4.79 7.14 -11.81
N HIS A 116 4.08 7.59 -12.83
CA HIS A 116 4.72 8.25 -13.98
C HIS A 116 3.93 9.48 -14.41
N PRO A 117 4.63 10.61 -14.59
CA PRO A 117 4.01 11.87 -15.01
C PRO A 117 3.53 11.82 -16.45
N GLU A 118 2.21 11.82 -16.64
CA GLU A 118 1.63 11.78 -17.97
C GLU A 118 2.10 12.97 -18.81
N THR A 119 3.07 12.72 -19.69
CA THR A 119 3.60 13.76 -20.54
C THR A 119 3.60 13.33 -22.01
N PRO A 120 3.17 14.24 -22.89
CA PRO A 120 3.09 13.99 -24.34
C PRO A 120 4.48 13.87 -24.98
N LYS A 121 4.64 12.89 -25.84
CA LYS A 121 5.92 12.67 -26.52
C LYS A 121 5.71 11.99 -27.87
N PRO A 122 6.14 12.66 -28.94
CA PRO A 122 6.02 12.13 -30.31
C PRO A 122 6.93 10.94 -30.56
N SER A 123 8.05 10.89 -29.84
CA SER A 123 9.00 9.80 -29.99
C SER A 123 9.15 9.02 -28.69
N ILE A 124 10.06 8.06 -28.67
CA ILE A 124 10.29 7.24 -27.48
C ILE A 124 11.78 7.11 -27.20
N SER A 125 12.19 7.56 -26.01
CA SER A 125 13.59 7.49 -25.62
C SER A 125 13.90 6.15 -24.97
N GLY A 126 13.07 5.74 -24.02
CA GLY A 126 13.26 4.47 -23.34
C GLY A 126 13.66 4.66 -21.89
N PRO A 127 13.26 3.70 -21.03
CA PRO A 127 13.56 3.74 -19.60
C PRO A 127 15.05 3.52 -19.32
N SER A 128 15.80 3.24 -20.37
CA SER A 128 17.24 3.00 -20.22
C SER A 128 17.84 3.92 -19.18
N SER A 129 18.16 3.37 -18.01
CA SER A 129 18.75 4.15 -16.93
C SER A 129 19.92 3.39 -16.28
N GLY A 130 21.04 4.09 -16.10
CA GLY A 130 22.20 3.47 -15.49
C GLY A 130 23.47 4.23 -15.79
N GLY A 1 -17.87 -7.59 -8.68
CA GLY A 1 -16.68 -6.90 -8.22
C GLY A 1 -15.41 -7.73 -8.39
N SER A 2 -14.85 -8.18 -7.27
CA SER A 2 -13.64 -8.98 -7.29
C SER A 2 -13.98 -10.47 -7.43
N SER A 3 -13.65 -11.04 -8.59
CA SER A 3 -13.92 -12.44 -8.85
C SER A 3 -13.32 -13.33 -7.76
N GLY A 4 -12.00 -13.26 -7.61
CA GLY A 4 -11.34 -14.06 -6.60
C GLY A 4 -10.22 -14.92 -7.18
N SER A 5 -9.67 -15.80 -6.36
CA SER A 5 -8.60 -16.68 -6.79
C SER A 5 -8.93 -18.14 -6.48
N SER A 6 -8.91 -18.98 -7.51
CA SER A 6 -9.21 -20.39 -7.34
C SER A 6 -8.46 -20.98 -6.14
N GLY A 7 -7.14 -20.83 -6.15
CA GLY A 7 -6.33 -21.35 -5.06
C GLY A 7 -6.66 -20.68 -3.74
N THR A 8 -6.17 -21.27 -2.64
CA THR A 8 -6.41 -20.72 -1.31
C THR A 8 -6.18 -19.21 -1.29
N ALA A 9 -7.07 -18.49 -0.62
CA ALA A 9 -6.97 -17.04 -0.52
C ALA A 9 -5.69 -16.63 0.21
N GLN A 10 -5.24 -15.41 -0.03
CA GLN A 10 -4.03 -14.91 0.60
C GLN A 10 -3.98 -13.39 0.54
N LEU A 11 -3.70 -12.76 1.68
CA LEU A 11 -3.63 -11.31 1.77
C LEU A 11 -2.85 -10.74 0.59
N THR A 12 -3.53 -9.94 -0.23
CA THR A 12 -2.92 -9.33 -1.40
C THR A 12 -3.29 -7.86 -1.52
N ILE A 13 -2.70 -7.17 -2.48
CA ILE A 13 -2.97 -5.75 -2.70
C ILE A 13 -2.90 -5.40 -4.19
N GLU A 14 -3.88 -4.64 -4.65
CA GLU A 14 -3.93 -4.23 -6.05
C GLU A 14 -4.02 -2.71 -6.16
N ALA A 15 -2.92 -2.09 -6.57
CA ALA A 15 -2.87 -0.64 -6.72
C ALA A 15 -3.99 -0.15 -7.63
N VAL A 16 -4.69 0.89 -7.19
CA VAL A 16 -5.79 1.46 -7.97
C VAL A 16 -5.72 2.98 -7.98
N PRO A 17 -5.30 3.55 -9.12
CA PRO A 17 -4.93 2.76 -10.30
C PRO A 17 -3.62 2.00 -10.09
N SER A 18 -3.27 1.16 -11.06
CA SER A 18 -2.05 0.36 -10.98
C SER A 18 -0.82 1.21 -11.31
N ASN A 19 -1.04 2.30 -12.05
CA ASN A 19 0.05 3.19 -12.43
C ASN A 19 -0.46 4.61 -12.61
N ALA A 20 -0.15 5.47 -11.63
CA ALA A 20 -0.57 6.86 -11.67
C ALA A 20 0.60 7.78 -12.05
N ALA A 21 0.32 9.08 -12.13
CA ALA A 21 1.35 10.06 -12.48
C ALA A 21 1.60 11.01 -11.31
N GLU A 22 2.81 11.53 -11.23
CA GLU A 22 3.18 12.47 -10.17
C GLU A 22 2.04 13.43 -9.88
N GLY A 23 1.71 13.59 -8.60
CA GLY A 23 0.64 14.48 -8.21
C GLY A 23 -0.69 13.78 -8.10
N LYS A 24 -0.78 12.58 -8.69
CA LYS A 24 -2.01 11.80 -8.65
C LYS A 24 -2.11 11.01 -7.36
N GLU A 25 -3.24 10.34 -7.17
CA GLU A 25 -3.47 9.53 -5.97
C GLU A 25 -3.57 8.05 -6.31
N VAL A 26 -3.08 7.21 -5.41
CA VAL A 26 -3.11 5.77 -5.62
C VAL A 26 -3.72 5.06 -4.42
N LEU A 27 -4.78 4.30 -4.65
CA LEU A 27 -5.46 3.57 -3.59
C LEU A 27 -5.03 2.10 -3.59
N LEU A 28 -4.37 1.69 -2.51
CA LEU A 28 -3.91 0.31 -2.38
C LEU A 28 -4.97 -0.56 -1.71
N LEU A 29 -5.78 -1.22 -2.52
CA LEU A 29 -6.83 -2.10 -2.01
C LEU A 29 -6.25 -3.37 -1.40
N VAL A 30 -6.99 -3.99 -0.51
CA VAL A 30 -6.55 -5.22 0.13
C VAL A 30 -7.61 -6.31 0.05
N HIS A 31 -7.26 -7.43 -0.56
CA HIS A 31 -8.19 -8.55 -0.71
C HIS A 31 -7.81 -9.69 0.21
N ASN A 32 -8.56 -10.80 0.13
CA ASN A 32 -8.31 -11.96 0.96
C ASN A 32 -7.97 -11.54 2.39
N LEU A 33 -8.56 -10.44 2.83
CA LEU A 33 -8.32 -9.93 4.18
C LEU A 33 -8.64 -10.99 5.22
N PRO A 34 -8.09 -10.81 6.43
CA PRO A 34 -8.31 -11.74 7.55
C PRO A 34 -9.74 -11.71 8.07
N GLN A 35 -9.97 -12.40 9.18
CA GLN A 35 -11.30 -12.46 9.79
C GLN A 35 -11.53 -11.25 10.69
N ASP A 36 -10.64 -11.06 11.65
CA ASP A 36 -10.75 -9.94 12.59
C ASP A 36 -9.43 -9.19 12.69
N PRO A 37 -9.23 -8.22 11.77
CA PRO A 37 -8.01 -7.40 11.74
C PRO A 37 -7.92 -6.44 12.91
N ARG A 38 -7.50 -6.96 14.07
CA ARG A 38 -7.38 -6.14 15.27
C ARG A 38 -6.94 -4.72 14.92
N GLY A 39 -6.12 -4.60 13.89
CA GLY A 39 -5.65 -3.29 13.46
C GLY A 39 -4.74 -3.36 12.26
N TYR A 40 -4.66 -2.27 11.51
CA TYR A 40 -3.82 -2.21 10.32
C TYR A 40 -2.57 -1.37 10.57
N ASN A 41 -1.51 -1.68 9.83
CA ASN A 41 -0.25 -0.95 9.97
C ASN A 41 0.61 -1.09 8.71
N TRP A 42 0.80 0.02 8.02
CA TRP A 42 1.60 0.03 6.80
C TRP A 42 3.05 0.37 7.09
N TYR A 43 3.94 0.07 6.14
CA TYR A 43 5.36 0.34 6.30
C TYR A 43 6.02 0.60 4.96
N LYS A 44 7.26 1.06 4.99
CA LYS A 44 8.02 1.34 3.78
C LYS A 44 9.07 0.26 3.53
N GLY A 45 9.15 -0.21 2.29
CA GLY A 45 10.12 -1.24 1.94
C GLY A 45 9.46 -2.53 1.51
N GLU A 46 10.16 -3.64 1.69
CA GLU A 46 9.64 -4.94 1.30
C GLU A 46 9.55 -5.88 2.51
N THR A 47 9.41 -5.28 3.69
CA THR A 47 9.31 -6.06 4.93
C THR A 47 8.86 -5.18 6.09
N VAL A 48 8.55 -5.80 7.21
CA VAL A 48 8.11 -5.09 8.41
C VAL A 48 9.23 -4.22 8.97
N ASP A 49 9.13 -2.91 8.75
CA ASP A 49 10.14 -1.98 9.23
C ASP A 49 9.52 -0.95 10.18
N ALA A 50 9.68 -1.18 11.48
CA ALA A 50 9.14 -0.27 12.49
C ALA A 50 9.74 1.12 12.34
N ASN A 51 11.03 1.18 12.04
CA ASN A 51 11.72 2.45 11.89
C ASN A 51 11.17 3.23 10.70
N ARG A 52 10.61 2.50 9.74
CA ARG A 52 10.04 3.12 8.55
C ARG A 52 8.52 3.08 8.57
N ARG A 53 7.96 2.87 9.76
CA ARG A 53 6.52 2.80 9.93
C ARG A 53 5.85 4.07 9.40
N ILE A 54 5.05 3.91 8.36
CA ILE A 54 4.34 5.04 7.76
C ILE A 54 3.18 5.50 8.64
N ILE A 55 2.26 4.57 8.93
CA ILE A 55 1.11 4.88 9.76
C ILE A 55 0.44 3.60 10.26
N GLY A 56 -0.13 3.68 11.46
CA GLY A 56 -0.79 2.52 12.04
C GLY A 56 -2.15 2.87 12.63
N TYR A 57 -3.14 2.02 12.38
CA TYR A 57 -4.49 2.24 12.88
C TYR A 57 -4.98 1.02 13.65
N VAL A 58 -5.78 1.26 14.68
CA VAL A 58 -6.34 0.19 15.50
C VAL A 58 -7.85 0.27 15.57
N ILE A 59 -8.52 -0.76 15.05
CA ILE A 59 -9.98 -0.80 15.05
C ILE A 59 -10.52 -0.86 16.48
N SER A 60 -9.77 -1.52 17.36
CA SER A 60 -10.19 -1.66 18.76
C SER A 60 -10.85 -0.38 19.26
N ASN A 61 -10.09 0.70 19.30
CA ASN A 61 -10.61 1.99 19.76
C ASN A 61 -10.33 3.08 18.74
N GLN A 62 -10.09 2.68 17.50
CA GLN A 62 -9.80 3.63 16.43
C GLN A 62 -8.64 4.56 16.82
N GLN A 63 -7.52 3.96 17.20
CA GLN A 63 -6.35 4.74 17.58
C GLN A 63 -5.40 4.91 16.42
N ILE A 64 -5.15 6.16 16.04
CA ILE A 64 -4.25 6.47 14.94
C ILE A 64 -2.91 7.00 15.44
N THR A 65 -1.82 6.44 14.92
CA THR A 65 -0.49 6.86 15.32
C THR A 65 0.44 6.99 14.11
N PRO A 66 0.67 8.23 13.67
CA PRO A 66 1.54 8.51 12.52
C PRO A 66 3.00 8.23 12.81
N GLY A 67 3.59 7.30 12.06
CA GLY A 67 4.98 6.95 12.26
C GLY A 67 5.92 8.01 11.72
N PRO A 68 7.23 7.71 11.75
CA PRO A 68 8.26 8.63 11.27
C PRO A 68 8.23 8.80 9.75
N ALA A 69 7.70 7.80 9.07
CA ALA A 69 7.61 7.82 7.61
C ALA A 69 6.28 8.41 7.16
N TYR A 70 5.78 9.39 7.90
CA TYR A 70 4.51 10.03 7.58
C TYR A 70 4.71 11.50 7.21
N SER A 71 3.95 11.96 6.23
CA SER A 71 4.05 13.35 5.79
C SER A 71 2.66 13.97 5.64
N ASN A 72 1.68 13.37 6.30
CA ASN A 72 0.31 13.87 6.24
C ASN A 72 -0.23 13.81 4.83
N ARG A 73 -0.03 12.68 4.16
CA ARG A 73 -0.50 12.48 2.80
C ARG A 73 -1.22 11.14 2.65
N GLU A 74 -0.74 10.14 3.37
CA GLU A 74 -1.34 8.81 3.32
C GLU A 74 -2.49 8.70 4.31
N THR A 75 -3.52 7.93 3.92
CA THR A 75 -4.69 7.75 4.77
C THR A 75 -5.13 6.29 4.77
N ILE A 76 -5.24 5.70 5.96
CA ILE A 76 -5.65 4.32 6.09
C ILE A 76 -7.14 4.16 5.77
N TYR A 77 -7.59 2.91 5.68
CA TYR A 77 -8.99 2.62 5.38
C TYR A 77 -9.51 1.49 6.27
N PRO A 78 -10.84 1.40 6.37
CA PRO A 78 -11.50 0.37 7.17
C PRO A 78 -11.35 -1.02 6.57
N ASN A 79 -10.63 -1.11 5.46
CA ASN A 79 -10.40 -2.39 4.79
C ASN A 79 -8.91 -2.69 4.69
N ALA A 80 -8.12 -2.07 5.55
CA ALA A 80 -6.68 -2.27 5.55
C ALA A 80 -6.04 -1.69 4.30
N SER A 81 -6.70 -0.70 3.71
CA SER A 81 -6.19 -0.06 2.51
C SER A 81 -5.55 1.29 2.83
N LEU A 82 -4.64 1.73 1.97
CA LEU A 82 -3.95 3.00 2.17
C LEU A 82 -4.04 3.86 0.91
N LEU A 83 -4.60 5.06 1.06
CA LEU A 83 -4.74 5.98 -0.06
C LEU A 83 -3.58 6.97 -0.10
N MET A 84 -2.77 6.88 -1.15
CA MET A 84 -1.62 7.77 -1.32
C MET A 84 -1.98 8.97 -2.19
N ARG A 85 -1.74 10.17 -1.67
CA ARG A 85 -2.04 11.39 -2.40
C ARG A 85 -0.76 12.09 -2.83
N ASN A 86 -0.81 12.77 -3.97
CA ASN A 86 0.34 13.49 -4.50
C ASN A 86 1.55 12.57 -4.61
N VAL A 87 1.36 11.42 -5.27
CA VAL A 87 2.43 10.45 -5.44
C VAL A 87 3.61 11.07 -6.17
N THR A 88 4.77 10.44 -6.04
CA THR A 88 6.00 10.92 -6.68
C THR A 88 6.85 9.78 -7.20
N ARG A 89 7.65 10.07 -8.22
CA ARG A 89 8.52 9.05 -8.81
C ARG A 89 9.29 8.29 -7.73
N ASN A 90 9.69 9.01 -6.68
CA ASN A 90 10.43 8.40 -5.59
C ASN A 90 9.58 7.38 -4.85
N ASP A 91 8.34 7.75 -4.56
CA ASP A 91 7.42 6.87 -3.85
C ASP A 91 7.49 5.45 -4.41
N THR A 92 7.54 5.34 -5.74
CA THR A 92 7.62 4.04 -6.40
C THR A 92 8.68 3.16 -5.76
N GLY A 93 8.26 1.99 -5.28
CA GLY A 93 9.18 1.07 -4.66
C GLY A 93 8.49 -0.15 -4.08
N SER A 94 8.20 -0.11 -2.78
CA SER A 94 7.54 -1.21 -2.10
C SER A 94 6.93 -0.77 -0.78
N TYR A 95 5.74 -1.28 -0.47
CA TYR A 95 5.05 -0.92 0.76
C TYR A 95 4.47 -2.16 1.43
N THR A 96 4.99 -2.50 2.61
CA THR A 96 4.52 -3.66 3.34
C THR A 96 3.37 -3.29 4.27
N LEU A 97 2.31 -4.09 4.25
CA LEU A 97 1.14 -3.84 5.08
C LEU A 97 0.87 -5.04 6.00
N GLN A 98 1.06 -4.83 7.29
CA GLN A 98 0.84 -5.88 8.27
C GLN A 98 -0.50 -5.69 8.99
N VAL A 99 -1.25 -6.78 9.13
CA VAL A 99 -2.55 -6.73 9.79
C VAL A 99 -2.58 -7.65 11.00
N ILE A 100 -2.95 -7.08 12.15
CA ILE A 100 -3.02 -7.85 13.38
C ILE A 100 -4.40 -8.49 13.56
N LYS A 101 -4.42 -9.70 14.12
CA LYS A 101 -5.67 -10.41 14.35
C LYS A 101 -6.00 -10.48 15.84
N LEU A 102 -7.28 -10.40 16.17
CA LEU A 102 -7.71 -10.47 17.55
C LEU A 102 -7.10 -11.65 18.28
N ASN A 103 -6.61 -12.62 17.49
CA ASN A 103 -5.99 -13.81 18.06
C ASN A 103 -4.51 -13.58 18.33
N LEU A 104 -4.16 -12.34 18.64
CA LEU A 104 -2.77 -11.98 18.93
C LEU A 104 -1.84 -12.47 17.81
N MET A 105 -2.21 -12.16 16.57
CA MET A 105 -1.41 -12.57 15.41
C MET A 105 -1.23 -11.41 14.45
N SER A 106 -0.43 -11.62 13.40
CA SER A 106 -0.19 -10.60 12.41
C SER A 106 0.05 -11.22 11.03
N GLU A 107 -0.34 -10.50 9.98
CA GLU A 107 -0.18 -10.98 8.62
C GLU A 107 0.83 -10.13 7.85
N GLU A 108 1.03 -10.46 6.58
CA GLU A 108 1.97 -9.73 5.74
C GLU A 108 1.51 -9.73 4.28
N VAL A 109 1.63 -8.57 3.63
CA VAL A 109 1.23 -8.44 2.24
C VAL A 109 1.92 -7.24 1.58
N THR A 110 2.78 -7.53 0.60
CA THR A 110 3.51 -6.49 -0.10
C THR A 110 2.64 -5.85 -1.18
N GLY A 111 2.16 -4.63 -0.90
CA GLY A 111 1.32 -3.93 -1.86
C GLY A 111 1.86 -2.56 -2.20
N GLN A 112 2.31 -2.39 -3.43
CA GLN A 112 2.85 -1.10 -3.88
C GLN A 112 2.36 -0.76 -5.27
N PHE A 113 2.81 0.37 -5.80
CA PHE A 113 2.42 0.82 -7.12
C PHE A 113 3.59 1.47 -7.85
N SER A 114 3.36 1.88 -9.09
CA SER A 114 4.39 2.51 -9.90
C SER A 114 3.93 3.87 -10.43
N VAL A 115 4.82 4.86 -10.35
CA VAL A 115 4.50 6.20 -10.81
C VAL A 115 5.29 6.55 -12.06
N HIS A 116 4.66 7.31 -12.96
CA HIS A 116 5.32 7.71 -14.20
C HIS A 116 5.16 9.21 -14.43
N PRO A 117 6.29 9.89 -14.68
CA PRO A 117 6.30 11.34 -14.92
C PRO A 117 5.68 11.71 -16.26
N GLU A 118 4.45 12.22 -16.22
CA GLU A 118 3.75 12.62 -17.42
C GLU A 118 4.50 13.71 -18.17
N THR A 119 5.54 13.32 -18.89
CA THR A 119 6.36 14.27 -19.65
C THR A 119 7.31 13.54 -20.58
N PRO A 120 7.51 14.10 -21.79
CA PRO A 120 8.40 13.52 -22.80
C PRO A 120 9.87 13.64 -22.40
N LYS A 121 10.72 12.91 -23.11
CA LYS A 121 12.15 12.92 -22.83
C LYS A 121 12.86 13.98 -23.66
N PRO A 122 13.89 14.61 -23.08
CA PRO A 122 14.67 15.66 -23.75
C PRO A 122 15.52 15.11 -24.88
N SER A 123 15.83 15.97 -25.85
CA SER A 123 16.63 15.57 -27.00
C SER A 123 18.11 15.52 -26.64
N ILE A 124 18.70 14.33 -26.75
CA ILE A 124 20.11 14.13 -26.43
C ILE A 124 20.85 13.49 -27.60
N SER A 125 22.10 13.91 -27.80
CA SER A 125 22.92 13.38 -28.88
C SER A 125 23.77 12.22 -28.39
N GLY A 126 24.66 12.51 -27.44
CA GLY A 126 25.53 11.48 -26.90
C GLY A 126 24.79 10.50 -26.02
N PRO A 127 25.29 9.25 -25.94
CA PRO A 127 24.68 8.21 -25.12
C PRO A 127 24.84 8.46 -23.63
N SER A 128 25.77 9.34 -23.28
CA SER A 128 26.03 9.68 -21.88
C SER A 128 24.77 10.24 -21.22
N SER A 129 24.74 10.21 -19.89
CA SER A 129 23.59 10.70 -19.14
C SER A 129 23.94 12.01 -18.43
N GLY A 130 23.10 13.03 -18.65
CA GLY A 130 23.34 14.32 -18.03
C GLY A 130 24.66 14.93 -18.44
N GLY A 1 -3.79 -6.64 -13.04
CA GLY A 1 -3.93 -8.03 -13.43
C GLY A 1 -5.28 -8.33 -14.03
N SER A 2 -5.77 -9.55 -13.81
CA SER A 2 -7.06 -9.96 -14.34
C SER A 2 -7.73 -10.97 -13.40
N SER A 3 -9.06 -10.90 -13.33
CA SER A 3 -9.82 -11.79 -12.47
C SER A 3 -9.25 -13.21 -12.52
N GLY A 4 -8.69 -13.66 -11.39
CA GLY A 4 -8.11 -14.98 -11.32
C GLY A 4 -8.07 -15.52 -9.90
N SER A 5 -9.23 -15.93 -9.40
CA SER A 5 -9.33 -16.46 -8.04
C SER A 5 -9.94 -17.87 -8.06
N SER A 6 -9.08 -18.87 -7.94
CA SER A 6 -9.53 -20.26 -7.94
C SER A 6 -9.51 -20.84 -6.53
N GLY A 7 -10.53 -20.52 -5.75
CA GLY A 7 -10.62 -21.02 -4.38
C GLY A 7 -9.53 -20.45 -3.49
N THR A 8 -8.31 -20.95 -3.64
CA THR A 8 -7.19 -20.49 -2.84
C THR A 8 -7.29 -18.99 -2.56
N ALA A 9 -6.95 -18.59 -1.34
CA ALA A 9 -6.99 -17.19 -0.96
C ALA A 9 -5.81 -16.83 -0.07
N GLN A 10 -5.27 -15.64 -0.30
CA GLN A 10 -4.11 -15.17 0.48
C GLN A 10 -4.10 -13.64 0.54
N LEU A 11 -3.87 -13.10 1.73
CA LEU A 11 -3.82 -11.66 1.92
C LEU A 11 -2.94 -11.00 0.87
N THR A 12 -3.56 -10.22 0.00
CA THR A 12 -2.83 -9.54 -1.07
C THR A 12 -3.24 -8.07 -1.15
N ILE A 13 -2.66 -7.35 -2.11
CA ILE A 13 -2.97 -5.94 -2.30
C ILE A 13 -2.97 -5.56 -3.77
N GLU A 14 -3.74 -4.53 -4.12
CA GLU A 14 -3.82 -4.07 -5.50
C GLU A 14 -3.80 -2.55 -5.57
N ALA A 15 -3.07 -2.03 -6.55
CA ALA A 15 -2.96 -0.58 -6.74
C ALA A 15 -4.04 -0.06 -7.68
N VAL A 16 -4.82 0.92 -7.20
CA VAL A 16 -5.88 1.50 -8.01
C VAL A 16 -5.79 3.02 -8.03
N PRO A 17 -5.35 3.57 -9.16
CA PRO A 17 -4.97 2.79 -10.34
C PRO A 17 -3.69 2.00 -10.11
N SER A 18 -3.22 1.32 -11.15
CA SER A 18 -2.00 0.52 -11.07
C SER A 18 -0.76 1.38 -11.29
N ASN A 19 -0.95 2.49 -12.02
CA ASN A 19 0.15 3.40 -12.31
C ASN A 19 -0.36 4.83 -12.42
N ALA A 20 -0.05 5.65 -11.42
CA ALA A 20 -0.47 7.05 -11.41
C ALA A 20 0.68 7.97 -11.78
N ALA A 21 0.36 9.19 -12.17
CA ALA A 21 1.36 10.17 -12.56
C ALA A 21 1.71 11.08 -11.40
N GLU A 22 2.76 11.90 -11.58
CA GLU A 22 3.19 12.82 -10.53
C GLU A 22 2.08 13.79 -10.17
N GLY A 23 1.61 13.69 -8.93
CA GLY A 23 0.55 14.56 -8.46
C GLY A 23 -0.79 13.84 -8.35
N LYS A 24 -0.82 12.58 -8.77
CA LYS A 24 -2.03 11.79 -8.72
C LYS A 24 -2.12 11.00 -7.41
N GLU A 25 -3.21 10.26 -7.25
CA GLU A 25 -3.40 9.46 -6.04
C GLU A 25 -3.51 7.98 -6.38
N VAL A 26 -3.17 7.14 -5.42
CA VAL A 26 -3.23 5.69 -5.61
C VAL A 26 -3.83 4.99 -4.40
N LEU A 27 -4.92 4.26 -4.63
CA LEU A 27 -5.61 3.55 -3.55
C LEU A 27 -5.21 2.07 -3.55
N LEU A 28 -4.40 1.69 -2.57
CA LEU A 28 -3.95 0.30 -2.46
C LEU A 28 -4.99 -0.55 -1.73
N LEU A 29 -5.80 -1.27 -2.50
CA LEU A 29 -6.84 -2.12 -1.93
C LEU A 29 -6.23 -3.38 -1.33
N VAL A 30 -7.00 -4.04 -0.46
CA VAL A 30 -6.54 -5.26 0.19
C VAL A 30 -7.57 -6.37 0.06
N HIS A 31 -7.19 -7.46 -0.61
CA HIS A 31 -8.09 -8.60 -0.80
C HIS A 31 -7.70 -9.75 0.11
N ASN A 32 -8.57 -10.74 0.22
CA ASN A 32 -8.32 -11.91 1.06
C ASN A 32 -8.00 -11.49 2.49
N LEU A 33 -8.50 -10.31 2.88
CA LEU A 33 -8.26 -9.80 4.22
C LEU A 33 -8.62 -10.84 5.28
N PRO A 34 -8.09 -10.65 6.49
CA PRO A 34 -8.34 -11.56 7.62
C PRO A 34 -9.78 -11.49 8.11
N GLN A 35 -10.04 -12.14 9.24
CA GLN A 35 -11.37 -12.15 9.83
C GLN A 35 -11.58 -10.97 10.75
N ASP A 36 -10.69 -10.82 11.74
CA ASP A 36 -10.76 -9.72 12.69
C ASP A 36 -9.44 -8.96 12.75
N PRO A 37 -9.28 -7.99 11.85
CA PRO A 37 -8.06 -7.17 11.77
C PRO A 37 -7.93 -6.23 12.96
N ARG A 38 -7.47 -6.75 14.09
CA ARG A 38 -7.30 -5.96 15.29
C ARG A 38 -6.78 -4.56 14.95
N GLY A 39 -5.98 -4.47 13.89
CA GLY A 39 -5.44 -3.19 13.48
C GLY A 39 -4.51 -3.32 12.29
N TYR A 40 -4.42 -2.26 11.50
CA TYR A 40 -3.57 -2.24 10.32
C TYR A 40 -2.28 -1.46 10.57
N ASN A 41 -1.21 -1.86 9.89
CA ASN A 41 0.08 -1.19 10.04
C ASN A 41 0.84 -1.16 8.72
N TRP A 42 0.88 0.00 8.09
CA TRP A 42 1.58 0.15 6.82
C TRP A 42 3.03 0.55 7.04
N TYR A 43 3.91 0.11 6.14
CA TYR A 43 5.32 0.42 6.24
C TYR A 43 5.92 0.71 4.86
N LYS A 44 7.20 1.05 4.84
CA LYS A 44 7.89 1.35 3.59
C LYS A 44 9.01 0.34 3.33
N GLY A 45 9.11 -0.11 2.09
CA GLY A 45 10.14 -1.07 1.73
C GLY A 45 9.56 -2.40 1.26
N GLU A 46 10.32 -3.47 1.45
CA GLU A 46 9.88 -4.80 1.05
C GLU A 46 9.79 -5.74 2.25
N THR A 47 9.54 -5.17 3.42
CA THR A 47 9.44 -5.95 4.65
C THR A 47 8.98 -5.09 5.82
N VAL A 48 8.68 -5.73 6.94
CA VAL A 48 8.23 -5.02 8.13
C VAL A 48 9.34 -4.14 8.70
N ASP A 49 9.22 -2.84 8.50
CA ASP A 49 10.21 -1.88 9.00
C ASP A 49 9.58 -0.91 9.98
N ALA A 50 9.79 -1.17 11.28
CA ALA A 50 9.24 -0.31 12.32
C ALA A 50 9.85 1.08 12.26
N ASN A 51 11.04 1.18 11.67
CA ASN A 51 11.73 2.46 11.55
C ASN A 51 11.12 3.30 10.44
N ARG A 52 10.42 2.64 9.52
CA ARG A 52 9.78 3.34 8.41
C ARG A 52 8.26 3.25 8.51
N ARG A 53 7.77 2.94 9.70
CA ARG A 53 6.34 2.82 9.93
C ARG A 53 5.60 4.04 9.39
N ILE A 54 5.02 3.90 8.21
CA ILE A 54 4.28 4.99 7.58
C ILE A 54 3.13 5.46 8.48
N ILE A 55 2.27 4.52 8.86
CA ILE A 55 1.12 4.85 9.72
C ILE A 55 0.46 3.57 10.23
N GLY A 56 -0.02 3.63 11.47
CA GLY A 56 -0.68 2.49 12.07
C GLY A 56 -2.01 2.83 12.68
N TYR A 57 -3.04 2.06 12.34
CA TYR A 57 -4.38 2.29 12.86
C TYR A 57 -4.91 1.06 13.58
N VAL A 58 -5.57 1.27 14.72
CA VAL A 58 -6.13 0.17 15.49
C VAL A 58 -7.65 0.22 15.49
N ILE A 59 -8.28 -0.84 15.01
CA ILE A 59 -9.73 -0.92 14.95
C ILE A 59 -10.33 -1.13 16.34
N SER A 60 -9.67 -1.97 17.14
CA SER A 60 -10.13 -2.25 18.49
C SER A 60 -10.33 -0.96 19.29
N ASN A 61 -9.45 0.01 19.05
CA ASN A 61 -9.52 1.29 19.74
C ASN A 61 -9.68 2.44 18.74
N GLN A 62 -9.95 2.09 17.49
CA GLN A 62 -10.12 3.09 16.45
C GLN A 62 -9.16 4.26 16.65
N GLN A 63 -7.92 3.94 16.99
CA GLN A 63 -6.90 4.97 17.22
C GLN A 63 -5.89 4.99 16.07
N ILE A 64 -5.37 6.18 15.78
CA ILE A 64 -4.39 6.34 14.71
C ILE A 64 -3.07 6.88 15.25
N THR A 65 -1.99 6.15 14.99
CA THR A 65 -0.67 6.57 15.45
C THR A 65 0.35 6.54 14.31
N PRO A 66 0.60 7.72 13.72
CA PRO A 66 1.54 7.86 12.61
C PRO A 66 2.99 7.66 13.06
N GLY A 67 3.78 7.01 12.20
CA GLY A 67 5.17 6.76 12.52
C GLY A 67 6.10 7.83 11.95
N PRO A 68 7.40 7.54 11.93
CA PRO A 68 8.41 8.45 11.41
C PRO A 68 8.33 8.60 9.89
N ALA A 69 7.91 7.54 9.22
CA ALA A 69 7.79 7.55 7.76
C ALA A 69 6.45 8.15 7.34
N TYR A 70 5.96 9.11 8.12
CA TYR A 70 4.69 9.76 7.82
C TYR A 70 4.91 11.17 7.29
N SER A 71 4.14 11.54 6.27
CA SER A 71 4.25 12.86 5.66
C SER A 71 2.89 13.56 5.62
N ASN A 72 1.92 12.97 6.30
CA ASN A 72 0.56 13.53 6.34
C ASN A 72 -0.05 13.58 4.94
N ARG A 73 0.23 12.56 4.15
CA ARG A 73 -0.29 12.48 2.79
C ARG A 73 -1.04 11.17 2.56
N GLU A 74 -0.67 10.15 3.34
CA GLU A 74 -1.31 8.84 3.22
C GLU A 74 -2.46 8.70 4.21
N THR A 75 -3.48 7.96 3.82
CA THR A 75 -4.65 7.75 4.68
C THR A 75 -5.06 6.29 4.69
N ILE A 76 -5.18 5.72 5.89
CA ILE A 76 -5.58 4.33 6.04
C ILE A 76 -7.06 4.14 5.80
N TYR A 77 -7.49 2.89 5.67
CA TYR A 77 -8.90 2.57 5.43
C TYR A 77 -9.36 1.45 6.35
N PRO A 78 -10.69 1.33 6.51
CA PRO A 78 -11.29 0.30 7.37
C PRO A 78 -11.16 -1.10 6.76
N ASN A 79 -10.47 -1.18 5.62
CA ASN A 79 -10.27 -2.45 4.94
C ASN A 79 -8.78 -2.77 4.81
N ALA A 80 -7.97 -2.08 5.60
CA ALA A 80 -6.52 -2.27 5.57
C ALA A 80 -5.91 -1.70 4.31
N SER A 81 -6.58 -0.71 3.72
CA SER A 81 -6.10 -0.08 2.50
C SER A 81 -5.48 1.29 2.81
N LEU A 82 -4.58 1.73 1.94
CA LEU A 82 -3.92 3.02 2.10
C LEU A 82 -4.01 3.85 0.84
N LEU A 83 -4.52 5.07 0.97
CA LEU A 83 -4.67 5.97 -0.16
C LEU A 83 -3.52 6.98 -0.21
N MET A 84 -2.67 6.83 -1.22
CA MET A 84 -1.52 7.73 -1.38
C MET A 84 -1.89 8.93 -2.24
N ARG A 85 -1.65 10.13 -1.71
CA ARG A 85 -1.96 11.35 -2.44
C ARG A 85 -0.68 12.06 -2.88
N ASN A 86 -0.78 12.82 -3.97
CA ASN A 86 0.37 13.55 -4.50
C ASN A 86 1.55 12.61 -4.74
N VAL A 87 1.26 11.43 -5.27
CA VAL A 87 2.30 10.45 -5.54
C VAL A 87 3.41 11.03 -6.40
N THR A 88 4.61 10.49 -6.26
CA THR A 88 5.76 10.95 -7.03
C THR A 88 6.61 9.79 -7.53
N ARG A 89 7.50 10.08 -8.47
CA ARG A 89 8.36 9.05 -9.04
C ARG A 89 9.20 8.39 -7.95
N ASN A 90 9.39 9.09 -6.83
CA ASN A 90 10.17 8.57 -5.72
C ASN A 90 9.40 7.48 -4.99
N ASP A 91 8.13 7.74 -4.71
CA ASP A 91 7.29 6.78 -4.01
C ASP A 91 7.45 5.38 -4.60
N THR A 92 7.66 5.31 -5.91
CA THR A 92 7.83 4.04 -6.60
C THR A 92 8.85 3.17 -5.88
N GLY A 93 8.41 1.98 -5.46
CA GLY A 93 9.30 1.07 -4.77
C GLY A 93 8.57 -0.14 -4.21
N SER A 94 8.32 -0.13 -2.90
CA SER A 94 7.63 -1.23 -2.25
C SER A 94 6.99 -0.76 -0.95
N TYR A 95 5.83 -1.34 -0.62
CA TYR A 95 5.11 -0.99 0.58
C TYR A 95 4.50 -2.23 1.25
N THR A 96 4.97 -2.54 2.45
CA THR A 96 4.49 -3.69 3.18
C THR A 96 3.45 -3.29 4.22
N LEU A 97 2.33 -4.01 4.24
CA LEU A 97 1.26 -3.72 5.19
C LEU A 97 0.93 -4.95 6.04
N GLN A 98 1.14 -4.84 7.34
CA GLN A 98 0.87 -5.94 8.26
C GLN A 98 -0.39 -5.67 9.08
N VAL A 99 -1.30 -6.62 9.07
CA VAL A 99 -2.55 -6.49 9.82
C VAL A 99 -2.60 -7.48 10.98
N ILE A 100 -2.85 -6.94 12.18
CA ILE A 100 -2.93 -7.76 13.38
C ILE A 100 -4.33 -8.34 13.56
N LYS A 101 -4.39 -9.57 14.03
CA LYS A 101 -5.67 -10.25 14.26
C LYS A 101 -6.03 -10.26 15.74
N LEU A 102 -7.31 -10.29 16.03
CA LEU A 102 -7.78 -10.30 17.42
C LEU A 102 -7.21 -11.50 18.17
N ASN A 103 -6.71 -12.47 17.43
CA ASN A 103 -6.13 -13.67 18.03
C ASN A 103 -4.64 -13.47 18.31
N LEU A 104 -4.26 -12.23 18.59
CA LEU A 104 -2.86 -11.91 18.88
C LEU A 104 -1.95 -12.38 17.75
N MET A 105 -2.45 -12.30 16.52
CA MET A 105 -1.68 -12.71 15.35
C MET A 105 -1.45 -11.54 14.40
N SER A 106 -0.80 -11.81 13.28
CA SER A 106 -0.52 -10.78 12.29
C SER A 106 -0.04 -11.39 10.98
N GLU A 107 -0.47 -10.81 9.87
CA GLU A 107 -0.09 -11.29 8.55
C GLU A 107 0.78 -10.28 7.82
N GLU A 108 1.16 -10.61 6.59
CA GLU A 108 2.00 -9.73 5.78
C GLU A 108 1.58 -9.77 4.31
N VAL A 109 1.72 -8.63 3.64
CA VAL A 109 1.35 -8.53 2.23
C VAL A 109 2.06 -7.36 1.56
N THR A 110 2.95 -7.65 0.62
CA THR A 110 3.68 -6.62 -0.09
C THR A 110 2.85 -6.02 -1.21
N GLY A 111 2.35 -4.81 -1.00
CA GLY A 111 1.54 -4.15 -2.01
C GLY A 111 2.01 -2.75 -2.30
N GLN A 112 2.50 -2.52 -3.52
CA GLN A 112 2.99 -1.22 -3.92
C GLN A 112 2.47 -0.84 -5.30
N PHE A 113 2.86 0.34 -5.78
CA PHE A 113 2.42 0.81 -7.08
C PHE A 113 3.59 1.45 -7.85
N SER A 114 3.30 1.94 -9.05
CA SER A 114 4.33 2.55 -9.88
C SER A 114 3.89 3.95 -10.32
N VAL A 115 4.85 4.87 -10.38
CA VAL A 115 4.56 6.24 -10.79
C VAL A 115 5.33 6.61 -12.06
N HIS A 116 4.73 7.46 -12.89
CA HIS A 116 5.36 7.89 -14.12
C HIS A 116 4.89 9.28 -14.51
N PRO A 117 5.86 10.16 -14.85
CA PRO A 117 5.57 11.54 -15.25
C PRO A 117 4.89 11.63 -16.61
N GLU A 118 3.89 12.51 -16.72
CA GLU A 118 3.15 12.68 -17.96
C GLU A 118 3.91 13.60 -18.91
N THR A 119 4.79 13.01 -19.72
CA THR A 119 5.58 13.77 -20.68
C THR A 119 5.68 13.05 -22.01
N PRO A 120 5.59 13.81 -23.12
CA PRO A 120 5.67 13.26 -24.47
C PRO A 120 7.07 12.76 -24.82
N LYS A 121 7.13 11.63 -25.52
CA LYS A 121 8.42 11.05 -25.91
C LYS A 121 8.21 9.97 -26.97
N PRO A 122 8.88 10.13 -28.12
CA PRO A 122 8.79 9.17 -29.23
C PRO A 122 9.48 7.85 -28.91
N SER A 123 10.46 7.90 -28.02
CA SER A 123 11.20 6.71 -27.62
C SER A 123 10.42 5.90 -26.60
N ILE A 124 10.83 4.65 -26.41
CA ILE A 124 10.17 3.76 -25.45
C ILE A 124 10.28 4.31 -24.03
N SER A 125 9.38 3.87 -23.16
CA SER A 125 9.38 4.31 -21.78
C SER A 125 10.45 3.59 -20.97
N GLY A 126 10.74 4.10 -19.77
CA GLY A 126 11.74 3.50 -18.92
C GLY A 126 13.12 4.08 -19.15
N PRO A 127 13.38 5.25 -18.56
CA PRO A 127 14.67 5.94 -18.68
C PRO A 127 15.78 5.20 -17.95
N SER A 128 15.44 4.59 -16.82
CA SER A 128 16.42 3.86 -16.02
C SER A 128 16.16 2.36 -16.10
N SER A 129 17.11 1.58 -15.57
CA SER A 129 16.99 0.13 -15.59
C SER A 129 16.37 -0.36 -16.89
N GLY A 130 16.79 0.24 -18.00
CA GLY A 130 16.26 -0.14 -19.30
C GLY A 130 15.20 0.82 -19.79
N GLY A 1 -16.19 -11.76 -14.31
CA GLY A 1 -16.11 -13.09 -13.73
C GLY A 1 -17.33 -13.94 -14.05
N SER A 2 -17.63 -14.06 -15.34
CA SER A 2 -18.78 -14.84 -15.78
C SER A 2 -18.44 -16.33 -15.85
N SER A 3 -19.14 -17.13 -15.07
CA SER A 3 -18.91 -18.57 -15.03
C SER A 3 -17.45 -18.87 -14.73
N GLY A 4 -16.87 -18.13 -13.79
CA GLY A 4 -15.48 -18.33 -13.43
C GLY A 4 -15.34 -19.21 -12.19
N SER A 5 -14.19 -19.88 -12.09
CA SER A 5 -13.93 -20.77 -10.95
C SER A 5 -12.97 -20.11 -9.96
N SER A 6 -13.18 -20.38 -8.68
CA SER A 6 -12.34 -19.82 -7.63
C SER A 6 -11.14 -20.73 -7.36
N GLY A 7 -10.25 -20.26 -6.49
CA GLY A 7 -9.08 -21.04 -6.14
C GLY A 7 -8.59 -20.77 -4.73
N THR A 8 -7.28 -20.84 -4.54
CA THR A 8 -6.68 -20.60 -3.23
C THR A 8 -6.73 -19.12 -2.87
N ALA A 9 -6.96 -18.84 -1.58
CA ALA A 9 -7.02 -17.46 -1.11
C ALA A 9 -5.72 -17.06 -0.44
N GLN A 10 -5.35 -15.78 -0.59
CA GLN A 10 -4.11 -15.27 -0.01
C GLN A 10 -4.14 -13.75 0.06
N LEU A 11 -4.02 -13.20 1.26
CA LEU A 11 -4.02 -11.76 1.47
C LEU A 11 -3.14 -11.06 0.43
N THR A 12 -3.77 -10.29 -0.45
CA THR A 12 -3.03 -9.57 -1.49
C THR A 12 -3.47 -8.11 -1.55
N ILE A 13 -2.67 -7.29 -2.23
CA ILE A 13 -2.97 -5.88 -2.36
C ILE A 13 -2.88 -5.43 -3.82
N GLU A 14 -3.94 -4.80 -4.31
CA GLU A 14 -3.99 -4.31 -5.69
C GLU A 14 -4.08 -2.80 -5.73
N ALA A 15 -3.10 -2.17 -6.38
CA ALA A 15 -3.07 -0.71 -6.50
C ALA A 15 -4.20 -0.22 -7.39
N VAL A 16 -4.84 0.88 -6.98
CA VAL A 16 -5.93 1.46 -7.75
C VAL A 16 -5.87 2.98 -7.72
N PRO A 17 -5.46 3.58 -8.85
CA PRO A 17 -5.08 2.83 -10.05
C PRO A 17 -3.78 2.06 -9.87
N SER A 18 -3.42 1.27 -10.87
CA SER A 18 -2.20 0.47 -10.82
C SER A 18 -0.98 1.34 -11.13
N ASN A 19 -1.21 2.41 -11.88
CA ASN A 19 -0.13 3.32 -12.25
C ASN A 19 -0.65 4.74 -12.44
N ALA A 20 -0.36 5.61 -11.47
CA ALA A 20 -0.80 6.99 -11.52
C ALA A 20 0.34 7.91 -11.96
N ALA A 21 0.04 9.20 -12.09
CA ALA A 21 1.04 10.18 -12.48
C ALA A 21 1.35 11.15 -11.34
N GLU A 22 2.59 11.63 -11.31
CA GLU A 22 3.00 12.57 -10.27
C GLU A 22 1.88 13.53 -9.92
N GLY A 23 1.63 13.69 -8.62
CA GLY A 23 0.58 14.58 -8.17
C GLY A 23 -0.75 13.86 -7.97
N LYS A 24 -0.87 12.68 -8.56
CA LYS A 24 -2.09 11.89 -8.44
C LYS A 24 -2.09 11.05 -7.17
N GLU A 25 -3.20 10.37 -6.91
CA GLU A 25 -3.33 9.54 -5.72
C GLU A 25 -3.47 8.06 -6.11
N VAL A 26 -3.00 7.19 -5.22
CA VAL A 26 -3.08 5.75 -5.47
C VAL A 26 -3.67 5.02 -4.27
N LEU A 27 -4.76 4.30 -4.50
CA LEU A 27 -5.41 3.54 -3.43
C LEU A 27 -5.04 2.06 -3.50
N LEU A 28 -4.29 1.61 -2.51
CA LEU A 28 -3.86 0.22 -2.45
C LEU A 28 -4.89 -0.65 -1.75
N LEU A 29 -5.78 -1.26 -2.52
CA LEU A 29 -6.82 -2.12 -1.97
C LEU A 29 -6.25 -3.45 -1.51
N VAL A 30 -6.98 -4.13 -0.62
CA VAL A 30 -6.55 -5.42 -0.11
C VAL A 30 -7.63 -6.47 -0.26
N HIS A 31 -7.23 -7.72 -0.47
CA HIS A 31 -8.19 -8.81 -0.63
C HIS A 31 -7.86 -9.96 0.32
N ASN A 32 -8.78 -10.91 0.44
CA ASN A 32 -8.59 -12.06 1.32
C ASN A 32 -8.34 -11.60 2.76
N LEU A 33 -8.81 -10.41 3.09
CA LEU A 33 -8.63 -9.86 4.43
C LEU A 33 -9.11 -10.85 5.48
N PRO A 34 -8.62 -10.68 6.72
CA PRO A 34 -8.98 -11.55 7.85
C PRO A 34 -10.42 -11.34 8.30
N GLN A 35 -11.06 -12.41 8.76
CA GLN A 35 -12.44 -12.34 9.22
C GLN A 35 -12.66 -11.11 10.11
N ASP A 36 -11.92 -11.04 11.20
CA ASP A 36 -12.04 -9.91 12.13
C ASP A 36 -10.66 -9.31 12.42
N PRO A 37 -10.35 -8.20 11.74
CA PRO A 37 -9.07 -7.50 11.91
C PRO A 37 -8.96 -6.82 13.26
N ARG A 38 -7.73 -6.59 13.70
CA ARG A 38 -7.49 -5.95 14.99
C ARG A 38 -6.82 -4.58 14.80
N GLY A 39 -6.01 -4.47 13.75
CA GLY A 39 -5.33 -3.22 13.47
C GLY A 39 -4.44 -3.31 12.25
N TYR A 40 -4.39 -2.23 11.47
CA TYR A 40 -3.59 -2.19 10.26
C TYR A 40 -2.30 -1.41 10.49
N ASN A 41 -1.24 -1.78 9.79
CA ASN A 41 0.04 -1.11 9.92
C ASN A 41 0.80 -1.13 8.59
N TRP A 42 0.98 0.04 8.00
CA TRP A 42 1.68 0.17 6.73
C TRP A 42 3.12 0.61 6.95
N TYR A 43 4.01 0.17 6.07
CA TYR A 43 5.43 0.52 6.17
C TYR A 43 5.99 0.87 4.79
N LYS A 44 7.23 1.37 4.78
CA LYS A 44 7.90 1.73 3.54
C LYS A 44 9.01 0.75 3.21
N GLY A 45 8.81 -0.03 2.15
CA GLY A 45 9.81 -1.00 1.74
C GLY A 45 9.30 -2.43 1.83
N GLU A 46 10.20 -3.36 2.15
CA GLU A 46 9.84 -4.76 2.25
C GLU A 46 10.12 -5.29 3.66
N THR A 47 9.90 -4.44 4.66
CA THR A 47 10.13 -4.82 6.05
C THR A 47 9.12 -4.16 6.97
N VAL A 48 8.75 -4.86 8.05
CA VAL A 48 7.79 -4.34 9.01
C VAL A 48 8.50 -3.78 10.24
N ASP A 49 9.33 -2.77 10.03
CA ASP A 49 10.07 -2.15 11.13
C ASP A 49 9.48 -0.78 11.48
N ALA A 50 9.30 -0.55 12.78
CA ALA A 50 8.74 0.72 13.25
C ALA A 50 9.44 1.90 12.60
N ASN A 51 10.77 1.81 12.49
CA ASN A 51 11.56 2.89 11.89
C ASN A 51 11.05 3.23 10.50
N ARG A 52 10.60 2.21 9.77
CA ARG A 52 10.09 2.40 8.42
C ARG A 52 8.57 2.32 8.41
N ARG A 53 7.95 2.60 9.55
CA ARG A 53 6.50 2.56 9.67
C ARG A 53 5.88 3.88 9.21
N ILE A 54 5.07 3.80 8.16
CA ILE A 54 4.41 4.99 7.61
C ILE A 54 3.30 5.47 8.53
N ILE A 55 2.35 4.57 8.81
CA ILE A 55 1.23 4.90 9.68
C ILE A 55 0.53 3.64 10.17
N GLY A 56 0.01 3.70 11.40
CA GLY A 56 -0.68 2.56 11.97
C GLY A 56 -2.03 2.92 12.56
N TYR A 57 -2.99 2.03 12.42
CA TYR A 57 -4.33 2.26 12.94
C TYR A 57 -4.85 1.04 13.69
N VAL A 58 -5.58 1.28 14.78
CA VAL A 58 -6.14 0.19 15.58
C VAL A 58 -7.66 0.26 15.60
N ILE A 59 -8.29 -0.81 15.11
CA ILE A 59 -9.74 -0.88 15.07
C ILE A 59 -10.33 -1.08 16.47
N SER A 60 -9.63 -1.87 17.28
CA SER A 60 -10.08 -2.13 18.64
C SER A 60 -10.22 -0.84 19.44
N ASN A 61 -9.35 0.12 19.14
CA ASN A 61 -9.37 1.41 19.83
C ASN A 61 -9.54 2.55 18.84
N GLN A 62 -9.87 2.21 17.60
CA GLN A 62 -10.07 3.21 16.55
C GLN A 62 -9.10 4.38 16.73
N GLN A 63 -7.86 4.06 17.08
CA GLN A 63 -6.84 5.08 17.28
C GLN A 63 -5.83 5.07 16.15
N ILE A 64 -5.26 6.24 15.85
CA ILE A 64 -4.27 6.37 14.79
C ILE A 64 -2.97 6.95 15.32
N THR A 65 -1.85 6.30 14.97
CA THR A 65 -0.54 6.76 15.41
C THR A 65 0.46 6.75 14.26
N PRO A 66 0.69 7.93 13.65
CA PRO A 66 1.61 8.07 12.53
C PRO A 66 3.07 7.91 12.96
N GLY A 67 3.87 7.29 12.09
CA GLY A 67 5.27 7.09 12.40
C GLY A 67 6.17 8.11 11.74
N PRO A 68 7.48 7.82 11.70
CA PRO A 68 8.47 8.72 11.10
C PRO A 68 8.34 8.78 9.58
N ALA A 69 7.87 7.69 8.98
CA ALA A 69 7.70 7.63 7.54
C ALA A 69 6.36 8.21 7.11
N TYR A 70 5.87 9.17 7.89
CA TYR A 70 4.59 9.81 7.61
C TYR A 70 4.79 11.27 7.19
N SER A 71 4.02 11.71 6.20
CA SER A 71 4.11 13.07 5.70
C SER A 71 2.73 13.70 5.60
N ASN A 72 1.79 13.15 6.35
CA ASN A 72 0.42 13.67 6.34
C ASN A 72 -0.17 13.65 4.93
N ARG A 73 0.15 12.60 4.19
CA ARG A 73 -0.34 12.45 2.83
C ARG A 73 -1.09 11.13 2.65
N GLU A 74 -0.60 10.10 3.31
CA GLU A 74 -1.22 8.78 3.23
C GLU A 74 -2.37 8.66 4.23
N THR A 75 -3.35 7.82 3.89
CA THR A 75 -4.51 7.61 4.77
C THR A 75 -4.94 6.16 4.75
N ILE A 76 -4.97 5.53 5.93
CA ILE A 76 -5.38 4.15 6.05
C ILE A 76 -6.86 3.98 5.78
N TYR A 77 -7.30 2.73 5.68
CA TYR A 77 -8.71 2.42 5.42
C TYR A 77 -9.21 1.31 6.31
N PRO A 78 -10.54 1.21 6.46
CA PRO A 78 -11.17 0.19 7.29
C PRO A 78 -11.04 -1.21 6.70
N ASN A 79 -10.35 -1.30 5.57
CA ASN A 79 -10.15 -2.58 4.89
C ASN A 79 -8.66 -2.89 4.74
N ALA A 80 -7.84 -2.20 5.52
CA ALA A 80 -6.40 -2.39 5.48
C ALA A 80 -5.81 -1.83 4.19
N SER A 81 -6.38 -0.72 3.72
CA SER A 81 -5.91 -0.08 2.50
C SER A 81 -5.30 1.29 2.82
N LEU A 82 -4.27 1.66 2.05
CA LEU A 82 -3.60 2.94 2.25
C LEU A 82 -3.72 3.81 1.00
N LEU A 83 -4.35 4.97 1.16
CA LEU A 83 -4.53 5.89 0.03
C LEU A 83 -3.39 6.91 -0.02
N MET A 84 -2.56 6.79 -1.05
CA MET A 84 -1.43 7.70 -1.22
C MET A 84 -1.84 8.93 -2.02
N ARG A 85 -1.54 10.11 -1.48
CA ARG A 85 -1.88 11.36 -2.14
C ARG A 85 -0.62 12.09 -2.61
N ASN A 86 -0.73 12.79 -3.73
CA ASN A 86 0.39 13.54 -4.29
C ASN A 86 1.60 12.61 -4.49
N VAL A 87 1.37 11.48 -5.14
CA VAL A 87 2.44 10.52 -5.40
C VAL A 87 3.58 11.16 -6.18
N THR A 88 4.68 10.42 -6.31
CA THR A 88 5.85 10.93 -7.03
C THR A 88 6.63 9.79 -7.66
N ARG A 89 7.49 10.12 -8.62
CA ARG A 89 8.30 9.12 -9.30
C ARG A 89 9.24 8.42 -8.31
N ASN A 90 9.52 9.09 -7.19
CA ASN A 90 10.39 8.53 -6.17
C ASN A 90 9.65 7.51 -5.32
N ASP A 91 8.44 7.85 -4.90
CA ASP A 91 7.63 6.96 -4.09
C ASP A 91 7.71 5.52 -4.60
N THR A 92 7.73 5.38 -5.92
CA THR A 92 7.81 4.06 -6.55
C THR A 92 8.83 3.18 -5.84
N GLY A 93 8.38 2.00 -5.39
CA GLY A 93 9.27 1.09 -4.70
C GLY A 93 8.54 -0.11 -4.13
N SER A 94 8.39 -0.14 -2.81
CA SER A 94 7.71 -1.24 -2.14
C SER A 94 7.02 -0.75 -0.86
N TYR A 95 5.87 -1.34 -0.56
CA TYR A 95 5.10 -0.98 0.63
C TYR A 95 4.50 -2.20 1.29
N THR A 96 5.03 -2.55 2.45
CA THR A 96 4.54 -3.71 3.20
C THR A 96 3.42 -3.32 4.15
N LEU A 97 2.32 -4.07 4.08
CA LEU A 97 1.16 -3.80 4.93
C LEU A 97 0.92 -4.95 5.91
N GLN A 98 1.20 -4.71 7.18
CA GLN A 98 1.03 -5.72 8.22
C GLN A 98 -0.24 -5.45 9.03
N VAL A 99 -1.14 -6.42 9.06
CA VAL A 99 -2.39 -6.29 9.80
C VAL A 99 -2.47 -7.32 10.92
N ILE A 100 -2.78 -6.86 12.11
CA ILE A 100 -2.91 -7.74 13.28
C ILE A 100 -4.32 -8.27 13.42
N LYS A 101 -4.44 -9.55 13.75
CA LYS A 101 -5.74 -10.18 13.93
C LYS A 101 -6.17 -10.15 15.40
N LEU A 102 -7.30 -10.78 15.69
CA LEU A 102 -7.82 -10.83 17.05
C LEU A 102 -7.19 -11.99 17.82
N ASN A 103 -6.68 -12.97 17.10
CA ASN A 103 -6.04 -14.13 17.72
C ASN A 103 -4.60 -13.83 18.11
N LEU A 104 -4.28 -12.54 18.20
CA LEU A 104 -2.93 -12.12 18.56
C LEU A 104 -1.93 -12.51 17.48
N MET A 105 -2.33 -12.35 16.22
CA MET A 105 -1.46 -12.69 15.10
C MET A 105 -1.29 -11.49 14.18
N SER A 106 -0.40 -11.63 13.19
CA SER A 106 -0.14 -10.56 12.23
C SER A 106 0.11 -11.12 10.84
N GLU A 107 -0.45 -10.46 9.83
CA GLU A 107 -0.29 -10.89 8.45
C GLU A 107 0.75 -10.03 7.73
N GLU A 108 1.13 -10.47 6.53
CA GLU A 108 2.12 -9.74 5.73
C GLU A 108 1.75 -9.77 4.25
N VAL A 109 1.86 -8.62 3.60
CA VAL A 109 1.54 -8.51 2.17
C VAL A 109 2.17 -7.27 1.56
N THR A 110 3.04 -7.49 0.58
CA THR A 110 3.72 -6.38 -0.10
C THR A 110 2.86 -5.81 -1.21
N GLY A 111 2.27 -4.64 -0.95
CA GLY A 111 1.42 -4.00 -1.93
C GLY A 111 1.90 -2.61 -2.30
N GLN A 112 2.51 -2.48 -3.48
CA GLN A 112 3.02 -1.19 -3.94
C GLN A 112 2.46 -0.84 -5.32
N PHE A 113 2.95 0.27 -5.87
CA PHE A 113 2.50 0.71 -7.20
C PHE A 113 3.63 1.40 -7.95
N SER A 114 3.32 1.90 -9.14
CA SER A 114 4.31 2.59 -9.96
C SER A 114 3.79 3.95 -10.40
N VAL A 115 4.68 4.94 -10.41
CA VAL A 115 4.30 6.29 -10.81
C VAL A 115 5.07 6.72 -12.06
N HIS A 116 4.37 7.42 -12.96
CA HIS A 116 4.98 7.88 -14.20
C HIS A 116 4.81 9.40 -14.35
N PRO A 117 5.85 10.05 -14.89
CA PRO A 117 5.85 11.50 -15.10
C PRO A 117 4.87 11.93 -16.20
N GLU A 118 3.65 12.29 -15.80
CA GLU A 118 2.63 12.71 -16.75
C GLU A 118 3.24 13.54 -17.88
N THR A 119 3.44 12.92 -19.03
CA THR A 119 4.02 13.59 -20.18
C THR A 119 3.43 13.08 -21.49
N PRO A 120 3.01 14.00 -22.36
CA PRO A 120 2.42 13.66 -23.66
C PRO A 120 3.43 13.07 -24.62
N LYS A 121 2.95 12.35 -25.63
CA LYS A 121 3.81 11.74 -26.63
C LYS A 121 3.07 11.52 -27.94
N PRO A 122 3.75 11.82 -29.06
CA PRO A 122 3.17 11.67 -30.40
C PRO A 122 2.98 10.20 -30.78
N SER A 123 2.33 9.98 -31.93
CA SER A 123 2.09 8.62 -32.40
C SER A 123 3.30 8.09 -33.18
N ILE A 124 4.10 7.27 -32.53
CA ILE A 124 5.28 6.70 -33.17
C ILE A 124 5.01 6.36 -34.62
N SER A 125 3.93 5.61 -34.87
CA SER A 125 3.57 5.21 -36.21
C SER A 125 3.63 6.39 -37.17
N GLY A 126 4.01 6.11 -38.42
CA GLY A 126 4.11 7.17 -39.41
C GLY A 126 5.52 7.32 -39.95
N PRO A 127 6.28 8.27 -39.37
CA PRO A 127 7.66 8.54 -39.79
C PRO A 127 8.61 7.40 -39.41
N SER A 128 8.07 6.39 -38.74
CA SER A 128 8.88 5.25 -38.32
C SER A 128 8.67 4.07 -39.25
N SER A 129 9.69 3.23 -39.39
CA SER A 129 9.62 2.05 -40.26
C SER A 129 8.90 0.91 -39.56
N GLY A 130 8.06 0.21 -40.32
CA GLY A 130 7.32 -0.91 -39.76
C GLY A 130 8.09 -2.21 -39.82
N GLY A 1 -2.20 -10.85 -14.80
CA GLY A 1 -2.52 -12.27 -14.81
C GLY A 1 -1.83 -13.03 -13.71
N SER A 2 -1.82 -12.47 -12.51
CA SER A 2 -1.18 -13.11 -11.37
C SER A 2 -2.19 -13.92 -10.55
N SER A 3 -1.95 -15.21 -10.44
CA SER A 3 -2.84 -16.10 -9.69
C SER A 3 -4.27 -15.96 -10.19
N GLY A 4 -4.45 -16.03 -11.50
CA GLY A 4 -5.78 -15.91 -12.08
C GLY A 4 -6.53 -17.23 -12.07
N SER A 5 -6.45 -17.94 -10.95
CA SER A 5 -7.13 -19.22 -10.79
C SER A 5 -7.88 -19.29 -9.47
N SER A 6 -9.04 -19.93 -9.49
CA SER A 6 -9.86 -20.07 -8.29
C SER A 6 -9.25 -21.08 -7.33
N GLY A 7 -8.84 -20.62 -6.16
CA GLY A 7 -8.24 -21.50 -5.17
C GLY A 7 -7.97 -20.80 -3.86
N THR A 8 -7.15 -21.43 -3.01
CA THR A 8 -6.81 -20.86 -1.72
C THR A 8 -6.57 -19.36 -1.82
N ALA A 9 -7.10 -18.61 -0.86
CA ALA A 9 -6.94 -17.15 -0.84
C ALA A 9 -5.74 -16.75 0.02
N GLN A 10 -5.32 -15.49 -0.11
CA GLN A 10 -4.19 -14.98 0.66
C GLN A 10 -4.15 -13.46 0.61
N LEU A 11 -3.84 -12.85 1.75
CA LEU A 11 -3.77 -11.39 1.84
C LEU A 11 -3.02 -10.81 0.64
N THR A 12 -3.73 -10.00 -0.15
CA THR A 12 -3.13 -9.39 -1.34
C THR A 12 -3.53 -7.92 -1.44
N ILE A 13 -2.83 -7.19 -2.31
CA ILE A 13 -3.12 -5.77 -2.50
C ILE A 13 -2.98 -5.37 -3.97
N GLU A 14 -3.99 -4.69 -4.49
CA GLU A 14 -3.97 -4.25 -5.88
C GLU A 14 -4.05 -2.73 -5.98
N ALA A 15 -3.05 -2.13 -6.61
CA ALA A 15 -2.99 -0.69 -6.78
C ALA A 15 -4.13 -0.19 -7.67
N VAL A 16 -4.78 0.89 -7.25
CA VAL A 16 -5.89 1.46 -8.01
C VAL A 16 -5.84 2.98 -7.98
N PRO A 17 -5.42 3.58 -9.10
CA PRO A 17 -5.03 2.83 -10.30
C PRO A 17 -3.72 2.07 -10.10
N SER A 18 -3.27 1.38 -11.15
CA SER A 18 -2.04 0.61 -11.09
C SER A 18 -0.85 1.46 -11.53
N ASN A 19 -1.12 2.44 -12.39
CA ASN A 19 -0.07 3.33 -12.89
C ASN A 19 -0.52 4.78 -12.85
N ALA A 20 -0.29 5.43 -11.72
CA ALA A 20 -0.67 6.83 -11.55
C ALA A 20 0.47 7.76 -11.97
N ALA A 21 0.16 9.05 -12.06
CA ALA A 21 1.15 10.05 -12.45
C ALA A 21 1.41 11.04 -11.33
N GLU A 22 2.60 11.64 -11.34
CA GLU A 22 2.96 12.61 -10.32
C GLU A 22 1.81 13.56 -10.03
N GLY A 23 1.48 13.72 -8.75
CA GLY A 23 0.39 14.61 -8.37
C GLY A 23 -0.93 13.88 -8.24
N LYS A 24 -0.97 12.65 -8.73
CA LYS A 24 -2.19 11.83 -8.67
C LYS A 24 -2.27 11.07 -7.35
N GLU A 25 -3.30 10.25 -7.21
CA GLU A 25 -3.49 9.46 -6.00
C GLU A 25 -3.63 7.98 -6.33
N VAL A 26 -3.06 7.13 -5.47
CA VAL A 26 -3.12 5.69 -5.67
C VAL A 26 -3.73 4.99 -4.47
N LEU A 27 -4.80 4.25 -4.70
CA LEU A 27 -5.49 3.54 -3.63
C LEU A 27 -5.08 2.06 -3.62
N LEU A 28 -4.30 1.67 -2.63
CA LEU A 28 -3.85 0.28 -2.51
C LEU A 28 -4.91 -0.57 -1.80
N LEU A 29 -5.82 -1.14 -2.57
CA LEU A 29 -6.87 -1.98 -2.02
C LEU A 29 -6.30 -3.27 -1.45
N VAL A 30 -7.04 -3.91 -0.56
CA VAL A 30 -6.61 -5.16 0.05
C VAL A 30 -7.70 -6.22 -0.02
N HIS A 31 -7.37 -7.35 -0.64
CA HIS A 31 -8.33 -8.44 -0.78
C HIS A 31 -7.98 -9.60 0.16
N ASN A 32 -8.84 -10.61 0.19
CA ASN A 32 -8.62 -11.78 1.05
C ASN A 32 -8.30 -11.35 2.47
N LEU A 33 -8.78 -10.16 2.85
CA LEU A 33 -8.55 -9.64 4.20
C LEU A 33 -8.91 -10.68 5.25
N PRO A 34 -8.39 -10.49 6.47
CA PRO A 34 -8.65 -11.39 7.60
C PRO A 34 -10.08 -11.30 8.09
N GLN A 35 -10.39 -12.03 9.16
CA GLN A 35 -11.72 -12.04 9.73
C GLN A 35 -11.83 -11.03 10.87
N ASP A 36 -10.94 -11.15 11.84
CA ASP A 36 -10.93 -10.25 12.99
C ASP A 36 -9.70 -9.35 12.97
N PRO A 37 -9.71 -8.34 12.09
CA PRO A 37 -8.59 -7.39 11.95
C PRO A 37 -8.46 -6.47 13.15
N ARG A 38 -7.58 -6.83 14.07
CA ARG A 38 -7.36 -6.03 15.27
C ARG A 38 -6.88 -4.62 14.92
N GLY A 39 -6.22 -4.51 13.76
CA GLY A 39 -5.72 -3.22 13.33
C GLY A 39 -4.79 -3.33 12.14
N TYR A 40 -4.59 -2.22 11.43
CA TYR A 40 -3.73 -2.20 10.26
C TYR A 40 -2.43 -1.45 10.56
N ASN A 41 -1.37 -1.83 9.87
CA ASN A 41 -0.07 -1.20 10.05
C ASN A 41 0.74 -1.23 8.76
N TRP A 42 0.91 -0.07 8.13
CA TRP A 42 1.66 0.03 6.89
C TRP A 42 3.12 0.38 7.17
N TYR A 43 4.00 0.02 6.23
CA TYR A 43 5.43 0.29 6.38
C TYR A 43 6.05 0.65 5.05
N LYS A 44 7.33 1.04 5.08
CA LYS A 44 8.04 1.42 3.87
C LYS A 44 9.45 0.86 3.88
N GLY A 45 9.74 -0.04 2.94
CA GLY A 45 11.05 -0.63 2.85
C GLY A 45 11.01 -2.15 2.76
N GLU A 46 9.85 -2.68 2.39
CA GLU A 46 9.67 -4.12 2.27
C GLU A 46 10.05 -4.82 3.56
N THR A 47 9.72 -4.20 4.69
CA THR A 47 10.03 -4.76 6.00
C THR A 47 9.12 -4.19 7.08
N VAL A 48 8.79 -5.01 8.07
CA VAL A 48 7.93 -4.59 9.17
C VAL A 48 8.73 -3.87 10.25
N ASP A 49 9.50 -2.87 9.86
CA ASP A 49 10.32 -2.12 10.81
C ASP A 49 9.49 -1.03 11.49
N ALA A 50 10.00 -0.52 12.61
CA ALA A 50 9.30 0.52 13.36
C ALA A 50 9.86 1.90 13.02
N ASN A 51 11.06 1.92 12.43
CA ASN A 51 11.71 3.17 12.05
C ASN A 51 11.13 3.71 10.75
N ARG A 52 10.74 2.79 9.87
CA ARG A 52 10.17 3.18 8.58
C ARG A 52 8.66 2.99 8.57
N ARG A 53 8.07 2.93 9.76
CA ARG A 53 6.63 2.75 9.89
C ARG A 53 5.88 3.99 9.42
N ILE A 54 5.11 3.84 8.34
CA ILE A 54 4.34 4.95 7.79
C ILE A 54 3.24 5.38 8.75
N ILE A 55 2.29 4.48 9.01
CA ILE A 55 1.18 4.77 9.90
C ILE A 55 0.50 3.48 10.36
N GLY A 56 0.03 3.49 11.60
CA GLY A 56 -0.64 2.32 12.14
C GLY A 56 -1.99 2.65 12.76
N TYR A 57 -3.04 1.99 12.30
CA TYR A 57 -4.37 2.22 12.82
C TYR A 57 -4.91 0.98 13.54
N VAL A 58 -5.69 1.20 14.60
CA VAL A 58 -6.25 0.11 15.37
C VAL A 58 -7.78 0.19 15.40
N ILE A 59 -8.43 -0.81 14.83
CA ILE A 59 -9.90 -0.85 14.79
C ILE A 59 -10.47 -0.98 16.19
N SER A 60 -9.78 -1.71 17.05
CA SER A 60 -10.23 -1.91 18.43
C SER A 60 -10.91 -0.65 18.96
N ASN A 61 -10.14 0.42 19.08
CA ASN A 61 -10.66 1.69 19.58
C ASN A 61 -10.37 2.82 18.61
N GLN A 62 -10.11 2.47 17.35
CA GLN A 62 -9.82 3.46 16.32
C GLN A 62 -8.63 4.33 16.72
N GLN A 63 -7.54 3.69 17.11
CA GLN A 63 -6.34 4.41 17.54
C GLN A 63 -5.37 4.58 16.37
N ILE A 64 -5.10 5.83 16.01
CA ILE A 64 -4.19 6.13 14.91
C ILE A 64 -2.87 6.69 15.43
N THR A 65 -1.77 6.09 14.99
CA THR A 65 -0.44 6.53 15.41
C THR A 65 0.51 6.62 14.21
N PRO A 66 0.66 7.83 13.66
CA PRO A 66 1.53 8.08 12.51
C PRO A 66 3.01 7.95 12.88
N GLY A 67 3.79 7.32 11.99
CA GLY A 67 5.20 7.15 12.24
C GLY A 67 6.04 8.26 11.62
N PRO A 68 7.37 8.10 11.68
CA PRO A 68 8.30 9.09 11.13
C PRO A 68 8.29 9.12 9.61
N ALA A 69 7.89 8.01 9.00
CA ALA A 69 7.82 7.91 7.55
C ALA A 69 6.47 8.37 7.03
N TYR A 70 5.84 9.29 7.77
CA TYR A 70 4.54 9.81 7.38
C TYR A 70 4.66 11.25 6.89
N SER A 71 4.07 11.53 5.72
CA SER A 71 4.13 12.86 5.14
C SER A 71 2.72 13.46 5.04
N ASN A 72 1.84 13.04 5.96
CA ASN A 72 0.47 13.53 5.97
C ASN A 72 -0.16 13.44 4.59
N ARG A 73 0.27 12.45 3.82
CA ARG A 73 -0.25 12.25 2.46
C ARG A 73 -1.00 10.92 2.36
N GLU A 74 -0.52 9.92 3.10
CA GLU A 74 -1.15 8.61 3.09
C GLU A 74 -2.31 8.55 4.09
N THR A 75 -3.32 7.77 3.75
CA THR A 75 -4.49 7.62 4.61
C THR A 75 -4.97 6.17 4.67
N ILE A 76 -5.05 5.63 5.87
CA ILE A 76 -5.48 4.24 6.06
C ILE A 76 -6.97 4.10 5.73
N TYR A 77 -7.42 2.85 5.65
CA TYR A 77 -8.81 2.56 5.34
C TYR A 77 -9.35 1.43 6.23
N PRO A 78 -10.68 1.34 6.33
CA PRO A 78 -11.34 0.32 7.14
C PRO A 78 -11.20 -1.08 6.54
N ASN A 79 -10.46 -1.17 5.44
CA ASN A 79 -10.25 -2.45 4.77
C ASN A 79 -8.76 -2.76 4.68
N ALA A 80 -7.97 -2.09 5.50
CA ALA A 80 -6.52 -2.30 5.51
C ALA A 80 -5.87 -1.73 4.26
N SER A 81 -6.52 -0.74 3.66
CA SER A 81 -6.02 -0.10 2.45
C SER A 81 -5.40 1.26 2.77
N LEU A 82 -4.46 1.68 1.92
CA LEU A 82 -3.78 2.96 2.12
C LEU A 82 -3.84 3.79 0.85
N LEU A 83 -4.39 5.01 0.96
CA LEU A 83 -4.50 5.90 -0.18
C LEU A 83 -3.34 6.89 -0.22
N MET A 84 -2.54 6.81 -1.27
CA MET A 84 -1.40 7.70 -1.43
C MET A 84 -1.72 8.85 -2.38
N ARG A 85 -1.92 10.04 -1.81
CA ARG A 85 -2.23 11.22 -2.61
C ARG A 85 -0.96 11.98 -2.99
N ASN A 86 -1.04 12.74 -4.08
CA ASN A 86 0.10 13.52 -4.55
C ASN A 86 1.31 12.62 -4.76
N VAL A 87 1.07 11.43 -5.29
CA VAL A 87 2.15 10.47 -5.54
C VAL A 87 3.26 11.11 -6.37
N THR A 88 4.49 10.61 -6.19
CA THR A 88 5.63 11.13 -6.92
C THR A 88 6.42 10.01 -7.58
N ARG A 89 7.25 10.36 -8.55
CA ARG A 89 8.07 9.38 -9.26
C ARG A 89 8.95 8.60 -8.29
N ASN A 90 9.50 9.32 -7.31
CA ASN A 90 10.37 8.71 -6.31
C ASN A 90 9.60 7.72 -5.44
N ASP A 91 8.32 8.02 -5.22
CA ASP A 91 7.48 7.17 -4.39
C ASP A 91 7.57 5.71 -4.85
N THR A 92 7.66 5.51 -6.15
CA THR A 92 7.75 4.17 -6.71
C THR A 92 8.76 3.32 -5.94
N GLY A 93 8.31 2.16 -5.48
CA GLY A 93 9.20 1.27 -4.73
C GLY A 93 8.47 0.05 -4.20
N SER A 94 8.29 0.00 -2.89
CA SER A 94 7.60 -1.12 -2.26
C SER A 94 7.05 -0.73 -0.89
N TYR A 95 5.90 -1.30 -0.54
CA TYR A 95 5.27 -1.01 0.74
C TYR A 95 4.63 -2.26 1.34
N THR A 96 4.95 -2.53 2.59
CA THR A 96 4.41 -3.70 3.29
C THR A 96 3.26 -3.32 4.21
N LEU A 97 2.17 -4.07 4.13
CA LEU A 97 1.00 -3.81 4.95
C LEU A 97 0.70 -4.99 5.87
N GLN A 98 0.93 -4.80 7.17
CA GLN A 98 0.68 -5.86 8.15
C GLN A 98 -0.70 -5.70 8.77
N VAL A 99 -1.37 -6.83 9.00
CA VAL A 99 -2.70 -6.83 9.60
C VAL A 99 -2.75 -7.69 10.85
N ILE A 100 -2.94 -7.04 11.99
CA ILE A 100 -3.01 -7.76 13.27
C ILE A 100 -4.42 -8.28 13.55
N LYS A 101 -4.50 -9.48 14.10
CA LYS A 101 -5.79 -10.09 14.41
C LYS A 101 -6.01 -10.15 15.92
N LEU A 102 -7.27 -10.18 16.33
CA LEU A 102 -7.61 -10.24 17.74
C LEU A 102 -6.90 -11.40 18.43
N ASN A 103 -6.40 -12.35 17.62
CA ASN A 103 -5.69 -13.50 18.15
C ASN A 103 -4.22 -13.19 18.35
N LEU A 104 -3.92 -11.94 18.71
CA LEU A 104 -2.54 -11.52 18.93
C LEU A 104 -1.63 -12.00 17.80
N MET A 105 -2.15 -11.97 16.57
CA MET A 105 -1.40 -12.39 15.42
C MET A 105 -1.18 -11.23 14.44
N SER A 106 -0.41 -11.49 13.38
CA SER A 106 -0.12 -10.45 12.39
C SER A 106 0.05 -11.07 11.01
N GLU A 107 -0.35 -10.33 9.98
CA GLU A 107 -0.25 -10.81 8.61
C GLU A 107 0.77 -9.98 7.82
N GLU A 108 1.06 -10.42 6.61
CA GLU A 108 2.02 -9.73 5.75
C GLU A 108 1.57 -9.74 4.29
N VAL A 109 1.63 -8.58 3.66
CA VAL A 109 1.23 -8.45 2.26
C VAL A 109 1.93 -7.28 1.59
N THR A 110 2.83 -7.60 0.66
CA THR A 110 3.58 -6.57 -0.06
C THR A 110 2.74 -5.96 -1.18
N GLY A 111 2.28 -4.74 -0.95
CA GLY A 111 1.46 -4.06 -1.94
C GLY A 111 1.95 -2.65 -2.23
N GLN A 112 2.38 -2.42 -3.47
CA GLN A 112 2.88 -1.12 -3.88
C GLN A 112 2.32 -0.71 -5.24
N PHE A 113 2.77 0.43 -5.74
CA PHE A 113 2.32 0.93 -7.04
C PHE A 113 3.47 1.59 -7.80
N SER A 114 3.18 2.03 -9.02
CA SER A 114 4.19 2.67 -9.86
C SER A 114 3.70 4.03 -10.35
N VAL A 115 4.61 5.00 -10.40
CA VAL A 115 4.27 6.34 -10.85
C VAL A 115 5.09 6.73 -12.09
N HIS A 116 4.50 7.58 -12.93
CA HIS A 116 5.17 8.02 -14.15
C HIS A 116 4.84 9.49 -14.44
N PRO A 117 5.86 10.25 -14.87
CA PRO A 117 5.71 11.67 -15.19
C PRO A 117 4.88 11.89 -16.46
N GLU A 118 4.38 13.11 -16.62
CA GLU A 118 3.58 13.44 -17.80
C GLU A 118 4.46 13.92 -18.95
N THR A 119 5.52 13.15 -19.23
CA THR A 119 6.44 13.48 -20.31
C THR A 119 6.92 12.23 -21.03
N PRO A 120 7.03 12.33 -22.36
CA PRO A 120 7.49 11.22 -23.20
C PRO A 120 8.96 10.90 -22.99
N LYS A 121 9.31 9.62 -23.12
CA LYS A 121 10.69 9.18 -22.95
C LYS A 121 11.11 8.25 -24.08
N PRO A 122 12.34 8.45 -24.60
CA PRO A 122 12.88 7.63 -25.68
C PRO A 122 13.19 6.20 -25.24
N SER A 123 12.20 5.33 -25.35
CA SER A 123 12.37 3.93 -24.96
C SER A 123 11.37 3.04 -25.71
N ILE A 124 11.70 1.75 -25.80
CA ILE A 124 10.84 0.79 -26.48
C ILE A 124 10.08 -0.08 -25.48
N SER A 125 8.84 -0.42 -25.82
CA SER A 125 8.01 -1.23 -24.95
C SER A 125 8.62 -2.61 -24.75
N GLY A 126 8.58 -3.10 -23.52
CA GLY A 126 9.13 -4.40 -23.21
C GLY A 126 9.13 -4.70 -21.72
N PRO A 127 9.20 -6.00 -21.38
CA PRO A 127 9.20 -6.44 -19.98
C PRO A 127 10.50 -6.08 -19.26
N SER A 128 10.38 -5.63 -18.02
CA SER A 128 11.54 -5.25 -17.23
C SER A 128 11.59 -6.04 -15.92
N SER A 129 12.22 -7.21 -15.97
CA SER A 129 12.34 -8.06 -14.78
C SER A 129 13.34 -9.19 -15.02
N GLY A 130 13.65 -9.92 -13.96
CA GLY A 130 14.60 -11.02 -14.07
C GLY A 130 16.02 -10.54 -14.33
N GLY A 1 -2.90 -10.86 -19.72
CA GLY A 1 -3.76 -11.60 -18.83
C GLY A 1 -3.35 -11.45 -17.38
N SER A 2 -3.84 -10.42 -16.72
CA SER A 2 -3.52 -10.17 -15.32
C SER A 2 -4.21 -11.18 -14.41
N SER A 3 -5.51 -11.35 -14.60
CA SER A 3 -6.28 -12.30 -13.80
C SER A 3 -6.46 -13.63 -14.53
N GLY A 4 -6.28 -14.72 -13.80
CA GLY A 4 -6.41 -16.04 -14.39
C GLY A 4 -6.48 -17.14 -13.35
N SER A 5 -5.51 -17.14 -12.44
CA SER A 5 -5.46 -18.15 -11.39
C SER A 5 -6.51 -17.88 -10.31
N SER A 6 -7.35 -18.87 -10.05
CA SER A 6 -8.40 -18.74 -9.05
C SER A 6 -8.37 -19.91 -8.07
N GLY A 7 -8.79 -19.64 -6.83
CA GLY A 7 -8.79 -20.68 -5.82
C GLY A 7 -8.05 -20.27 -4.57
N THR A 8 -6.88 -20.85 -4.35
CA THR A 8 -6.07 -20.54 -3.18
C THR A 8 -6.19 -19.08 -2.80
N ALA A 9 -6.68 -18.83 -1.58
CA ALA A 9 -6.84 -17.46 -1.10
C ALA A 9 -5.64 -17.02 -0.27
N GLN A 10 -5.27 -15.75 -0.41
CA GLN A 10 -4.13 -15.20 0.31
C GLN A 10 -4.18 -13.67 0.33
N LEU A 11 -3.94 -13.09 1.50
CA LEU A 11 -3.95 -11.64 1.65
C LEU A 11 -3.05 -10.97 0.60
N THR A 12 -3.63 -10.10 -0.20
CA THR A 12 -2.90 -9.40 -1.24
C THR A 12 -3.33 -7.94 -1.33
N ILE A 13 -2.64 -7.17 -2.17
CA ILE A 13 -2.96 -5.76 -2.37
C ILE A 13 -2.86 -5.37 -3.83
N GLU A 14 -3.93 -4.76 -4.35
CA GLU A 14 -3.96 -4.34 -5.74
C GLU A 14 -4.03 -2.81 -5.83
N ALA A 15 -2.98 -2.21 -6.40
CA ALA A 15 -2.92 -0.76 -6.55
C ALA A 15 -4.00 -0.27 -7.51
N VAL A 16 -4.66 0.83 -7.15
CA VAL A 16 -5.71 1.40 -7.99
C VAL A 16 -5.65 2.93 -7.96
N PRO A 17 -5.24 3.52 -9.09
CA PRO A 17 -4.86 2.77 -10.29
C PRO A 17 -3.55 2.01 -10.10
N SER A 18 -3.21 1.18 -11.07
CA SER A 18 -1.98 0.38 -11.02
C SER A 18 -0.76 1.25 -11.32
N ASN A 19 -0.97 2.33 -12.05
CA ASN A 19 0.11 3.24 -12.41
C ASN A 19 -0.41 4.67 -12.55
N ALA A 20 -0.10 5.50 -11.56
CA ALA A 20 -0.53 6.89 -11.58
C ALA A 20 0.62 7.81 -11.95
N ALA A 21 0.32 9.09 -12.14
CA ALA A 21 1.33 10.09 -12.51
C ALA A 21 1.59 11.05 -11.35
N GLU A 22 2.76 11.68 -11.36
CA GLU A 22 3.13 12.62 -10.32
C GLU A 22 1.96 13.55 -9.99
N GLY A 23 1.68 13.69 -8.69
CA GLY A 23 0.60 14.55 -8.26
C GLY A 23 -0.71 13.79 -8.09
N LYS A 24 -0.81 12.64 -8.76
CA LYS A 24 -2.02 11.82 -8.69
C LYS A 24 -2.05 11.02 -7.39
N GLU A 25 -3.14 10.30 -7.17
CA GLU A 25 -3.30 9.50 -5.97
C GLU A 25 -3.40 8.01 -6.32
N VAL A 26 -2.98 7.16 -5.38
CA VAL A 26 -3.02 5.72 -5.59
C VAL A 26 -3.64 5.01 -4.39
N LEU A 27 -4.74 4.29 -4.64
CA LEU A 27 -5.42 3.56 -3.59
C LEU A 27 -5.02 2.08 -3.59
N LEU A 28 -4.34 1.66 -2.53
CA LEU A 28 -3.90 0.28 -2.41
C LEU A 28 -4.98 -0.58 -1.75
N LEU A 29 -5.78 -1.24 -2.58
CA LEU A 29 -6.86 -2.09 -2.08
C LEU A 29 -6.29 -3.38 -1.49
N VAL A 30 -7.11 -4.06 -0.67
CA VAL A 30 -6.69 -5.30 -0.04
C VAL A 30 -7.73 -6.39 -0.25
N HIS A 31 -7.27 -7.63 -0.38
CA HIS A 31 -8.16 -8.76 -0.58
C HIS A 31 -7.81 -9.91 0.37
N ASN A 32 -8.69 -10.90 0.45
CA ASN A 32 -8.48 -12.05 1.33
C ASN A 32 -8.20 -11.60 2.75
N LEU A 33 -8.70 -10.42 3.11
CA LEU A 33 -8.50 -9.88 4.45
C LEU A 33 -8.90 -10.89 5.52
N PRO A 34 -8.41 -10.68 6.75
CA PRO A 34 -8.72 -11.56 7.87
C PRO A 34 -10.17 -11.47 8.33
N GLN A 35 -10.45 -12.00 9.51
CA GLN A 35 -11.81 -11.98 10.05
C GLN A 35 -11.94 -10.91 11.12
N ASP A 36 -11.02 -10.92 12.08
CA ASP A 36 -11.03 -9.95 13.17
C ASP A 36 -9.71 -9.18 13.22
N PRO A 37 -9.57 -8.20 12.32
CA PRO A 37 -8.37 -7.36 12.25
C PRO A 37 -8.23 -6.42 13.45
N ARG A 38 -7.27 -6.72 14.31
CA ARG A 38 -7.04 -5.90 15.50
C ARG A 38 -6.57 -4.50 15.11
N GLY A 39 -5.95 -4.39 13.95
CA GLY A 39 -5.46 -3.10 13.49
C GLY A 39 -4.55 -3.22 12.28
N TYR A 40 -4.51 -2.18 11.46
CA TYR A 40 -3.67 -2.18 10.26
C TYR A 40 -2.37 -1.42 10.52
N ASN A 41 -1.34 -1.79 9.78
CA ASN A 41 -0.03 -1.14 9.92
C ASN A 41 0.72 -1.13 8.59
N TRP A 42 0.90 0.06 8.03
CA TRP A 42 1.60 0.21 6.76
C TRP A 42 3.06 0.60 6.98
N TYR A 43 3.92 0.22 6.05
CA TYR A 43 5.34 0.52 6.14
C TYR A 43 5.91 0.93 4.78
N LYS A 44 7.09 1.53 4.80
CA LYS A 44 7.74 1.97 3.56
C LYS A 44 8.86 1.01 3.18
N GLY A 45 8.63 0.22 2.14
CA GLY A 45 9.63 -0.73 1.70
C GLY A 45 9.17 -2.16 1.79
N GLU A 46 10.10 -3.08 2.06
CA GLU A 46 9.78 -4.49 2.18
C GLU A 46 10.10 -5.01 3.58
N THR A 47 9.90 -4.16 4.58
CA THR A 47 10.18 -4.52 5.96
C THR A 47 9.12 -3.96 6.90
N VAL A 48 8.71 -4.76 7.88
CA VAL A 48 7.70 -4.34 8.84
C VAL A 48 8.35 -3.85 10.13
N ASP A 49 9.22 -2.86 10.01
CA ASP A 49 9.91 -2.29 11.17
C ASP A 49 9.34 -0.92 11.51
N ALA A 50 9.22 -0.65 12.80
CA ALA A 50 8.70 0.64 13.26
C ALA A 50 9.44 1.80 12.60
N ASN A 51 10.75 1.64 12.45
CA ASN A 51 11.58 2.68 11.84
C ASN A 51 11.02 3.09 10.47
N ARG A 52 10.56 2.10 9.70
CA ARG A 52 10.01 2.35 8.39
C ARG A 52 8.49 2.28 8.42
N ARG A 53 7.91 2.53 9.58
CA ARG A 53 6.46 2.49 9.74
C ARG A 53 5.82 3.81 9.29
N ILE A 54 5.00 3.73 8.26
CA ILE A 54 4.32 4.91 7.73
C ILE A 54 3.23 5.40 8.67
N ILE A 55 2.20 4.57 8.85
CA ILE A 55 1.10 4.92 9.73
C ILE A 55 0.38 3.67 10.24
N GLY A 56 -0.01 3.69 11.50
CA GLY A 56 -0.69 2.55 12.09
C GLY A 56 -2.05 2.92 12.66
N TYR A 57 -3.05 2.08 12.41
CA TYR A 57 -4.39 2.33 12.90
C TYR A 57 -4.93 1.13 13.68
N VAL A 58 -5.66 1.40 14.75
CA VAL A 58 -6.23 0.33 15.57
C VAL A 58 -7.75 0.36 15.53
N ILE A 59 -8.34 -0.71 14.99
CA ILE A 59 -9.79 -0.81 14.89
C ILE A 59 -10.43 -1.03 16.27
N SER A 60 -9.70 -1.73 17.14
CA SER A 60 -10.19 -2.02 18.48
C SER A 60 -10.28 -0.74 19.31
N ASN A 61 -9.29 0.13 19.15
CA ASN A 61 -9.25 1.39 19.88
C ASN A 61 -9.43 2.58 18.94
N GLN A 62 -9.84 2.28 17.71
CA GLN A 62 -10.05 3.33 16.70
C GLN A 62 -9.04 4.45 16.87
N GLN A 63 -7.79 4.08 17.15
CA GLN A 63 -6.73 5.06 17.33
C GLN A 63 -5.78 5.06 16.14
N ILE A 64 -5.04 6.15 15.97
CA ILE A 64 -4.09 6.26 14.88
C ILE A 64 -2.75 6.80 15.37
N THR A 65 -1.67 6.15 14.94
CA THR A 65 -0.32 6.55 15.34
C THR A 65 0.62 6.57 14.15
N PRO A 66 0.81 7.76 13.56
CA PRO A 66 1.69 7.93 12.40
C PRO A 66 3.17 7.76 12.76
N GLY A 67 3.93 7.20 11.83
CA GLY A 67 5.35 6.99 12.07
C GLY A 67 6.22 8.05 11.40
N PRO A 68 7.52 7.76 11.29
CA PRO A 68 8.48 8.69 10.68
C PRO A 68 8.27 8.83 9.17
N ALA A 69 7.82 7.75 8.54
CA ALA A 69 7.58 7.76 7.10
C ALA A 69 6.20 8.33 6.78
N TYR A 70 5.76 9.29 7.59
CA TYR A 70 4.46 9.93 7.39
C TYR A 70 4.62 11.42 7.10
N SER A 71 3.94 11.88 6.06
CA SER A 71 4.00 13.29 5.67
C SER A 71 2.60 13.89 5.56
N ASN A 72 1.65 13.26 6.24
CA ASN A 72 0.27 13.74 6.23
C ASN A 72 -0.30 13.72 4.82
N ARG A 73 -0.04 12.62 4.10
CA ARG A 73 -0.53 12.48 2.73
C ARG A 73 -1.25 11.15 2.54
N GLU A 74 -0.81 10.14 3.29
CA GLU A 74 -1.41 8.81 3.21
C GLU A 74 -2.57 8.68 4.20
N THR A 75 -3.57 7.88 3.83
CA THR A 75 -4.73 7.66 4.68
C THR A 75 -5.13 6.20 4.70
N ILE A 76 -5.19 5.61 5.89
CA ILE A 76 -5.56 4.21 6.03
C ILE A 76 -7.04 4.00 5.73
N TYR A 77 -7.46 2.74 5.67
CA TYR A 77 -8.84 2.41 5.39
C TYR A 77 -9.32 1.28 6.29
N PRO A 78 -10.66 1.14 6.40
CA PRO A 78 -11.28 0.09 7.23
C PRO A 78 -11.08 -1.30 6.65
N ASN A 79 -10.47 -1.37 5.47
CA ASN A 79 -10.22 -2.64 4.80
C ASN A 79 -8.73 -2.91 4.68
N ALA A 80 -7.93 -2.19 5.46
CA ALA A 80 -6.49 -2.34 5.44
C ALA A 80 -5.89 -1.76 4.17
N SER A 81 -6.50 -0.69 3.67
CA SER A 81 -6.03 -0.04 2.45
C SER A 81 -5.50 1.36 2.76
N LEU A 82 -4.51 1.80 1.98
CA LEU A 82 -3.92 3.11 2.17
C LEU A 82 -4.02 3.94 0.89
N LEU A 83 -4.63 5.13 1.01
CA LEU A 83 -4.79 6.01 -0.13
C LEU A 83 -3.67 7.05 -0.19
N MET A 84 -2.80 6.89 -1.19
CA MET A 84 -1.67 7.81 -1.36
C MET A 84 -2.07 9.00 -2.23
N ARG A 85 -1.78 10.20 -1.74
CA ARG A 85 -2.11 11.42 -2.48
C ARG A 85 -0.84 12.16 -2.90
N ASN A 86 -0.95 12.94 -3.98
CA ASN A 86 0.19 13.69 -4.47
C ASN A 86 1.43 12.82 -4.58
N VAL A 87 1.28 11.66 -5.22
CA VAL A 87 2.38 10.72 -5.39
C VAL A 87 3.56 11.39 -6.08
N THR A 88 4.68 10.68 -6.16
CA THR A 88 5.88 11.20 -6.79
C THR A 88 6.78 10.07 -7.29
N ARG A 89 7.46 10.31 -8.41
CA ARG A 89 8.36 9.32 -8.99
C ARG A 89 9.22 8.68 -7.90
N ASN A 90 9.52 9.43 -6.86
CA ASN A 90 10.34 8.94 -5.76
C ASN A 90 9.61 7.85 -4.98
N ASP A 91 8.35 8.12 -4.63
CA ASP A 91 7.55 7.16 -3.88
C ASP A 91 7.73 5.75 -4.44
N THR A 92 7.81 5.65 -5.76
CA THR A 92 7.98 4.35 -6.41
C THR A 92 8.98 3.49 -5.65
N GLY A 93 8.52 2.31 -5.23
CA GLY A 93 9.39 1.40 -4.51
C GLY A 93 8.64 0.18 -3.99
N SER A 94 8.36 0.18 -2.69
CA SER A 94 7.65 -0.94 -2.07
C SER A 94 6.94 -0.50 -0.80
N TYR A 95 5.80 -1.10 -0.51
CA TYR A 95 5.03 -0.78 0.68
C TYR A 95 4.45 -2.03 1.33
N THR A 96 4.97 -2.37 2.50
CA THR A 96 4.51 -3.55 3.23
C THR A 96 3.34 -3.21 4.14
N LEU A 97 2.27 -4.00 4.05
CA LEU A 97 1.08 -3.78 4.87
C LEU A 97 0.81 -4.99 5.76
N GLN A 98 0.98 -4.80 7.06
CA GLN A 98 0.75 -5.88 8.03
C GLN A 98 -0.64 -5.76 8.63
N VAL A 99 -1.28 -6.91 8.85
CA VAL A 99 -2.61 -6.95 9.44
C VAL A 99 -2.64 -7.81 10.69
N ILE A 100 -2.92 -7.19 11.83
CA ILE A 100 -2.98 -7.91 13.10
C ILE A 100 -4.39 -8.38 13.40
N LYS A 101 -4.50 -9.50 14.12
CA LYS A 101 -5.81 -10.05 14.47
C LYS A 101 -5.95 -10.17 15.99
N LEU A 102 -7.19 -10.13 16.46
CA LEU A 102 -7.47 -10.23 17.88
C LEU A 102 -6.83 -11.47 18.48
N ASN A 103 -6.41 -12.39 17.61
CA ASN A 103 -5.78 -13.63 18.04
C ASN A 103 -4.29 -13.42 18.28
N LEU A 104 -3.88 -12.17 18.46
CA LEU A 104 -2.49 -11.84 18.71
C LEU A 104 -1.61 -12.30 17.55
N MET A 105 -2.15 -12.22 16.34
CA MET A 105 -1.42 -12.63 15.14
C MET A 105 -1.20 -11.45 14.21
N SER A 106 -0.42 -11.66 13.16
CA SER A 106 -0.12 -10.61 12.19
C SER A 106 0.15 -11.21 10.81
N GLU A 107 -0.19 -10.45 9.77
CA GLU A 107 0.02 -10.89 8.40
C GLU A 107 1.01 -9.99 7.67
N GLU A 108 1.42 -10.42 6.48
CA GLU A 108 2.37 -9.65 5.68
C GLU A 108 1.97 -9.64 4.21
N VAL A 109 2.00 -8.47 3.59
CA VAL A 109 1.64 -8.34 2.18
C VAL A 109 2.28 -7.10 1.56
N THR A 110 3.18 -7.32 0.62
CA THR A 110 3.87 -6.23 -0.05
C THR A 110 3.04 -5.68 -1.20
N GLY A 111 2.40 -4.53 -0.96
CA GLY A 111 1.58 -3.92 -1.99
C GLY A 111 2.00 -2.49 -2.30
N GLN A 112 2.58 -2.28 -3.47
CA GLN A 112 3.03 -0.97 -3.88
C GLN A 112 2.53 -0.62 -5.28
N PHE A 113 2.94 0.54 -5.78
CA PHE A 113 2.52 0.98 -7.11
C PHE A 113 3.68 1.64 -7.86
N SER A 114 3.40 2.17 -9.03
CA SER A 114 4.42 2.82 -9.85
C SER A 114 3.94 4.19 -10.33
N VAL A 115 4.84 5.17 -10.28
CA VAL A 115 4.51 6.53 -10.71
C VAL A 115 5.24 6.89 -12.00
N HIS A 116 4.52 7.50 -12.93
CA HIS A 116 5.10 7.90 -14.20
C HIS A 116 4.65 9.31 -14.59
N PRO A 117 5.62 10.20 -14.82
CA PRO A 117 5.36 11.60 -15.20
C PRO A 117 4.79 11.71 -16.61
N GLU A 118 3.65 12.37 -16.73
CA GLU A 118 3.01 12.56 -18.02
C GLU A 118 3.88 13.41 -18.94
N THR A 119 4.86 12.77 -19.57
CA THR A 119 5.76 13.47 -20.49
C THR A 119 6.72 12.49 -21.16
N PRO A 120 6.96 12.71 -22.47
CA PRO A 120 7.85 11.87 -23.26
C PRO A 120 9.31 12.02 -22.86
N LYS A 121 10.07 10.93 -22.96
CA LYS A 121 11.49 10.96 -22.61
C LYS A 121 12.35 10.85 -23.86
N PRO A 122 13.49 11.58 -23.86
CA PRO A 122 14.43 11.58 -24.98
C PRO A 122 15.16 10.26 -25.13
N SER A 123 15.30 9.79 -26.36
CA SER A 123 15.98 8.54 -26.64
C SER A 123 17.34 8.49 -25.94
N ILE A 124 17.56 7.43 -25.16
CA ILE A 124 18.81 7.26 -24.44
C ILE A 124 20.01 7.34 -25.38
N SER A 125 21.01 8.12 -24.98
CA SER A 125 22.21 8.28 -25.79
C SER A 125 23.30 9.02 -25.02
N GLY A 126 24.53 8.56 -25.14
CA GLY A 126 25.64 9.19 -24.45
C GLY A 126 25.50 9.11 -22.94
N PRO A 127 26.17 10.02 -22.23
CA PRO A 127 26.14 10.07 -20.76
C PRO A 127 24.78 10.50 -20.23
N SER A 128 24.68 10.64 -18.91
CA SER A 128 23.44 11.06 -18.27
C SER A 128 23.40 12.56 -18.07
N SER A 129 22.28 13.18 -18.42
CA SER A 129 22.12 14.63 -18.28
C SER A 129 21.13 14.96 -17.17
N GLY A 130 21.48 15.93 -16.33
CA GLY A 130 20.62 16.32 -15.24
C GLY A 130 21.25 17.37 -14.34
N GLY A 1 -1.91 -20.40 -16.83
CA GLY A 1 -1.47 -21.70 -16.38
C GLY A 1 -0.34 -21.62 -15.36
N SER A 2 -0.61 -20.95 -14.25
CA SER A 2 0.39 -20.79 -13.19
C SER A 2 -0.28 -20.48 -11.85
N SER A 3 -0.01 -21.31 -10.86
CA SER A 3 -0.58 -21.13 -9.53
C SER A 3 0.00 -22.12 -8.53
N GLY A 4 0.66 -21.61 -7.51
CA GLY A 4 1.27 -22.46 -6.50
C GLY A 4 1.34 -21.80 -5.14
N SER A 5 0.31 -21.97 -4.34
CA SER A 5 0.26 -21.38 -3.00
C SER A 5 -0.75 -22.10 -2.12
N SER A 6 -0.49 -22.10 -0.82
CA SER A 6 -1.38 -22.75 0.14
C SER A 6 -2.83 -22.29 -0.05
N GLY A 7 -3.75 -23.24 0.01
CA GLY A 7 -5.16 -22.91 -0.15
C GLY A 7 -5.42 -22.08 -1.39
N THR A 8 -6.52 -21.33 -1.38
CA THR A 8 -6.88 -20.50 -2.53
C THR A 8 -7.16 -19.06 -2.09
N ALA A 9 -6.33 -18.57 -1.17
CA ALA A 9 -6.48 -17.21 -0.68
C ALA A 9 -5.24 -16.76 0.09
N GLN A 10 -4.77 -15.55 -0.21
CA GLN A 10 -3.58 -15.01 0.45
C GLN A 10 -3.62 -13.49 0.47
N LEU A 11 -3.42 -12.91 1.66
CA LEU A 11 -3.44 -11.47 1.82
C LEU A 11 -2.67 -10.78 0.69
N THR A 12 -3.40 -10.17 -0.23
CA THR A 12 -2.79 -9.49 -1.36
C THR A 12 -3.21 -8.02 -1.41
N ILE A 13 -2.61 -7.26 -2.31
CA ILE A 13 -2.92 -5.85 -2.47
C ILE A 13 -2.93 -5.44 -3.93
N GLU A 14 -3.91 -4.63 -4.30
CA GLU A 14 -4.04 -4.16 -5.69
C GLU A 14 -4.14 -2.64 -5.74
N ALA A 15 -3.10 -2.00 -6.25
CA ALA A 15 -3.07 -0.54 -6.36
C ALA A 15 -4.15 -0.05 -7.33
N VAL A 16 -4.82 1.03 -6.97
CA VAL A 16 -5.86 1.61 -7.81
C VAL A 16 -5.80 3.14 -7.79
N PRO A 17 -5.37 3.72 -8.91
CA PRO A 17 -4.98 2.96 -10.11
C PRO A 17 -3.68 2.19 -9.89
N SER A 18 -3.23 1.49 -10.92
CA SER A 18 -2.01 0.70 -10.85
C SER A 18 -0.81 1.53 -11.29
N ASN A 19 -1.05 2.52 -12.13
CA ASN A 19 0.01 3.40 -12.63
C ASN A 19 -0.43 4.86 -12.59
N ALA A 20 -0.20 5.51 -11.45
CA ALA A 20 -0.56 6.91 -11.29
C ALA A 20 0.58 7.82 -11.70
N ALA A 21 0.28 9.11 -11.86
CA ALA A 21 1.28 10.09 -12.25
C ALA A 21 1.61 11.03 -11.10
N GLU A 22 2.77 11.68 -11.17
CA GLU A 22 3.20 12.61 -10.13
C GLU A 22 2.08 13.58 -9.77
N GLY A 23 1.79 13.68 -8.47
CA GLY A 23 0.74 14.57 -8.02
C GLY A 23 -0.61 13.88 -7.92
N LYS A 24 -0.67 12.64 -8.40
CA LYS A 24 -1.91 11.87 -8.36
C LYS A 24 -2.01 11.07 -7.06
N GLU A 25 -3.12 10.37 -6.90
CA GLU A 25 -3.35 9.57 -5.70
C GLU A 25 -3.53 8.10 -6.06
N VAL A 26 -3.01 7.21 -5.21
CA VAL A 26 -3.11 5.78 -5.44
C VAL A 26 -3.75 5.08 -4.24
N LEU A 27 -4.73 4.23 -4.51
CA LEU A 27 -5.42 3.49 -3.46
C LEU A 27 -4.99 2.02 -3.44
N LEU A 28 -4.20 1.67 -2.45
CA LEU A 28 -3.72 0.29 -2.32
C LEU A 28 -4.76 -0.59 -1.63
N LEU A 29 -5.60 -1.24 -2.43
CA LEU A 29 -6.64 -2.11 -1.90
C LEU A 29 -6.04 -3.41 -1.35
N VAL A 30 -6.81 -4.09 -0.51
CA VAL A 30 -6.36 -5.34 0.10
C VAL A 30 -7.43 -6.42 0.00
N HIS A 31 -7.07 -7.56 -0.57
CA HIS A 31 -8.00 -8.66 -0.72
C HIS A 31 -7.65 -9.81 0.24
N ASN A 32 -8.49 -10.83 0.25
CA ASN A 32 -8.28 -11.98 1.13
C ASN A 32 -8.04 -11.54 2.56
N LEU A 33 -8.56 -10.36 2.91
CA LEU A 33 -8.40 -9.82 4.25
C LEU A 33 -8.78 -10.86 5.30
N PRO A 34 -8.27 -10.67 6.53
CA PRO A 34 -8.54 -11.58 7.64
C PRO A 34 -9.98 -11.50 8.13
N GLN A 35 -10.31 -12.26 9.17
CA GLN A 35 -11.64 -12.27 9.73
C GLN A 35 -11.87 -11.04 10.61
N ASP A 36 -11.00 -10.85 11.59
CA ASP A 36 -11.10 -9.72 12.50
C ASP A 36 -9.76 -9.00 12.64
N PRO A 37 -9.52 -8.02 11.75
CA PRO A 37 -8.28 -7.25 11.75
C PRO A 37 -8.17 -6.31 12.95
N ARG A 38 -7.62 -6.82 14.04
CA ARG A 38 -7.47 -6.03 15.26
C ARG A 38 -6.92 -4.65 14.94
N GLY A 39 -6.11 -4.56 13.89
CA GLY A 39 -5.54 -3.29 13.50
C GLY A 39 -4.60 -3.41 12.31
N TYR A 40 -4.43 -2.32 11.58
CA TYR A 40 -3.56 -2.31 10.41
C TYR A 40 -2.25 -1.58 10.71
N ASN A 41 -1.24 -1.84 9.88
CA ASN A 41 0.06 -1.20 10.05
C ASN A 41 0.84 -1.19 8.74
N TRP A 42 0.95 -0.03 8.13
CA TRP A 42 1.67 0.10 6.86
C TRP A 42 3.13 0.47 7.11
N TYR A 43 3.99 0.12 6.15
CA TYR A 43 5.41 0.40 6.27
C TYR A 43 6.02 0.69 4.90
N LYS A 44 7.27 1.16 4.90
CA LYS A 44 7.96 1.48 3.66
C LYS A 44 9.11 0.49 3.42
N GLY A 45 9.17 -0.06 2.21
CA GLY A 45 10.21 -1.01 1.87
C GLY A 45 9.67 -2.34 1.41
N GLU A 46 10.37 -3.42 1.73
CA GLU A 46 9.95 -4.75 1.34
C GLU A 46 9.88 -5.68 2.55
N THR A 47 9.66 -5.10 3.72
CA THR A 47 9.57 -5.87 4.95
C THR A 47 9.06 -5.01 6.10
N VAL A 48 8.75 -5.65 7.23
CA VAL A 48 8.25 -4.95 8.40
C VAL A 48 9.33 -4.08 9.02
N ASP A 49 9.26 -2.78 8.75
CA ASP A 49 10.23 -1.83 9.29
C ASP A 49 9.55 -0.80 10.19
N ALA A 50 9.69 -0.98 11.50
CA ALA A 50 9.09 -0.06 12.46
C ALA A 50 9.61 1.36 12.26
N ASN A 51 10.89 1.47 11.95
CA ASN A 51 11.52 2.77 11.74
C ASN A 51 10.93 3.46 10.51
N ARG A 52 10.38 2.67 9.60
CA ARG A 52 9.79 3.21 8.38
C ARG A 52 8.26 3.10 8.43
N ARG A 53 7.73 2.88 9.62
CA ARG A 53 6.29 2.76 9.81
C ARG A 53 5.56 3.99 9.27
N ILE A 54 4.97 3.84 8.09
CA ILE A 54 4.25 4.95 7.46
C ILE A 54 3.08 5.41 8.34
N ILE A 55 2.24 4.47 8.75
CA ILE A 55 1.10 4.79 9.59
C ILE A 55 0.45 3.52 10.13
N GLY A 56 -0.08 3.60 11.35
CA GLY A 56 -0.74 2.44 11.95
C GLY A 56 -2.05 2.80 12.62
N TYR A 57 -3.08 2.02 12.35
CA TYR A 57 -4.40 2.27 12.94
C TYR A 57 -4.93 1.03 13.63
N VAL A 58 -5.58 1.22 14.77
CA VAL A 58 -6.13 0.11 15.53
C VAL A 58 -7.66 0.21 15.62
N ILE A 59 -8.35 -0.76 15.02
CA ILE A 59 -9.80 -0.78 15.04
C ILE A 59 -10.34 -1.02 16.44
N SER A 60 -9.56 -1.73 17.26
CA SER A 60 -9.96 -2.03 18.63
C SER A 60 -10.27 -0.74 19.39
N ASN A 61 -9.37 0.22 19.31
CA ASN A 61 -9.54 1.50 20.00
C ASN A 61 -9.56 2.65 19.00
N GLN A 62 -9.77 2.33 17.74
CA GLN A 62 -9.82 3.34 16.68
C GLN A 62 -8.79 4.43 16.93
N GLN A 63 -7.55 4.02 17.22
CA GLN A 63 -6.47 4.96 17.48
C GLN A 63 -5.51 5.03 16.29
N ILE A 64 -5.09 6.25 15.96
CA ILE A 64 -4.17 6.45 14.85
C ILE A 64 -2.83 7.01 15.34
N THR A 65 -1.74 6.39 14.91
CA THR A 65 -0.41 6.83 15.30
C THR A 65 0.52 6.88 14.10
N PRO A 66 0.69 8.08 13.53
CA PRO A 66 1.56 8.31 12.37
C PRO A 66 3.03 8.15 12.71
N GLY A 67 3.78 7.50 11.83
CA GLY A 67 5.20 7.30 12.06
C GLY A 67 6.05 8.33 11.35
N PRO A 68 7.37 8.07 11.30
CA PRO A 68 8.32 8.98 10.64
C PRO A 68 8.17 8.99 9.13
N ALA A 69 7.78 7.85 8.58
CA ALA A 69 7.59 7.72 7.14
C ALA A 69 6.22 8.22 6.71
N TYR A 70 5.74 9.25 7.39
CA TYR A 70 4.43 9.83 7.09
C TYR A 70 4.58 11.17 6.39
N SER A 71 3.78 11.38 5.35
CA SER A 71 3.82 12.63 4.59
C SER A 71 2.44 13.30 4.57
N ASN A 72 1.64 12.99 5.58
CA ASN A 72 0.30 13.56 5.68
C ASN A 72 -0.44 13.47 4.34
N ARG A 73 -0.11 12.45 3.56
CA ARG A 73 -0.74 12.24 2.26
C ARG A 73 -1.40 10.88 2.19
N GLU A 74 -0.92 9.95 3.01
CA GLU A 74 -1.47 8.60 3.03
C GLU A 74 -2.55 8.46 4.10
N THR A 75 -3.65 7.80 3.74
CA THR A 75 -4.75 7.61 4.67
C THR A 75 -5.18 6.14 4.73
N ILE A 76 -5.26 5.61 5.95
CA ILE A 76 -5.65 4.22 6.14
C ILE A 76 -7.14 4.02 5.88
N TYR A 77 -7.54 2.76 5.72
CA TYR A 77 -8.93 2.44 5.46
C TYR A 77 -9.41 1.29 6.35
N PRO A 78 -10.73 1.15 6.49
CA PRO A 78 -11.34 0.10 7.31
C PRO A 78 -11.16 -1.29 6.69
N ASN A 79 -10.46 -1.34 5.57
CA ASN A 79 -10.21 -2.61 4.88
C ASN A 79 -8.72 -2.89 4.78
N ALA A 80 -7.92 -2.14 5.54
CA ALA A 80 -6.48 -2.32 5.53
C ALA A 80 -5.86 -1.73 4.27
N SER A 81 -6.52 -0.71 3.71
CA SER A 81 -6.03 -0.07 2.49
C SER A 81 -5.44 1.30 2.81
N LEU A 82 -4.50 1.74 1.99
CA LEU A 82 -3.85 3.03 2.18
C LEU A 82 -3.91 3.86 0.90
N LEU A 83 -4.50 5.05 1.01
CA LEU A 83 -4.63 5.95 -0.13
C LEU A 83 -3.49 6.97 -0.15
N MET A 84 -2.53 6.76 -1.04
CA MET A 84 -1.38 7.66 -1.16
C MET A 84 -1.74 8.87 -2.01
N ARG A 85 -1.34 10.06 -1.56
CA ARG A 85 -1.62 11.28 -2.29
C ARG A 85 -0.32 12.00 -2.66
N ASN A 86 -0.40 12.89 -3.65
CA ASN A 86 0.76 13.64 -4.11
C ASN A 86 1.96 12.72 -4.27
N VAL A 87 1.74 11.58 -4.92
CA VAL A 87 2.81 10.61 -5.16
C VAL A 87 3.89 11.20 -6.06
N THR A 88 5.08 10.60 -6.02
CA THR A 88 6.20 11.07 -6.83
C THR A 88 6.99 9.90 -7.39
N ARG A 89 7.73 10.15 -8.47
CA ARG A 89 8.53 9.12 -9.10
C ARG A 89 9.40 8.40 -8.08
N ASN A 90 9.63 9.05 -6.95
CA ASN A 90 10.45 8.47 -5.89
C ASN A 90 9.68 7.40 -5.13
N ASP A 91 8.45 7.72 -4.75
CA ASP A 91 7.60 6.78 -4.02
C ASP A 91 7.72 5.38 -4.59
N THR A 92 7.84 5.29 -5.92
CA THR A 92 7.96 4.01 -6.60
C THR A 92 8.97 3.11 -5.90
N GLY A 93 8.52 1.94 -5.46
CA GLY A 93 9.40 1.01 -4.79
C GLY A 93 8.65 -0.20 -4.23
N SER A 94 8.38 -0.17 -2.94
CA SER A 94 7.68 -1.27 -2.28
C SER A 94 7.04 -0.80 -0.97
N TYR A 95 5.88 -1.38 -0.65
CA TYR A 95 5.17 -1.02 0.57
C TYR A 95 4.55 -2.26 1.22
N THR A 96 4.95 -2.52 2.46
CA THR A 96 4.44 -3.67 3.19
C THR A 96 3.38 -3.25 4.21
N LEU A 97 2.28 -4.00 4.27
CA LEU A 97 1.20 -3.71 5.19
C LEU A 97 0.87 -4.92 6.05
N GLN A 98 1.11 -4.81 7.34
CA GLN A 98 0.83 -5.90 8.27
C GLN A 98 -0.46 -5.66 9.04
N VAL A 99 -1.34 -6.65 9.05
CA VAL A 99 -2.61 -6.54 9.75
C VAL A 99 -2.68 -7.51 10.92
N ILE A 100 -2.93 -6.98 12.11
CA ILE A 100 -3.03 -7.80 13.31
C ILE A 100 -4.45 -8.33 13.50
N LYS A 101 -4.56 -9.59 13.88
CA LYS A 101 -5.85 -10.22 14.11
C LYS A 101 -6.25 -10.16 15.58
N LEU A 102 -7.51 -10.44 15.87
CA LEU A 102 -8.01 -10.42 17.23
C LEU A 102 -7.46 -11.60 18.03
N ASN A 103 -6.95 -12.60 17.32
CA ASN A 103 -6.38 -13.78 17.97
C ASN A 103 -4.90 -13.60 18.25
N LEU A 104 -4.48 -12.35 18.41
CA LEU A 104 -3.09 -12.05 18.69
C LEU A 104 -2.19 -12.56 17.57
N MET A 105 -2.56 -12.26 16.34
CA MET A 105 -1.78 -12.69 15.18
C MET A 105 -1.52 -11.53 14.24
N SER A 106 -0.74 -11.77 13.19
CA SER A 106 -0.41 -10.75 12.21
C SER A 106 -0.03 -11.36 10.87
N GLU A 107 -0.41 -10.69 9.79
CA GLU A 107 -0.11 -11.18 8.44
C GLU A 107 0.70 -10.15 7.66
N GLU A 108 1.35 -10.62 6.59
CA GLU A 108 2.16 -9.74 5.77
C GLU A 108 1.70 -9.79 4.31
N VAL A 109 1.75 -8.64 3.64
CA VAL A 109 1.34 -8.55 2.24
C VAL A 109 2.02 -7.38 1.55
N THR A 110 2.96 -7.69 0.65
CA THR A 110 3.68 -6.66 -0.08
C THR A 110 2.81 -6.04 -1.17
N GLY A 111 2.39 -4.79 -0.95
CA GLY A 111 1.56 -4.11 -1.92
C GLY A 111 2.05 -2.71 -2.23
N GLN A 112 2.45 -2.49 -3.48
CA GLN A 112 2.95 -1.18 -3.90
C GLN A 112 2.43 -0.82 -5.29
N PHE A 113 2.90 0.30 -5.81
CA PHE A 113 2.48 0.76 -7.13
C PHE A 113 3.65 1.39 -7.89
N SER A 114 3.38 1.88 -9.09
CA SER A 114 4.40 2.50 -9.91
C SER A 114 3.93 3.86 -10.44
N VAL A 115 4.77 4.87 -10.25
CA VAL A 115 4.44 6.23 -10.71
C VAL A 115 5.25 6.59 -11.95
N HIS A 116 4.68 7.47 -12.77
CA HIS A 116 5.34 7.91 -14.00
C HIS A 116 5.00 9.36 -14.31
N PRO A 117 6.02 10.13 -14.75
CA PRO A 117 5.84 11.54 -15.10
C PRO A 117 5.00 11.74 -16.36
N GLU A 118 4.14 12.75 -16.33
CA GLU A 118 3.27 13.05 -17.47
C GLU A 118 4.07 13.69 -18.60
N THR A 119 4.74 12.87 -19.41
CA THR A 119 5.53 13.36 -20.52
C THR A 119 5.37 12.47 -21.74
N PRO A 120 5.56 13.05 -22.94
CA PRO A 120 5.44 12.34 -24.20
C PRO A 120 6.57 11.33 -24.41
N LYS A 121 6.43 10.49 -25.43
CA LYS A 121 7.43 9.49 -25.73
C LYS A 121 7.54 9.26 -27.24
N PRO A 122 8.61 9.78 -27.86
CA PRO A 122 8.86 9.65 -29.29
C PRO A 122 9.21 8.22 -29.69
N SER A 123 10.14 7.63 -28.96
CA SER A 123 10.58 6.26 -29.23
C SER A 123 10.61 5.43 -27.96
N ILE A 124 10.80 4.13 -28.11
CA ILE A 124 10.86 3.22 -26.97
C ILE A 124 12.14 2.40 -26.98
N SER A 125 12.41 1.75 -28.10
CA SER A 125 13.61 0.93 -28.24
C SER A 125 14.85 1.80 -28.44
N GLY A 126 15.67 1.90 -27.39
CA GLY A 126 16.88 2.71 -27.48
C GLY A 126 17.55 2.86 -26.13
N PRO A 127 18.88 3.08 -26.15
CA PRO A 127 19.67 3.26 -24.93
C PRO A 127 19.36 4.58 -24.22
N SER A 128 18.89 5.56 -24.99
CA SER A 128 18.56 6.86 -24.44
C SER A 128 17.50 7.56 -25.28
N SER A 129 16.62 8.31 -24.62
CA SER A 129 15.54 9.02 -25.30
C SER A 129 16.02 9.56 -26.64
N GLY A 130 17.22 10.14 -26.65
CA GLY A 130 17.78 10.69 -27.87
C GLY A 130 17.57 12.18 -27.99
N GLY A 1 -28.00 -20.56 -5.82
CA GLY A 1 -26.92 -19.61 -5.97
C GLY A 1 -26.04 -19.90 -7.17
N SER A 2 -24.94 -19.16 -7.30
CA SER A 2 -24.02 -19.34 -8.41
C SER A 2 -22.59 -19.06 -7.97
N SER A 3 -21.63 -19.70 -8.63
CA SER A 3 -20.22 -19.53 -8.32
C SER A 3 -19.59 -18.46 -9.20
N GLY A 4 -18.42 -17.98 -8.80
CA GLY A 4 -17.74 -16.95 -9.57
C GLY A 4 -16.23 -17.12 -9.54
N SER A 5 -15.63 -16.85 -8.39
CA SER A 5 -14.18 -16.96 -8.23
C SER A 5 -13.84 -17.67 -6.92
N SER A 6 -13.18 -18.82 -7.03
CA SER A 6 -12.78 -19.60 -5.86
C SER A 6 -11.33 -20.03 -5.96
N GLY A 7 -10.68 -20.19 -4.81
CA GLY A 7 -9.29 -20.60 -4.79
C GLY A 7 -8.56 -20.13 -3.54
N THR A 8 -7.41 -20.73 -3.27
CA THR A 8 -6.62 -20.36 -2.11
C THR A 8 -6.69 -18.87 -1.84
N ALA A 9 -6.88 -18.51 -0.57
CA ALA A 9 -6.96 -17.11 -0.19
C ALA A 9 -5.71 -16.66 0.57
N GLN A 10 -5.17 -15.52 0.19
CA GLN A 10 -3.96 -14.99 0.84
C GLN A 10 -3.95 -13.47 0.78
N LEU A 11 -3.69 -12.84 1.92
CA LEU A 11 -3.63 -11.39 2.00
C LEU A 11 -2.87 -10.80 0.83
N THR A 12 -3.60 -10.11 -0.05
CA THR A 12 -3.00 -9.50 -1.22
C THR A 12 -3.41 -8.04 -1.36
N ILE A 13 -2.80 -7.33 -2.31
CA ILE A 13 -3.11 -5.92 -2.53
C ILE A 13 -2.96 -5.55 -4.00
N GLU A 14 -3.93 -4.81 -4.52
CA GLU A 14 -3.90 -4.39 -5.91
C GLU A 14 -3.96 -2.87 -6.03
N ALA A 15 -2.89 -2.28 -6.56
CA ALA A 15 -2.81 -0.83 -6.73
C ALA A 15 -3.97 -0.32 -7.58
N VAL A 16 -4.61 0.75 -7.13
CA VAL A 16 -5.72 1.34 -7.85
C VAL A 16 -5.67 2.87 -7.81
N PRO A 17 -5.27 3.48 -8.93
CA PRO A 17 -4.91 2.73 -10.15
C PRO A 17 -3.60 1.96 -10.00
N SER A 18 -3.17 1.32 -11.07
CA SER A 18 -1.94 0.54 -11.05
C SER A 18 -0.73 1.42 -11.34
N ASN A 19 -0.98 2.56 -11.97
CA ASN A 19 0.09 3.50 -12.30
C ASN A 19 -0.45 4.93 -12.38
N ALA A 20 -0.13 5.74 -11.38
CA ALA A 20 -0.57 7.12 -11.34
C ALA A 20 0.55 8.07 -11.73
N ALA A 21 0.19 9.31 -12.04
CA ALA A 21 1.17 10.32 -12.43
C ALA A 21 1.55 11.21 -11.24
N GLU A 22 2.76 11.75 -11.27
CA GLU A 22 3.24 12.61 -10.20
C GLU A 22 2.14 13.58 -9.75
N GLY A 23 1.88 13.60 -8.45
CA GLY A 23 0.86 14.48 -7.92
C GLY A 23 -0.48 13.79 -7.77
N LYS A 24 -0.60 12.60 -8.36
CA LYS A 24 -1.84 11.84 -8.30
C LYS A 24 -1.90 11.00 -7.02
N GLU A 25 -3.06 10.38 -6.78
CA GLU A 25 -3.23 9.55 -5.60
C GLU A 25 -3.43 8.09 -5.98
N VAL A 26 -2.90 7.20 -5.16
CA VAL A 26 -3.02 5.76 -5.41
C VAL A 26 -3.66 5.04 -4.23
N LEU A 27 -4.72 4.29 -4.50
CA LEU A 27 -5.43 3.55 -3.47
C LEU A 27 -5.05 2.07 -3.48
N LEU A 28 -4.26 1.66 -2.50
CA LEU A 28 -3.82 0.27 -2.40
C LEU A 28 -4.88 -0.59 -1.72
N LEU A 29 -5.71 -1.24 -2.51
CA LEU A 29 -6.76 -2.10 -1.98
C LEU A 29 -6.19 -3.39 -1.41
N VAL A 30 -6.93 -4.01 -0.50
CA VAL A 30 -6.48 -5.26 0.12
C VAL A 30 -7.58 -6.32 0.06
N HIS A 31 -7.22 -7.51 -0.41
CA HIS A 31 -8.17 -8.61 -0.52
C HIS A 31 -7.82 -9.72 0.47
N ASN A 32 -8.65 -10.76 0.48
CA ASN A 32 -8.43 -11.89 1.37
C ASN A 32 -8.13 -11.41 2.79
N LEU A 33 -8.63 -10.23 3.13
CA LEU A 33 -8.42 -9.66 4.45
C LEU A 33 -8.78 -10.66 5.55
N PRO A 34 -8.28 -10.43 6.76
CA PRO A 34 -8.55 -11.29 7.91
C PRO A 34 -9.99 -11.19 8.39
N GLN A 35 -10.39 -12.12 9.24
CA GLN A 35 -11.75 -12.14 9.77
C GLN A 35 -11.95 -11.05 10.82
N ASP A 36 -10.94 -10.85 11.65
CA ASP A 36 -10.99 -9.84 12.70
C ASP A 36 -9.69 -9.04 12.76
N PRO A 37 -9.61 -7.99 11.92
CA PRO A 37 -8.42 -7.13 11.86
C PRO A 37 -8.26 -6.27 13.10
N ARG A 38 -7.48 -6.77 14.06
CA ARG A 38 -7.24 -6.04 15.30
C ARG A 38 -6.66 -4.65 15.03
N GLY A 39 -5.91 -4.54 13.94
CA GLY A 39 -5.32 -3.26 13.58
C GLY A 39 -4.42 -3.36 12.37
N TYR A 40 -4.44 -2.32 11.53
CA TYR A 40 -3.62 -2.29 10.33
C TYR A 40 -2.32 -1.54 10.57
N ASN A 41 -1.29 -1.91 9.82
CA ASN A 41 0.02 -1.27 9.95
C ASN A 41 0.76 -1.26 8.62
N TRP A 42 0.92 -0.08 8.05
CA TRP A 42 1.61 0.07 6.77
C TRP A 42 3.08 0.44 6.98
N TYR A 43 3.90 0.16 5.98
CA TYR A 43 5.32 0.45 6.06
C TYR A 43 5.89 0.81 4.68
N LYS A 44 7.12 1.30 4.67
CA LYS A 44 7.78 1.68 3.42
C LYS A 44 8.89 0.71 3.07
N GLY A 45 8.64 -0.13 2.07
CA GLY A 45 9.65 -1.10 1.65
C GLY A 45 9.16 -2.53 1.79
N GLU A 46 10.08 -3.44 2.06
CA GLU A 46 9.74 -4.86 2.21
C GLU A 46 10.04 -5.34 3.63
N THR A 47 9.78 -4.50 4.61
CA THR A 47 10.03 -4.84 6.01
C THR A 47 9.01 -4.18 6.93
N VAL A 48 8.66 -4.88 8.00
CA VAL A 48 7.69 -4.36 8.96
C VAL A 48 8.39 -3.78 10.19
N ASP A 49 9.20 -2.75 9.98
CA ASP A 49 9.93 -2.11 11.06
C ASP A 49 9.32 -0.75 11.39
N ALA A 50 9.18 -0.47 12.68
CA ALA A 50 8.62 0.80 13.13
C ALA A 50 9.30 1.97 12.44
N ASN A 51 10.62 1.89 12.30
CA ASN A 51 11.39 2.94 11.66
C ASN A 51 10.84 3.27 10.28
N ARG A 52 10.46 2.24 9.54
CA ARG A 52 9.90 2.42 8.20
C ARG A 52 8.38 2.30 8.23
N ARG A 53 7.79 2.58 9.38
CA ARG A 53 6.34 2.51 9.53
C ARG A 53 5.69 3.82 9.10
N ILE A 54 4.90 3.75 8.04
CA ILE A 54 4.20 4.94 7.54
C ILE A 54 3.13 5.40 8.50
N ILE A 55 2.20 4.52 8.83
CA ILE A 55 1.12 4.84 9.75
C ILE A 55 0.41 3.58 10.24
N GLY A 56 -0.06 3.61 11.48
CA GLY A 56 -0.76 2.47 12.04
C GLY A 56 -2.09 2.84 12.65
N TYR A 57 -3.08 1.97 12.47
CA TYR A 57 -4.42 2.22 13.01
C TYR A 57 -4.94 0.99 13.75
N VAL A 58 -5.65 1.22 14.85
CA VAL A 58 -6.21 0.13 15.64
C VAL A 58 -7.74 0.21 15.68
N ILE A 59 -8.38 -0.81 15.11
CA ILE A 59 -9.84 -0.86 15.09
C ILE A 59 -10.41 -1.15 16.46
N SER A 60 -9.57 -1.67 17.35
CA SER A 60 -9.98 -1.99 18.72
C SER A 60 -10.19 -0.72 19.53
N ASN A 61 -9.42 0.32 19.22
CA ASN A 61 -9.52 1.58 19.93
C ASN A 61 -9.58 2.75 18.96
N GLN A 62 -9.78 2.43 17.68
CA GLN A 62 -9.85 3.47 16.64
C GLN A 62 -8.81 4.54 16.87
N GLN A 63 -7.58 4.13 17.14
CA GLN A 63 -6.49 5.07 17.38
C GLN A 63 -5.58 5.17 16.17
N ILE A 64 -5.05 6.37 15.93
CA ILE A 64 -4.16 6.60 14.80
C ILE A 64 -2.79 7.09 15.26
N THR A 65 -1.74 6.43 14.79
CA THR A 65 -0.38 6.80 15.15
C THR A 65 0.50 6.93 13.91
N PRO A 66 0.70 8.18 13.46
CA PRO A 66 1.53 8.47 12.28
C PRO A 66 3.01 8.22 12.53
N GLY A 67 3.64 7.47 11.65
CA GLY A 67 5.05 7.17 11.79
C GLY A 67 5.94 8.21 11.14
N PRO A 68 7.24 7.94 11.09
CA PRO A 68 8.23 8.85 10.49
C PRO A 68 8.08 8.95 8.97
N ALA A 69 7.64 7.86 8.35
CA ALA A 69 7.45 7.82 6.91
C ALA A 69 6.10 8.40 6.51
N TYR A 70 5.63 9.38 7.29
CA TYR A 70 4.35 10.02 7.02
C TYR A 70 4.55 11.46 6.56
N SER A 71 3.96 11.79 5.42
CA SER A 71 4.07 13.14 4.87
C SER A 71 2.69 13.81 4.80
N ASN A 72 1.78 13.36 5.65
CA ASN A 72 0.43 13.92 5.68
C ASN A 72 -0.26 13.77 4.32
N ARG A 73 -0.09 12.60 3.71
CA ARG A 73 -0.70 12.33 2.41
C ARG A 73 -1.38 10.96 2.41
N GLU A 74 -0.80 10.01 3.13
CA GLU A 74 -1.36 8.66 3.20
C GLU A 74 -2.50 8.60 4.20
N THR A 75 -3.51 7.78 3.89
CA THR A 75 -4.66 7.64 4.77
C THR A 75 -5.14 6.19 4.81
N ILE A 76 -5.11 5.60 6.00
CA ILE A 76 -5.53 4.21 6.18
C ILE A 76 -7.03 4.07 5.90
N TYR A 77 -7.48 2.82 5.78
CA TYR A 77 -8.88 2.55 5.51
C TYR A 77 -9.37 1.38 6.37
N PRO A 78 -10.71 1.28 6.51
CA PRO A 78 -11.34 0.22 7.30
C PRO A 78 -11.21 -1.16 6.65
N ASN A 79 -10.50 -1.20 5.52
CA ASN A 79 -10.28 -2.45 4.80
C ASN A 79 -8.80 -2.77 4.69
N ALA A 80 -7.99 -2.10 5.51
CA ALA A 80 -6.55 -2.33 5.51
C ALA A 80 -5.91 -1.72 4.27
N SER A 81 -6.55 -0.70 3.70
CA SER A 81 -6.04 -0.04 2.50
C SER A 81 -5.36 1.27 2.87
N LEU A 82 -4.54 1.78 1.96
CA LEU A 82 -3.83 3.03 2.17
C LEU A 82 -3.90 3.93 0.94
N LEU A 83 -4.53 5.08 1.10
CA LEU A 83 -4.66 6.03 -0.01
C LEU A 83 -3.50 7.01 -0.03
N MET A 84 -2.58 6.80 -0.96
CA MET A 84 -1.42 7.67 -1.09
C MET A 84 -1.76 8.93 -1.87
N ARG A 85 -1.35 10.08 -1.34
CA ARG A 85 -1.63 11.36 -1.99
C ARG A 85 -0.33 12.07 -2.35
N ASN A 86 -0.34 12.78 -3.48
CA ASN A 86 0.84 13.51 -3.93
C ASN A 86 2.01 12.56 -4.17
N VAL A 87 1.75 11.48 -4.91
CA VAL A 87 2.79 10.49 -5.20
C VAL A 87 3.93 11.11 -6.00
N THR A 88 4.99 10.35 -6.19
CA THR A 88 6.15 10.82 -6.93
C THR A 88 6.93 9.66 -7.53
N ARG A 89 7.98 9.99 -8.30
CA ARG A 89 8.80 8.97 -8.93
C ARG A 89 9.58 8.17 -7.90
N ASN A 90 10.11 8.86 -6.89
CA ASN A 90 10.87 8.21 -5.84
C ASN A 90 10.00 7.23 -5.06
N ASP A 91 8.74 7.59 -4.85
CA ASP A 91 7.81 6.74 -4.13
C ASP A 91 7.86 5.30 -4.66
N THR A 92 7.92 5.17 -5.98
CA THR A 92 7.98 3.85 -6.61
C THR A 92 8.97 2.94 -5.89
N GLY A 93 8.48 1.81 -5.39
CA GLY A 93 9.34 0.88 -4.70
C GLY A 93 8.58 -0.30 -4.14
N SER A 94 8.31 -0.28 -2.84
CA SER A 94 7.58 -1.36 -2.18
C SER A 94 6.90 -0.86 -0.91
N TYR A 95 5.73 -1.42 -0.62
CA TYR A 95 4.98 -1.03 0.57
C TYR A 95 4.34 -2.25 1.24
N THR A 96 4.90 -2.64 2.38
CA THR A 96 4.40 -3.78 3.13
C THR A 96 3.30 -3.38 4.10
N LEU A 97 2.20 -4.12 4.09
CA LEU A 97 1.07 -3.84 4.98
C LEU A 97 0.78 -5.02 5.89
N GLN A 98 1.11 -4.89 7.17
CA GLN A 98 0.88 -5.95 8.13
C GLN A 98 -0.33 -5.64 9.00
N VAL A 99 -1.26 -6.58 9.08
CA VAL A 99 -2.47 -6.40 9.88
C VAL A 99 -2.55 -7.44 11.00
N ILE A 100 -2.85 -6.99 12.21
CA ILE A 100 -2.96 -7.88 13.36
C ILE A 100 -4.39 -8.39 13.53
N LYS A 101 -4.51 -9.64 13.96
CA LYS A 101 -5.82 -10.24 14.17
C LYS A 101 -6.10 -10.46 15.66
N LEU A 102 -7.37 -10.39 16.04
CA LEU A 102 -7.76 -10.58 17.43
C LEU A 102 -7.18 -11.87 17.99
N ASN A 103 -6.77 -12.77 17.10
CA ASN A 103 -6.19 -14.04 17.51
C ASN A 103 -4.70 -13.91 17.76
N LEU A 104 -4.29 -12.73 18.23
CA LEU A 104 -2.88 -12.47 18.52
C LEU A 104 -1.99 -12.93 17.36
N MET A 105 -2.34 -12.49 16.16
CA MET A 105 -1.57 -12.85 14.97
C MET A 105 -1.39 -11.65 14.05
N SER A 106 -0.61 -11.82 12.99
CA SER A 106 -0.35 -10.74 12.05
C SER A 106 0.01 -11.32 10.68
N GLU A 107 -0.62 -10.77 9.64
CA GLU A 107 -0.37 -11.22 8.27
C GLU A 107 0.54 -10.24 7.54
N GLU A 108 1.06 -10.68 6.40
CA GLU A 108 1.95 -9.84 5.59
C GLU A 108 1.52 -9.84 4.13
N VAL A 109 1.57 -8.68 3.50
CA VAL A 109 1.19 -8.54 2.11
C VAL A 109 1.89 -7.35 1.45
N THR A 110 2.82 -7.65 0.55
CA THR A 110 3.57 -6.60 -0.14
C THR A 110 2.75 -5.98 -1.26
N GLY A 111 2.22 -4.78 -1.02
CA GLY A 111 1.41 -4.11 -2.02
C GLY A 111 1.92 -2.72 -2.32
N GLN A 112 2.40 -2.51 -3.54
CA GLN A 112 2.92 -1.22 -3.96
C GLN A 112 2.41 -0.84 -5.35
N PHE A 113 2.83 0.32 -5.84
CA PHE A 113 2.42 0.79 -7.15
C PHE A 113 3.59 1.43 -7.89
N SER A 114 3.32 1.94 -9.10
CA SER A 114 4.35 2.58 -9.89
C SER A 114 3.90 3.98 -10.33
N VAL A 115 4.83 4.93 -10.27
CA VAL A 115 4.53 6.31 -10.65
C VAL A 115 5.31 6.70 -11.90
N HIS A 116 4.65 7.41 -12.81
CA HIS A 116 5.29 7.86 -14.05
C HIS A 116 4.85 9.28 -14.41
N PRO A 117 5.81 10.12 -14.78
CA PRO A 117 5.55 11.51 -15.16
C PRO A 117 4.81 11.62 -16.48
N GLU A 118 3.63 12.25 -16.44
CA GLU A 118 2.82 12.42 -17.64
C GLU A 118 3.69 12.83 -18.83
N THR A 119 3.98 11.87 -19.70
CA THR A 119 4.81 12.13 -20.88
C THR A 119 4.15 11.58 -22.15
N PRO A 120 4.30 12.32 -23.26
CA PRO A 120 3.73 11.92 -24.55
C PRO A 120 4.44 10.70 -25.13
N LYS A 121 3.71 9.95 -25.97
CA LYS A 121 4.27 8.76 -26.60
C LYS A 121 5.25 9.14 -27.70
N PRO A 122 6.42 8.49 -27.70
CA PRO A 122 7.47 8.73 -28.70
C PRO A 122 7.08 8.23 -30.08
N SER A 123 5.87 7.70 -30.20
CA SER A 123 5.37 7.18 -31.46
C SER A 123 5.55 8.21 -32.58
N ILE A 124 6.46 7.92 -33.51
CA ILE A 124 6.73 8.82 -34.62
C ILE A 124 6.38 8.16 -35.95
N SER A 125 6.03 8.97 -36.94
CA SER A 125 5.67 8.47 -38.26
C SER A 125 6.59 9.07 -39.33
N GLY A 126 6.79 10.37 -39.26
CA GLY A 126 7.64 11.05 -40.23
C GLY A 126 8.71 11.89 -39.58
N PRO A 127 9.67 12.35 -40.38
CA PRO A 127 10.79 13.17 -39.89
C PRO A 127 10.34 14.56 -39.47
N SER A 128 9.03 14.82 -39.59
CA SER A 128 8.47 16.12 -39.21
C SER A 128 7.91 16.09 -37.80
N SER A 129 7.03 15.13 -37.54
CA SER A 129 6.41 15.00 -36.23
C SER A 129 6.12 16.37 -35.61
N GLY A 130 5.64 17.28 -36.44
CA GLY A 130 5.34 18.62 -35.97
C GLY A 130 6.56 19.50 -35.88
N GLY A 1 -23.57 -8.27 -9.54
CA GLY A 1 -22.20 -7.99 -9.17
C GLY A 1 -21.26 -9.14 -9.53
N SER A 2 -20.07 -8.80 -10.00
CA SER A 2 -19.08 -9.80 -10.39
C SER A 2 -18.53 -10.50 -9.15
N SER A 3 -17.91 -11.67 -9.37
CA SER A 3 -17.33 -12.43 -8.27
C SER A 3 -16.10 -13.21 -8.74
N GLY A 4 -15.00 -13.09 -7.99
CA GLY A 4 -13.78 -13.76 -8.34
C GLY A 4 -13.89 -15.27 -8.16
N SER A 5 -12.79 -15.97 -8.44
CA SER A 5 -12.77 -17.43 -8.31
C SER A 5 -12.74 -17.85 -6.84
N SER A 6 -13.75 -18.63 -6.45
CA SER A 6 -13.84 -19.10 -5.07
C SER A 6 -12.84 -20.22 -4.81
N GLY A 7 -11.70 -19.86 -4.22
CA GLY A 7 -10.68 -20.85 -3.92
C GLY A 7 -9.67 -20.35 -2.90
N THR A 8 -8.39 -20.50 -3.22
CA THR A 8 -7.32 -20.06 -2.33
C THR A 8 -7.48 -18.59 -1.98
N ALA A 9 -6.90 -18.19 -0.84
CA ALA A 9 -6.96 -16.81 -0.39
C ALA A 9 -5.70 -16.42 0.37
N GLN A 10 -5.14 -15.27 0.03
CA GLN A 10 -3.93 -14.78 0.68
C GLN A 10 -3.89 -13.25 0.68
N LEU A 11 -3.62 -12.67 1.84
CA LEU A 11 -3.56 -11.23 1.98
C LEU A 11 -2.79 -10.60 0.81
N THR A 12 -3.52 -10.04 -0.14
CA THR A 12 -2.90 -9.41 -1.30
C THR A 12 -3.29 -7.94 -1.40
N ILE A 13 -2.61 -7.21 -2.28
CA ILE A 13 -2.88 -5.80 -2.47
C ILE A 13 -2.79 -5.41 -3.94
N GLU A 14 -3.78 -4.65 -4.41
CA GLU A 14 -3.81 -4.21 -5.81
C GLU A 14 -3.93 -2.69 -5.89
N ALA A 15 -2.89 -2.06 -6.43
CA ALA A 15 -2.88 -0.61 -6.58
C ALA A 15 -4.00 -0.14 -7.50
N VAL A 16 -4.70 0.91 -7.08
CA VAL A 16 -5.80 1.45 -7.86
C VAL A 16 -5.78 2.97 -7.86
N PRO A 17 -5.39 3.57 -9.00
CA PRO A 17 -5.00 2.81 -10.19
C PRO A 17 -3.69 2.07 -10.01
N SER A 18 -3.25 1.37 -11.06
CA SER A 18 -2.01 0.62 -11.01
C SER A 18 -0.83 1.48 -11.49
N ASN A 19 -1.13 2.46 -12.34
CA ASN A 19 -0.11 3.34 -12.86
C ASN A 19 -0.58 4.79 -12.83
N ALA A 20 -0.33 5.45 -11.70
CA ALA A 20 -0.72 6.85 -11.54
C ALA A 20 0.39 7.79 -11.99
N ALA A 21 0.08 9.08 -12.04
CA ALA A 21 1.05 10.08 -12.46
C ALA A 21 1.43 11.00 -11.29
N GLU A 22 2.38 11.90 -11.54
CA GLU A 22 2.83 12.83 -10.51
C GLU A 22 1.69 13.73 -10.06
N GLY A 23 1.32 13.62 -8.78
CA GLY A 23 0.25 14.43 -8.24
C GLY A 23 -1.04 13.65 -8.06
N LYS A 24 -1.18 12.56 -8.82
CA LYS A 24 -2.37 11.72 -8.73
C LYS A 24 -2.39 10.93 -7.43
N GLU A 25 -3.47 10.19 -7.21
CA GLU A 25 -3.60 9.39 -5.99
C GLU A 25 -3.63 7.90 -6.33
N VAL A 26 -3.15 7.08 -5.41
CA VAL A 26 -3.12 5.64 -5.59
C VAL A 26 -3.66 4.91 -4.38
N LEU A 27 -4.82 4.27 -4.54
CA LEU A 27 -5.44 3.53 -3.45
C LEU A 27 -5.05 2.06 -3.49
N LEU A 28 -4.34 1.61 -2.45
CA LEU A 28 -3.90 0.22 -2.38
C LEU A 28 -4.96 -0.64 -1.70
N LEU A 29 -5.80 -1.27 -2.50
CA LEU A 29 -6.86 -2.14 -1.98
C LEU A 29 -6.28 -3.43 -1.41
N VAL A 30 -7.00 -4.04 -0.48
CA VAL A 30 -6.56 -5.29 0.14
C VAL A 30 -7.62 -6.38 0.00
N HIS A 31 -7.23 -7.50 -0.60
CA HIS A 31 -8.14 -8.62 -0.79
C HIS A 31 -7.77 -9.79 0.12
N ASN A 32 -8.72 -10.70 0.31
CA ASN A 32 -8.48 -11.87 1.16
C ASN A 32 -8.16 -11.45 2.59
N LEU A 33 -8.72 -10.32 3.01
CA LEU A 33 -8.49 -9.81 4.36
C LEU A 33 -8.81 -10.87 5.40
N PRO A 34 -8.28 -10.68 6.62
CA PRO A 34 -8.50 -11.60 7.74
C PRO A 34 -9.93 -11.54 8.26
N GLN A 35 -10.17 -12.23 9.37
CA GLN A 35 -11.50 -12.27 9.97
C GLN A 35 -11.73 -11.04 10.85
N ASP A 36 -10.81 -10.80 11.78
CA ASP A 36 -10.92 -9.66 12.68
C ASP A 36 -9.58 -8.94 12.79
N PRO A 37 -9.35 -7.98 11.90
CA PRO A 37 -8.12 -7.19 11.87
C PRO A 37 -8.01 -6.23 13.06
N ARG A 38 -7.44 -6.72 14.16
CA ARG A 38 -7.27 -5.92 15.36
C ARG A 38 -6.76 -4.51 15.01
N GLY A 39 -6.07 -4.41 13.88
CA GLY A 39 -5.54 -3.13 13.45
C GLY A 39 -4.63 -3.24 12.25
N TYR A 40 -4.61 -2.22 11.42
CA TYR A 40 -3.77 -2.21 10.23
C TYR A 40 -2.47 -1.46 10.48
N ASN A 41 -1.41 -1.87 9.77
CA ASN A 41 -0.11 -1.23 9.92
C ASN A 41 0.63 -1.20 8.58
N TRP A 42 0.87 0.00 8.08
CA TRP A 42 1.58 0.16 6.81
C TRP A 42 3.05 0.50 7.03
N TYR A 43 3.88 0.24 6.03
CA TYR A 43 5.30 0.52 6.12
C TYR A 43 5.89 0.87 4.75
N LYS A 44 7.11 1.36 4.75
CA LYS A 44 7.79 1.72 3.50
C LYS A 44 8.92 0.75 3.19
N GLY A 45 8.75 -0.03 2.13
CA GLY A 45 9.76 -1.00 1.75
C GLY A 45 9.27 -2.43 1.84
N GLU A 46 10.20 -3.36 2.05
CA GLU A 46 9.85 -4.77 2.16
C GLU A 46 10.13 -5.29 3.56
N THR A 47 9.85 -4.46 4.56
CA THR A 47 10.08 -4.83 5.95
C THR A 47 9.05 -4.18 6.88
N VAL A 48 8.71 -4.86 7.96
CA VAL A 48 7.74 -4.35 8.91
C VAL A 48 8.43 -3.83 10.18
N ASP A 49 9.28 -2.83 10.01
CA ASP A 49 10.01 -2.25 11.13
C ASP A 49 9.40 -0.91 11.54
N ALA A 50 9.40 -0.64 12.83
CA ALA A 50 8.85 0.60 13.35
C ALA A 50 9.50 1.81 12.70
N ASN A 51 10.77 1.67 12.34
CA ASN A 51 11.51 2.75 11.69
C ASN A 51 10.90 3.10 10.33
N ARG A 52 10.49 2.07 9.60
CA ARG A 52 9.89 2.26 8.29
C ARG A 52 8.37 2.26 8.37
N ARG A 53 7.85 2.42 9.58
CA ARG A 53 6.41 2.44 9.81
C ARG A 53 5.80 3.76 9.34
N ILE A 54 4.97 3.68 8.31
CA ILE A 54 4.32 4.87 7.77
C ILE A 54 3.20 5.35 8.69
N ILE A 55 2.24 4.47 8.95
CA ILE A 55 1.12 4.81 9.82
C ILE A 55 0.38 3.55 10.28
N GLY A 56 -0.02 3.54 11.54
CA GLY A 56 -0.73 2.40 12.08
C GLY A 56 -2.07 2.77 12.69
N TYR A 57 -3.12 2.03 12.34
CA TYR A 57 -4.45 2.29 12.85
C TYR A 57 -5.01 1.07 13.57
N VAL A 58 -5.66 1.31 14.71
CA VAL A 58 -6.25 0.22 15.48
C VAL A 58 -7.77 0.28 15.44
N ILE A 59 -8.38 -0.79 14.93
CA ILE A 59 -9.83 -0.87 14.83
C ILE A 59 -10.47 -1.11 16.19
N SER A 60 -9.73 -1.80 17.06
CA SER A 60 -10.23 -2.10 18.40
C SER A 60 -10.32 -0.82 19.24
N ASN A 61 -9.28 0.00 19.18
CA ASN A 61 -9.25 1.25 19.92
C ASN A 61 -9.45 2.44 19.01
N GLN A 62 -9.86 2.17 17.77
CA GLN A 62 -10.09 3.22 16.79
C GLN A 62 -9.11 4.36 16.98
N GLN A 63 -7.83 4.03 17.13
CA GLN A 63 -6.79 5.03 17.31
C GLN A 63 -5.82 5.04 16.13
N ILE A 64 -5.19 6.19 15.90
CA ILE A 64 -4.25 6.33 14.80
C ILE A 64 -2.91 6.86 15.30
N THR A 65 -1.84 6.13 15.00
CA THR A 65 -0.50 6.54 15.41
C THR A 65 0.47 6.51 14.24
N PRO A 66 0.71 7.69 13.65
CA PRO A 66 1.62 7.84 12.50
C PRO A 66 3.08 7.63 12.89
N GLY A 67 3.88 7.17 11.94
CA GLY A 67 5.28 6.94 12.20
C GLY A 67 6.18 8.01 11.58
N PRO A 68 7.50 7.75 11.58
CA PRO A 68 8.48 8.69 11.03
C PRO A 68 8.40 8.79 9.51
N ALA A 69 7.95 7.70 8.88
CA ALA A 69 7.83 7.66 7.43
C ALA A 69 6.49 8.24 6.98
N TYR A 70 5.95 9.16 7.78
CA TYR A 70 4.67 9.79 7.46
C TYR A 70 4.86 11.27 7.12
N SER A 71 4.19 11.70 6.05
CA SER A 71 4.29 13.09 5.61
C SER A 71 2.91 13.74 5.55
N ASN A 72 1.95 13.16 6.28
CA ASN A 72 0.59 13.68 6.31
C ASN A 72 -0.01 13.70 4.91
N ARG A 73 0.29 12.67 4.13
CA ARG A 73 -0.24 12.56 2.77
C ARG A 73 -0.96 11.24 2.57
N GLU A 74 -0.59 10.24 3.36
CA GLU A 74 -1.20 8.92 3.28
C GLU A 74 -2.34 8.77 4.29
N THR A 75 -3.38 8.04 3.90
CA THR A 75 -4.53 7.83 4.77
C THR A 75 -4.95 6.36 4.76
N ILE A 76 -5.16 5.81 5.95
CA ILE A 76 -5.57 4.42 6.08
C ILE A 76 -7.05 4.25 5.76
N TYR A 77 -7.47 3.00 5.60
CA TYR A 77 -8.87 2.70 5.30
C TYR A 77 -9.39 1.56 6.17
N PRO A 78 -10.72 1.46 6.26
CA PRO A 78 -11.38 0.41 7.06
C PRO A 78 -11.21 -0.97 6.45
N ASN A 79 -10.47 -1.04 5.35
CA ASN A 79 -10.23 -2.31 4.67
C ASN A 79 -8.74 -2.59 4.54
N ALA A 80 -7.95 -2.01 5.44
CA ALA A 80 -6.51 -2.20 5.43
C ALA A 80 -5.89 -1.59 4.17
N SER A 81 -6.56 -0.61 3.60
CA SER A 81 -6.08 0.04 2.39
C SER A 81 -5.49 1.41 2.70
N LEU A 82 -4.48 1.80 1.93
CA LEU A 82 -3.82 3.10 2.14
C LEU A 82 -3.91 3.95 0.87
N LEU A 83 -4.44 5.16 1.02
CA LEU A 83 -4.57 6.08 -0.11
C LEU A 83 -3.39 7.04 -0.17
N MET A 84 -2.56 6.89 -1.21
CA MET A 84 -1.41 7.76 -1.39
C MET A 84 -1.73 8.92 -2.32
N ARG A 85 -1.78 10.12 -1.75
CA ARG A 85 -2.08 11.31 -2.54
C ARG A 85 -0.80 12.01 -2.98
N ASN A 86 -0.91 12.84 -4.01
CA ASN A 86 0.24 13.56 -4.53
C ASN A 86 1.41 12.62 -4.76
N VAL A 87 1.15 11.52 -5.45
CA VAL A 87 2.19 10.53 -5.75
C VAL A 87 3.28 11.14 -6.62
N THR A 88 4.45 10.49 -6.64
CA THR A 88 5.57 10.96 -7.43
C THR A 88 6.44 9.80 -7.90
N ARG A 89 7.42 10.10 -8.75
CA ARG A 89 8.31 9.08 -9.27
C ARG A 89 9.07 8.38 -8.15
N ASN A 90 9.55 9.17 -7.19
CA ASN A 90 10.28 8.63 -6.05
C ASN A 90 9.43 7.62 -5.28
N ASP A 91 8.22 8.02 -4.95
CA ASP A 91 7.30 7.16 -4.21
C ASP A 91 7.39 5.72 -4.71
N THR A 92 7.67 5.56 -6.00
CA THR A 92 7.78 4.24 -6.61
C THR A 92 8.75 3.36 -5.83
N GLY A 93 8.27 2.20 -5.39
CA GLY A 93 9.12 1.29 -4.63
C GLY A 93 8.34 0.13 -4.05
N SER A 94 8.42 -0.03 -2.73
CA SER A 94 7.71 -1.12 -2.04
C SER A 94 7.00 -0.60 -0.80
N TYR A 95 5.87 -1.21 -0.47
CA TYR A 95 5.10 -0.82 0.69
C TYR A 95 4.47 -2.03 1.37
N THR A 96 5.00 -2.40 2.53
CA THR A 96 4.49 -3.54 3.27
C THR A 96 3.32 -3.14 4.17
N LEU A 97 2.30 -3.99 4.23
CA LEU A 97 1.13 -3.72 5.05
C LEU A 97 0.82 -4.90 5.98
N GLN A 98 1.17 -4.74 7.25
CA GLN A 98 0.94 -5.80 8.24
C GLN A 98 -0.42 -5.63 8.90
N VAL A 99 -1.12 -6.74 9.07
CA VAL A 99 -2.44 -6.72 9.68
C VAL A 99 -2.49 -7.62 10.91
N ILE A 100 -2.95 -7.08 12.03
CA ILE A 100 -3.04 -7.83 13.28
C ILE A 100 -4.45 -8.36 13.49
N LYS A 101 -4.54 -9.56 14.06
CA LYS A 101 -5.84 -10.18 14.32
C LYS A 101 -6.09 -10.31 15.82
N LEU A 102 -7.35 -10.24 16.22
CA LEU A 102 -7.72 -10.36 17.63
C LEU A 102 -7.10 -11.61 18.24
N ASN A 103 -6.67 -12.53 17.39
CA ASN A 103 -6.06 -13.78 17.85
C ASN A 103 -4.61 -13.56 18.26
N LEU A 104 -4.21 -12.31 18.36
CA LEU A 104 -2.85 -11.96 18.73
C LEU A 104 -1.86 -12.41 17.66
N MET A 105 -2.28 -12.29 16.40
CA MET A 105 -1.42 -12.69 15.29
C MET A 105 -1.16 -11.50 14.36
N SER A 106 -0.25 -11.69 13.41
CA SER A 106 0.10 -10.63 12.47
C SER A 106 0.34 -11.20 11.07
N GLU A 107 -0.18 -10.51 10.06
CA GLU A 107 -0.02 -10.96 8.69
C GLU A 107 0.88 -10.00 7.91
N GLU A 108 1.15 -10.34 6.65
CA GLU A 108 2.00 -9.51 5.80
C GLU A 108 1.55 -9.57 4.35
N VAL A 109 1.69 -8.45 3.65
CA VAL A 109 1.30 -8.37 2.25
C VAL A 109 2.01 -7.23 1.54
N THR A 110 2.87 -7.57 0.58
CA THR A 110 3.61 -6.57 -0.18
C THR A 110 2.76 -5.95 -1.27
N GLY A 111 2.31 -4.72 -1.03
CA GLY A 111 1.48 -4.03 -2.01
C GLY A 111 2.02 -2.67 -2.38
N GLN A 112 2.57 -2.55 -3.58
CA GLN A 112 3.13 -1.29 -4.05
C GLN A 112 2.55 -0.91 -5.40
N PHE A 113 3.03 0.20 -5.96
CA PHE A 113 2.56 0.68 -7.25
C PHE A 113 3.68 1.40 -8.00
N SER A 114 3.34 1.96 -9.16
CA SER A 114 4.31 2.68 -9.98
C SER A 114 3.76 4.03 -10.42
N VAL A 115 4.64 5.02 -10.51
CA VAL A 115 4.23 6.36 -10.93
C VAL A 115 5.02 6.82 -12.15
N HIS A 116 4.33 7.46 -13.09
CA HIS A 116 4.96 7.94 -14.30
C HIS A 116 4.66 9.41 -14.52
N PRO A 117 5.67 10.17 -14.99
CA PRO A 117 5.53 11.60 -15.24
C PRO A 117 4.65 11.89 -16.45
N GLU A 118 3.33 11.84 -16.24
CA GLU A 118 2.37 12.10 -17.31
C GLU A 118 2.86 11.50 -18.63
N THR A 119 3.38 10.27 -18.55
CA THR A 119 3.89 9.58 -19.73
C THR A 119 3.77 8.07 -19.58
N PRO A 120 3.02 7.44 -20.49
CA PRO A 120 2.81 5.99 -20.47
C PRO A 120 4.07 5.22 -20.84
N LYS A 121 4.02 3.90 -20.69
CA LYS A 121 5.15 3.04 -21.00
C LYS A 121 4.70 1.73 -21.65
N PRO A 122 5.48 1.26 -22.63
CA PRO A 122 5.17 0.02 -23.35
C PRO A 122 5.34 -1.22 -22.47
N SER A 123 4.67 -2.30 -22.85
CA SER A 123 4.74 -3.55 -22.09
C SER A 123 5.90 -4.42 -22.58
N ILE A 124 6.93 -4.54 -21.74
CA ILE A 124 8.09 -5.33 -22.08
C ILE A 124 8.02 -6.72 -21.44
N SER A 125 8.06 -7.75 -22.27
CA SER A 125 8.00 -9.13 -21.79
C SER A 125 9.36 -9.59 -21.26
N GLY A 126 9.50 -9.60 -19.95
CA GLY A 126 10.75 -10.02 -19.34
C GLY A 126 10.86 -9.60 -17.88
N PRO A 127 11.70 -10.32 -17.13
CA PRO A 127 11.92 -10.04 -15.70
C PRO A 127 12.65 -8.72 -15.46
N SER A 128 11.92 -7.70 -15.04
CA SER A 128 12.51 -6.39 -14.77
C SER A 128 13.04 -6.31 -13.35
N SER A 129 12.20 -6.68 -12.39
CA SER A 129 12.59 -6.64 -10.98
C SER A 129 12.44 -8.01 -10.33
N GLY A 130 13.58 -8.62 -9.99
CA GLY A 130 13.54 -9.93 -9.37
C GLY A 130 14.62 -10.10 -8.30
N GLY A 1 -1.33 -14.15 -12.30
CA GLY A 1 -1.59 -14.81 -11.03
C GLY A 1 -0.64 -15.94 -10.75
N SER A 2 -0.67 -16.46 -9.51
CA SER A 2 0.20 -17.56 -9.13
C SER A 2 -0.24 -18.15 -7.79
N SER A 3 -0.70 -19.39 -7.82
CA SER A 3 -1.15 -20.07 -6.61
C SER A 3 -0.07 -20.98 -6.06
N GLY A 4 -0.15 -21.28 -4.77
CA GLY A 4 0.83 -22.15 -4.14
C GLY A 4 1.03 -21.82 -2.67
N SER A 5 -0.06 -21.83 -1.91
CA SER A 5 0.00 -21.52 -0.48
C SER A 5 -0.84 -22.52 0.32
N SER A 6 -0.74 -22.44 1.64
CA SER A 6 -1.49 -23.34 2.51
C SER A 6 -2.92 -23.53 2.01
N GLY A 7 -3.55 -22.43 1.61
CA GLY A 7 -4.91 -22.50 1.11
C GLY A 7 -5.08 -21.77 -0.21
N THR A 8 -6.28 -21.82 -0.76
CA THR A 8 -6.58 -21.16 -2.02
C THR A 8 -6.88 -19.67 -1.82
N ALA A 9 -6.16 -19.05 -0.89
CA ALA A 9 -6.34 -17.63 -0.59
C ALA A 9 -5.17 -17.09 0.22
N GLN A 10 -4.81 -15.84 -0.06
CA GLN A 10 -3.70 -15.21 0.64
C GLN A 10 -3.83 -13.68 0.60
N LEU A 11 -3.68 -13.05 1.75
CA LEU A 11 -3.78 -11.59 1.84
C LEU A 11 -2.90 -10.92 0.80
N THR A 12 -3.52 -10.15 -0.08
CA THR A 12 -2.78 -9.45 -1.13
C THR A 12 -3.26 -8.00 -1.27
N ILE A 13 -2.51 -7.21 -2.03
CA ILE A 13 -2.87 -5.81 -2.23
C ILE A 13 -2.77 -5.43 -3.71
N GLU A 14 -3.83 -4.82 -4.22
CA GLU A 14 -3.86 -4.41 -5.63
C GLU A 14 -3.98 -2.90 -5.74
N ALA A 15 -2.96 -2.27 -6.32
CA ALA A 15 -2.95 -0.82 -6.49
C ALA A 15 -4.05 -0.37 -7.46
N VAL A 16 -4.70 0.73 -7.13
CA VAL A 16 -5.77 1.26 -7.97
C VAL A 16 -5.74 2.78 -8.00
N PRO A 17 -5.33 3.35 -9.15
CA PRO A 17 -4.94 2.54 -10.31
C PRO A 17 -3.62 1.81 -10.09
N SER A 18 -3.19 1.07 -11.12
CA SER A 18 -1.96 0.31 -11.04
C SER A 18 -0.75 1.20 -11.36
N ASN A 19 -1.00 2.28 -12.07
CA ASN A 19 0.06 3.22 -12.44
C ASN A 19 -0.49 4.64 -12.60
N ALA A 20 -0.19 5.48 -11.63
CA ALA A 20 -0.65 6.87 -11.65
C ALA A 20 0.49 7.81 -12.01
N ALA A 21 0.18 9.11 -12.08
CA ALA A 21 1.18 10.11 -12.42
C ALA A 21 1.34 11.12 -11.28
N GLU A 22 2.53 11.71 -11.19
CA GLU A 22 2.82 12.69 -10.15
C GLU A 22 1.61 13.60 -9.91
N GLY A 23 1.26 13.78 -8.65
CA GLY A 23 0.13 14.63 -8.31
C GLY A 23 -1.17 13.85 -8.18
N LYS A 24 -1.19 12.65 -8.76
CA LYS A 24 -2.37 11.80 -8.70
C LYS A 24 -2.43 11.02 -7.39
N GLU A 25 -3.53 10.30 -7.18
CA GLU A 25 -3.71 9.52 -5.97
C GLU A 25 -3.81 8.02 -6.30
N VAL A 26 -3.27 7.19 -5.41
CA VAL A 26 -3.29 5.74 -5.60
C VAL A 26 -3.91 5.04 -4.39
N LEU A 27 -4.92 4.22 -4.65
CA LEU A 27 -5.59 3.49 -3.58
C LEU A 27 -5.16 2.02 -3.58
N LEU A 28 -4.36 1.65 -2.59
CA LEU A 28 -3.88 0.27 -2.47
C LEU A 28 -4.92 -0.61 -1.77
N LEU A 29 -5.75 -1.27 -2.57
CA LEU A 29 -6.79 -2.14 -2.03
C LEU A 29 -6.18 -3.43 -1.48
N VAL A 30 -6.90 -4.07 -0.56
CA VAL A 30 -6.44 -5.30 0.04
C VAL A 30 -7.48 -6.41 -0.09
N HIS A 31 -7.03 -7.60 -0.49
CA HIS A 31 -7.92 -8.74 -0.66
C HIS A 31 -7.58 -9.85 0.33
N ASN A 32 -8.37 -10.92 0.31
CA ASN A 32 -8.16 -12.05 1.20
C ASN A 32 -7.93 -11.56 2.63
N LEU A 33 -8.54 -10.45 2.99
CA LEU A 33 -8.40 -9.88 4.32
C LEU A 33 -8.90 -10.85 5.38
N PRO A 34 -8.48 -10.63 6.64
CA PRO A 34 -8.88 -11.48 7.77
C PRO A 34 -10.36 -11.31 8.13
N GLN A 35 -10.89 -12.26 8.89
CA GLN A 35 -12.29 -12.21 9.30
C GLN A 35 -12.51 -11.08 10.30
N ASP A 36 -11.69 -11.03 11.34
CA ASP A 36 -11.80 -9.99 12.35
C ASP A 36 -10.47 -9.28 12.55
N PRO A 37 -10.26 -8.18 11.81
CA PRO A 37 -9.03 -7.39 11.88
C PRO A 37 -8.92 -6.62 13.21
N ARG A 38 -7.70 -6.56 13.74
CA ARG A 38 -7.46 -5.88 15.00
C ARG A 38 -6.82 -4.51 14.75
N GLY A 39 -6.01 -4.42 13.70
CA GLY A 39 -5.35 -3.17 13.37
C GLY A 39 -4.46 -3.29 12.16
N TYR A 40 -4.36 -2.22 11.39
CA TYR A 40 -3.53 -2.20 10.18
C TYR A 40 -2.24 -1.42 10.42
N ASN A 41 -1.18 -1.83 9.75
CA ASN A 41 0.11 -1.16 9.88
C ASN A 41 0.83 -1.10 8.53
N TRP A 42 0.99 0.12 8.03
CA TRP A 42 1.67 0.33 6.75
C TRP A 42 3.11 0.76 6.95
N TYR A 43 4.01 0.24 6.12
CA TYR A 43 5.43 0.57 6.21
C TYR A 43 5.99 0.92 4.84
N LYS A 44 7.19 1.50 4.84
CA LYS A 44 7.85 1.90 3.60
C LYS A 44 9.02 0.97 3.28
N GLY A 45 8.80 0.05 2.35
CA GLY A 45 9.85 -0.88 1.98
C GLY A 45 9.40 -2.33 2.04
N GLU A 46 10.32 -3.23 2.37
CA GLU A 46 10.00 -4.65 2.46
C GLU A 46 10.28 -5.18 3.87
N THR A 47 10.01 -4.35 4.87
CA THR A 47 10.23 -4.73 6.25
C THR A 47 9.25 -4.05 7.19
N VAL A 48 8.79 -4.78 8.20
CA VAL A 48 7.83 -4.23 9.16
C VAL A 48 8.55 -3.67 10.39
N ASP A 49 9.40 -2.67 10.16
CA ASP A 49 10.15 -2.06 11.26
C ASP A 49 9.55 -0.69 11.61
N ALA A 50 9.52 -0.39 12.91
CA ALA A 50 8.98 0.87 13.38
C ALA A 50 9.57 2.05 12.60
N ASN A 51 10.86 1.96 12.30
CA ASN A 51 11.55 3.02 11.57
C ASN A 51 10.89 3.27 10.23
N ARG A 52 10.48 2.19 9.56
CA ARG A 52 9.82 2.29 8.26
C ARG A 52 8.31 2.23 8.40
N ARG A 53 7.81 2.63 9.58
CA ARG A 53 6.38 2.61 9.85
C ARG A 53 5.73 3.91 9.39
N ILE A 54 4.98 3.85 8.30
CA ILE A 54 4.30 5.03 7.78
C ILE A 54 3.20 5.49 8.72
N ILE A 55 2.26 4.60 9.02
CA ILE A 55 1.15 4.92 9.90
C ILE A 55 0.42 3.66 10.36
N GLY A 56 0.07 3.62 11.64
CA GLY A 56 -0.63 2.47 12.18
C GLY A 56 -1.99 2.82 12.75
N TYR A 57 -3.00 2.02 12.40
CA TYR A 57 -4.35 2.26 12.89
C TYR A 57 -4.88 1.05 13.65
N VAL A 58 -5.66 1.31 14.69
CA VAL A 58 -6.24 0.25 15.51
C VAL A 58 -7.75 0.37 15.57
N ILE A 59 -8.44 -0.57 14.92
CA ILE A 59 -9.90 -0.58 14.91
C ILE A 59 -10.45 -0.65 16.33
N SER A 60 -9.84 -1.48 17.16
CA SER A 60 -10.28 -1.64 18.54
C SER A 60 -10.80 -0.32 19.10
N ASN A 61 -9.92 0.68 19.17
CA ASN A 61 -10.30 1.99 19.69
C ASN A 61 -9.92 3.10 18.70
N GLN A 62 -9.85 2.74 17.43
CA GLN A 62 -9.50 3.70 16.38
C GLN A 62 -8.31 4.54 16.80
N GLN A 63 -7.21 3.89 17.17
CA GLN A 63 -6.00 4.58 17.58
C GLN A 63 -5.04 4.75 16.42
N ILE A 64 -4.78 6.00 16.06
CA ILE A 64 -3.86 6.29 14.96
C ILE A 64 -2.51 6.75 15.48
N THR A 65 -1.44 6.21 14.89
CA THR A 65 -0.08 6.55 15.28
C THR A 65 0.80 6.83 14.07
N PRO A 66 0.94 8.11 13.71
CA PRO A 66 1.75 8.53 12.57
C PRO A 66 3.24 8.34 12.82
N GLY A 67 3.90 7.64 11.90
CA GLY A 67 5.32 7.39 12.03
C GLY A 67 6.17 8.43 11.31
N PRO A 68 7.48 8.18 11.23
CA PRO A 68 8.42 9.09 10.56
C PRO A 68 8.23 9.11 9.05
N ALA A 69 7.77 7.99 8.49
CA ALA A 69 7.54 7.89 7.06
C ALA A 69 6.17 8.44 6.68
N TYR A 70 5.71 9.44 7.42
CA TYR A 70 4.41 10.05 7.16
C TYR A 70 4.57 11.55 6.91
N SER A 71 3.83 12.05 5.92
CA SER A 71 3.87 13.45 5.56
C SER A 71 2.47 14.05 5.49
N ASN A 72 1.54 13.45 6.24
CA ASN A 72 0.16 13.92 6.26
C ASN A 72 -0.45 13.86 4.88
N ARG A 73 -0.21 12.76 4.16
CA ARG A 73 -0.74 12.58 2.82
C ARG A 73 -1.43 11.23 2.69
N GLU A 74 -0.85 10.21 3.31
CA GLU A 74 -1.41 8.87 3.26
C GLU A 74 -2.57 8.71 4.25
N THR A 75 -3.58 7.95 3.86
CA THR A 75 -4.74 7.73 4.70
C THR A 75 -5.14 6.25 4.71
N ILE A 76 -5.15 5.65 5.90
CA ILE A 76 -5.51 4.25 6.04
C ILE A 76 -6.98 4.03 5.71
N TYR A 77 -7.39 2.76 5.68
CA TYR A 77 -8.78 2.42 5.38
C TYR A 77 -9.26 1.27 6.27
N PRO A 78 -10.58 1.12 6.37
CA PRO A 78 -11.20 0.06 7.18
C PRO A 78 -11.00 -1.33 6.56
N ASN A 79 -10.29 -1.37 5.44
CA ASN A 79 -10.02 -2.62 4.75
C ASN A 79 -8.53 -2.89 4.65
N ALA A 80 -7.75 -2.22 5.49
CA ALA A 80 -6.30 -2.38 5.50
C ALA A 80 -5.68 -1.78 4.24
N SER A 81 -6.36 -0.79 3.66
CA SER A 81 -5.88 -0.14 2.45
C SER A 81 -5.30 1.23 2.77
N LEU A 82 -4.43 1.72 1.90
CA LEU A 82 -3.80 3.01 2.09
C LEU A 82 -3.92 3.88 0.83
N LEU A 83 -4.54 5.04 0.99
CA LEU A 83 -4.73 5.96 -0.13
C LEU A 83 -3.61 7.00 -0.18
N MET A 84 -2.74 6.89 -1.18
CA MET A 84 -1.64 7.83 -1.34
C MET A 84 -2.06 9.03 -2.16
N ARG A 85 -1.99 10.22 -1.54
CA ARG A 85 -2.36 11.45 -2.21
C ARG A 85 -1.14 12.17 -2.75
N ASN A 86 -1.31 12.88 -3.87
CA ASN A 86 -0.23 13.62 -4.48
C ASN A 86 1.02 12.74 -4.62
N VAL A 87 0.84 11.56 -5.23
CA VAL A 87 1.94 10.63 -5.43
C VAL A 87 3.13 11.31 -6.10
N THR A 88 4.30 10.71 -5.98
CA THR A 88 5.51 11.26 -6.57
C THR A 88 6.45 10.15 -7.04
N ARG A 89 7.22 10.43 -8.09
CA ARG A 89 8.16 9.46 -8.63
C ARG A 89 8.93 8.77 -7.52
N ASN A 90 9.15 9.48 -6.42
CA ASN A 90 9.88 8.95 -5.28
C ASN A 90 9.12 7.79 -4.65
N ASP A 91 7.83 7.99 -4.40
CA ASP A 91 6.99 6.97 -3.80
C ASP A 91 7.26 5.61 -4.43
N THR A 92 7.38 5.58 -5.75
CA THR A 92 7.64 4.34 -6.48
C THR A 92 8.67 3.48 -5.74
N GLY A 93 8.21 2.32 -5.26
CA GLY A 93 9.10 1.43 -4.55
C GLY A 93 8.38 0.24 -3.96
N SER A 94 8.44 0.10 -2.63
CA SER A 94 7.78 -1.01 -1.95
C SER A 94 7.04 -0.51 -0.70
N TYR A 95 5.90 -1.12 -0.41
CA TYR A 95 5.09 -0.74 0.74
C TYR A 95 4.48 -1.97 1.40
N THR A 96 5.03 -2.36 2.54
CA THR A 96 4.52 -3.52 3.27
C THR A 96 3.37 -3.14 4.19
N LEU A 97 2.36 -4.01 4.24
CA LEU A 97 1.19 -3.76 5.08
C LEU A 97 0.89 -4.96 5.97
N GLN A 98 1.04 -4.76 7.28
CA GLN A 98 0.78 -5.84 8.24
C GLN A 98 -0.60 -5.69 8.86
N VAL A 99 -1.30 -6.82 8.99
CA VAL A 99 -2.64 -6.82 9.57
C VAL A 99 -2.71 -7.74 10.79
N ILE A 100 -3.09 -7.18 11.93
CA ILE A 100 -3.20 -7.96 13.16
C ILE A 100 -4.60 -8.54 13.31
N LYS A 101 -4.70 -9.65 14.04
CA LYS A 101 -5.99 -10.30 14.28
C LYS A 101 -6.33 -10.31 15.76
N LEU A 102 -7.61 -10.48 16.06
CA LEU A 102 -8.07 -10.50 17.44
C LEU A 102 -7.52 -11.72 18.18
N ASN A 103 -7.04 -12.69 17.41
CA ASN A 103 -6.48 -13.92 17.99
C ASN A 103 -4.99 -13.75 18.28
N LEU A 104 -4.56 -12.50 18.35
CA LEU A 104 -3.15 -12.20 18.62
C LEU A 104 -2.25 -12.70 17.49
N MET A 105 -2.60 -12.33 16.26
CA MET A 105 -1.82 -12.75 15.10
C MET A 105 -1.54 -11.56 14.19
N SER A 106 -0.71 -11.78 13.17
CA SER A 106 -0.35 -10.73 12.23
C SER A 106 -0.04 -11.31 10.85
N GLU A 107 -0.35 -10.54 9.81
CA GLU A 107 -0.10 -10.97 8.45
C GLU A 107 0.86 -10.02 7.73
N GLU A 108 1.26 -10.40 6.52
CA GLU A 108 2.19 -9.58 5.74
C GLU A 108 1.78 -9.56 4.27
N VAL A 109 1.88 -8.40 3.64
CA VAL A 109 1.53 -8.23 2.24
C VAL A 109 2.20 -7.00 1.64
N THR A 110 3.04 -7.22 0.63
CA THR A 110 3.73 -6.14 -0.04
C THR A 110 2.89 -5.53 -1.16
N GLY A 111 2.28 -4.39 -0.89
CA GLY A 111 1.45 -3.74 -1.88
C GLY A 111 2.00 -2.38 -2.28
N GLN A 112 2.64 -2.32 -3.44
CA GLN A 112 3.21 -1.08 -3.94
C GLN A 112 2.62 -0.72 -5.30
N PHE A 113 3.09 0.40 -5.86
CA PHE A 113 2.61 0.85 -7.17
C PHE A 113 3.70 1.61 -7.92
N SER A 114 3.39 2.07 -9.11
CA SER A 114 4.34 2.80 -9.93
C SER A 114 3.80 4.18 -10.30
N VAL A 115 4.70 5.15 -10.42
CA VAL A 115 4.32 6.52 -10.77
C VAL A 115 5.13 7.03 -11.94
N HIS A 116 4.45 7.57 -12.95
CA HIS A 116 5.11 8.11 -14.13
C HIS A 116 4.79 9.58 -14.32
N PRO A 117 5.81 10.37 -14.66
CA PRO A 117 5.66 11.82 -14.87
C PRO A 117 4.86 12.14 -16.13
N GLU A 118 4.21 13.29 -16.14
CA GLU A 118 3.40 13.71 -17.27
C GLU A 118 4.30 14.05 -18.47
N THR A 119 4.74 13.02 -19.18
CA THR A 119 5.60 13.21 -20.34
C THR A 119 5.71 11.92 -21.17
N PRO A 120 5.70 12.07 -22.50
CA PRO A 120 5.78 10.94 -23.42
C PRO A 120 7.16 10.29 -23.41
N LYS A 121 7.20 8.97 -23.57
CA LYS A 121 8.45 8.22 -23.57
C LYS A 121 9.40 8.75 -24.66
N PRO A 122 10.53 9.33 -24.22
CA PRO A 122 11.53 9.87 -25.13
C PRO A 122 12.26 8.79 -25.93
N SER A 123 13.28 9.19 -26.66
CA SER A 123 14.07 8.25 -27.46
C SER A 123 15.55 8.37 -27.15
N ILE A 124 15.87 8.50 -25.87
CA ILE A 124 17.26 8.62 -25.44
C ILE A 124 18.06 7.39 -25.82
N SER A 125 19.34 7.60 -26.15
CA SER A 125 20.21 6.49 -26.54
C SER A 125 21.51 6.52 -25.74
N GLY A 126 21.47 5.95 -24.54
CA GLY A 126 22.65 5.93 -23.69
C GLY A 126 22.39 5.28 -22.35
N PRO A 127 23.44 5.19 -21.52
CA PRO A 127 23.33 4.59 -20.19
C PRO A 127 22.53 5.46 -19.22
N SER A 128 21.33 5.00 -18.89
CA SER A 128 20.46 5.74 -17.99
C SER A 128 21.26 6.37 -16.86
N SER A 129 22.14 5.58 -16.24
CA SER A 129 22.97 6.06 -15.14
C SER A 129 24.18 6.81 -15.67
N GLY A 130 24.91 6.19 -16.59
CA GLY A 130 26.09 6.82 -17.15
C GLY A 130 27.16 7.11 -16.12
N GLY A 1 0.33 -12.61 -17.66
CA GLY A 1 -0.13 -13.84 -17.04
C GLY A 1 -0.52 -13.64 -15.60
N SER A 2 -1.65 -12.97 -15.38
CA SER A 2 -2.14 -12.70 -14.03
C SER A 2 -2.35 -14.01 -13.27
N SER A 3 -2.53 -13.90 -11.96
CA SER A 3 -2.75 -15.06 -11.10
C SER A 3 -4.22 -15.19 -10.72
N GLY A 4 -4.79 -14.12 -10.20
CA GLY A 4 -6.19 -14.14 -9.80
C GLY A 4 -6.39 -14.78 -8.44
N SER A 5 -7.65 -15.09 -8.12
CA SER A 5 -7.98 -15.70 -6.84
C SER A 5 -8.59 -17.08 -7.05
N SER A 6 -8.11 -18.06 -6.29
CA SER A 6 -8.61 -19.42 -6.38
C SER A 6 -8.09 -20.28 -5.23
N GLY A 7 -8.96 -21.11 -4.67
CA GLY A 7 -8.58 -21.96 -3.56
C GLY A 7 -7.74 -21.24 -2.53
N THR A 8 -6.60 -21.82 -2.19
CA THR A 8 -5.70 -21.23 -1.21
C THR A 8 -5.66 -19.71 -1.35
N ALA A 9 -6.09 -19.00 -0.31
CA ALA A 9 -6.09 -17.55 -0.32
C ALA A 9 -4.84 -16.98 0.34
N GLN A 10 -4.57 -15.71 0.11
CA GLN A 10 -3.40 -15.05 0.68
C GLN A 10 -3.55 -13.54 0.64
N LEU A 11 -3.21 -12.88 1.74
CA LEU A 11 -3.30 -11.43 1.83
C LEU A 11 -2.58 -10.76 0.67
N THR A 12 -3.35 -10.20 -0.26
CA THR A 12 -2.79 -9.54 -1.42
C THR A 12 -3.19 -8.07 -1.48
N ILE A 13 -2.59 -7.31 -2.39
CA ILE A 13 -2.90 -5.90 -2.53
C ILE A 13 -2.76 -5.45 -3.97
N GLU A 14 -3.77 -4.74 -4.47
CA GLU A 14 -3.77 -4.25 -5.85
C GLU A 14 -3.94 -2.74 -5.88
N ALA A 15 -2.91 -2.05 -6.36
CA ALA A 15 -2.94 -0.60 -6.45
C ALA A 15 -4.02 -0.13 -7.43
N VAL A 16 -4.74 0.92 -7.06
CA VAL A 16 -5.78 1.46 -7.92
C VAL A 16 -5.77 2.98 -7.92
N PRO A 17 -5.36 3.56 -9.06
CA PRO A 17 -4.95 2.80 -10.24
C PRO A 17 -3.63 2.06 -10.02
N SER A 18 -3.27 1.22 -10.99
CA SER A 18 -2.03 0.45 -10.89
C SER A 18 -0.82 1.33 -11.19
N ASN A 19 -1.05 2.39 -11.96
CA ASN A 19 0.02 3.32 -12.31
C ASN A 19 -0.52 4.73 -12.49
N ALA A 20 -0.24 5.59 -11.51
CA ALA A 20 -0.69 6.98 -11.56
C ALA A 20 0.44 7.92 -11.95
N ALA A 21 0.15 9.22 -11.94
CA ALA A 21 1.16 10.22 -12.30
C ALA A 21 1.43 11.15 -11.13
N GLU A 22 2.54 11.89 -11.21
CA GLU A 22 2.92 12.82 -10.15
C GLU A 22 1.73 13.71 -9.77
N GLY A 23 1.47 13.81 -8.47
CA GLY A 23 0.37 14.63 -7.99
C GLY A 23 -0.91 13.83 -7.83
N LYS A 24 -1.03 12.76 -8.60
CA LYS A 24 -2.22 11.91 -8.54
C LYS A 24 -2.26 11.10 -7.25
N GLU A 25 -3.32 10.33 -7.07
CA GLU A 25 -3.48 9.51 -5.88
C GLU A 25 -3.62 8.03 -6.24
N VAL A 26 -3.07 7.17 -5.40
CA VAL A 26 -3.14 5.73 -5.64
C VAL A 26 -3.72 5.00 -4.42
N LEU A 27 -4.83 4.30 -4.62
CA LEU A 27 -5.47 3.56 -3.54
C LEU A 27 -5.04 2.10 -3.56
N LEU A 28 -4.31 1.69 -2.52
CA LEU A 28 -3.84 0.31 -2.42
C LEU A 28 -4.88 -0.57 -1.72
N LEU A 29 -5.72 -1.23 -2.52
CA LEU A 29 -6.76 -2.11 -1.98
C LEU A 29 -6.15 -3.39 -1.44
N VAL A 30 -6.86 -4.03 -0.51
CA VAL A 30 -6.40 -5.27 0.09
C VAL A 30 -7.45 -6.37 -0.04
N HIS A 31 -7.04 -7.51 -0.57
CA HIS A 31 -7.94 -8.65 -0.75
C HIS A 31 -7.54 -9.81 0.15
N ASN A 32 -8.47 -10.76 0.33
CA ASN A 32 -8.22 -11.92 1.18
C ASN A 32 -7.92 -11.50 2.61
N LEU A 33 -8.42 -10.33 2.99
CA LEU A 33 -8.22 -9.81 4.34
C LEU A 33 -8.56 -10.87 5.39
N PRO A 34 -8.06 -10.67 6.62
CA PRO A 34 -8.31 -11.59 7.73
C PRO A 34 -9.76 -11.54 8.20
N GLN A 35 -10.01 -12.14 9.36
CA GLN A 35 -11.36 -12.16 9.94
C GLN A 35 -11.56 -10.99 10.89
N ASP A 36 -10.63 -10.82 11.81
CA ASP A 36 -10.71 -9.73 12.78
C ASP A 36 -9.40 -8.96 12.85
N PRO A 37 -9.24 -7.98 11.95
CA PRO A 37 -8.04 -7.15 11.89
C PRO A 37 -7.91 -6.21 13.08
N ARG A 38 -7.37 -6.72 14.18
CA ARG A 38 -7.20 -5.92 15.38
C ARG A 38 -6.72 -4.51 15.05
N GLY A 39 -5.89 -4.41 14.02
CA GLY A 39 -5.38 -3.11 13.61
C GLY A 39 -4.47 -3.20 12.40
N TYR A 40 -4.49 -2.16 11.57
CA TYR A 40 -3.67 -2.13 10.37
C TYR A 40 -2.38 -1.35 10.61
N ASN A 41 -1.32 -1.72 9.88
CA ASN A 41 -0.04 -1.05 10.02
C ASN A 41 0.76 -1.15 8.73
N TRP A 42 0.97 -0.02 8.07
CA TRP A 42 1.72 0.02 6.82
C TRP A 42 3.19 0.36 7.08
N TYR A 43 4.04 0.02 6.12
CA TYR A 43 5.47 0.29 6.25
C TYR A 43 6.11 0.51 4.88
N LYS A 44 7.31 1.08 4.88
CA LYS A 44 8.03 1.35 3.64
C LYS A 44 9.16 0.34 3.43
N GLY A 45 8.96 -0.56 2.47
CA GLY A 45 9.98 -1.56 2.19
C GLY A 45 9.38 -2.89 1.79
N GLU A 46 10.22 -3.92 1.68
CA GLU A 46 9.77 -5.25 1.31
C GLU A 46 9.67 -6.16 2.53
N THR A 47 9.47 -5.56 3.69
CA THR A 47 9.37 -6.31 4.94
C THR A 47 8.94 -5.41 6.09
N VAL A 48 8.48 -6.02 7.17
CA VAL A 48 8.03 -5.27 8.34
C VAL A 48 9.16 -4.39 8.88
N ASP A 49 9.07 -3.09 8.60
CA ASP A 49 10.08 -2.15 9.07
C ASP A 49 9.48 -1.14 10.02
N ALA A 50 9.62 -1.40 11.32
CA ALA A 50 9.09 -0.51 12.34
C ALA A 50 9.67 0.89 12.21
N ASN A 51 10.93 0.98 11.81
CA ASN A 51 11.60 2.26 11.64
C ASN A 51 11.00 3.03 10.48
N ARG A 52 10.46 2.31 9.50
CA ARG A 52 9.85 2.93 8.33
C ARG A 52 8.33 2.89 8.43
N ARG A 53 7.82 2.76 9.65
CA ARG A 53 6.38 2.71 9.88
C ARG A 53 5.71 3.99 9.40
N ILE A 54 4.99 3.89 8.29
CA ILE A 54 4.29 5.04 7.73
C ILE A 54 3.17 5.52 8.65
N ILE A 55 2.23 4.63 8.93
CA ILE A 55 1.11 4.96 9.81
C ILE A 55 0.41 3.71 10.31
N GLY A 56 -0.16 3.78 11.51
CA GLY A 56 -0.85 2.64 12.08
C GLY A 56 -2.21 3.01 12.65
N TYR A 57 -3.19 2.13 12.46
CA TYR A 57 -4.54 2.38 12.95
C TYR A 57 -5.07 1.16 13.70
N VAL A 58 -5.79 1.42 14.79
CA VAL A 58 -6.35 0.35 15.60
C VAL A 58 -7.88 0.41 15.60
N ILE A 59 -8.51 -0.65 15.11
CA ILE A 59 -9.96 -0.72 15.06
C ILE A 59 -10.56 -0.88 16.46
N SER A 60 -9.86 -1.63 17.30
CA SER A 60 -10.32 -1.87 18.67
C SER A 60 -10.42 -0.56 19.44
N ASN A 61 -9.50 0.36 19.15
CA ASN A 61 -9.49 1.65 19.83
C ASN A 61 -9.67 2.79 18.82
N GLN A 62 -10.04 2.43 17.60
CA GLN A 62 -10.25 3.42 16.54
C GLN A 62 -9.27 4.58 16.69
N GLN A 63 -8.03 4.27 17.05
CA GLN A 63 -7.00 5.28 17.21
C GLN A 63 -6.00 5.25 16.06
N ILE A 64 -5.36 6.38 15.80
CA ILE A 64 -4.39 6.48 14.72
C ILE A 64 -3.06 7.03 15.23
N THR A 65 -1.98 6.30 14.97
CA THR A 65 -0.66 6.72 15.41
C THR A 65 0.32 6.73 14.25
N PRO A 66 0.56 7.93 13.69
CA PRO A 66 1.48 8.11 12.56
C PRO A 66 2.94 7.88 12.95
N GLY A 67 3.68 7.17 12.11
CA GLY A 67 5.07 6.90 12.39
C GLY A 67 6.00 7.94 11.78
N PRO A 68 7.31 7.64 11.77
CA PRO A 68 8.32 8.54 11.22
C PRO A 68 8.23 8.65 9.70
N ALA A 69 7.73 7.60 9.06
CA ALA A 69 7.58 7.58 7.61
C ALA A 69 6.25 8.20 7.19
N TYR A 70 5.80 9.19 7.92
CA TYR A 70 4.54 9.86 7.62
C TYR A 70 4.77 11.31 7.18
N SER A 71 4.00 11.75 6.21
CA SER A 71 4.13 13.11 5.70
C SER A 71 2.76 13.79 5.59
N ASN A 72 1.79 13.25 6.34
CA ASN A 72 0.44 13.80 6.33
C ASN A 72 -0.17 13.73 4.93
N ARG A 73 0.05 12.61 4.26
CA ARG A 73 -0.48 12.41 2.91
C ARG A 73 -1.19 11.07 2.79
N GLU A 74 -0.65 10.06 3.45
CA GLU A 74 -1.23 8.72 3.42
C GLU A 74 -2.46 8.65 4.31
N THR A 75 -3.45 7.86 3.89
CA THR A 75 -4.69 7.70 4.64
C THR A 75 -5.12 6.24 4.67
N ILE A 76 -5.14 5.66 5.87
CA ILE A 76 -5.54 4.27 6.05
C ILE A 76 -7.03 4.10 5.77
N TYR A 77 -7.48 2.84 5.75
CA TYR A 77 -8.88 2.54 5.50
C TYR A 77 -9.36 1.39 6.39
N PRO A 78 -10.68 1.28 6.56
CA PRO A 78 -11.29 0.22 7.38
C PRO A 78 -11.15 -1.16 6.76
N ASN A 79 -10.46 -1.22 5.61
CA ASN A 79 -10.25 -2.48 4.91
C ASN A 79 -8.76 -2.81 4.82
N ALA A 80 -7.95 -2.10 5.60
CA ALA A 80 -6.52 -2.32 5.60
C ALA A 80 -5.87 -1.74 4.34
N SER A 81 -6.53 -0.75 3.75
CA SER A 81 -6.03 -0.11 2.54
C SER A 81 -5.37 1.23 2.86
N LEU A 82 -4.53 1.70 1.95
CA LEU A 82 -3.83 2.97 2.14
C LEU A 82 -3.93 3.84 0.89
N LEU A 83 -4.49 5.03 1.03
CA LEU A 83 -4.65 5.94 -0.09
C LEU A 83 -3.47 6.93 -0.14
N MET A 84 -2.65 6.82 -1.18
CA MET A 84 -1.51 7.71 -1.34
C MET A 84 -1.89 8.94 -2.16
N ARG A 85 -1.56 10.12 -1.62
CA ARG A 85 -1.87 11.37 -2.29
C ARG A 85 -0.60 12.06 -2.77
N ASN A 86 -0.74 12.92 -3.78
CA ASN A 86 0.40 13.65 -4.33
C ASN A 86 1.59 12.71 -4.55
N VAL A 87 1.35 11.61 -5.26
CA VAL A 87 2.40 10.64 -5.54
C VAL A 87 3.56 11.28 -6.31
N THR A 88 4.66 10.56 -6.40
CA THR A 88 5.85 11.05 -7.11
C THR A 88 6.74 9.90 -7.55
N ARG A 89 7.57 10.16 -8.56
CA ARG A 89 8.47 9.15 -9.09
C ARG A 89 9.25 8.49 -7.95
N ASN A 90 9.56 9.26 -6.92
CA ASN A 90 10.30 8.74 -5.77
C ASN A 90 9.48 7.69 -5.03
N ASP A 91 8.22 8.00 -4.77
CA ASP A 91 7.34 7.08 -4.06
C ASP A 91 7.48 5.66 -4.60
N THR A 92 7.59 5.53 -5.91
CA THR A 92 7.74 4.24 -6.55
C THR A 92 8.70 3.35 -5.78
N GLY A 93 8.19 2.24 -5.25
CA GLY A 93 9.02 1.32 -4.49
C GLY A 93 8.24 0.15 -3.93
N SER A 94 8.41 -0.12 -2.64
CA SER A 94 7.71 -1.22 -2.00
C SER A 94 6.99 -0.75 -0.75
N TYR A 95 5.82 -1.33 -0.49
CA TYR A 95 5.02 -0.97 0.68
C TYR A 95 4.41 -2.20 1.32
N THR A 96 4.92 -2.57 2.49
CA THR A 96 4.43 -3.73 3.22
C THR A 96 3.37 -3.34 4.23
N LEU A 97 2.25 -4.07 4.23
CA LEU A 97 1.15 -3.79 5.15
C LEU A 97 0.86 -5.01 6.03
N GLN A 98 1.04 -4.86 7.33
CA GLN A 98 0.79 -5.95 8.26
C GLN A 98 -0.49 -5.69 9.06
N VAL A 99 -1.37 -6.68 9.09
CA VAL A 99 -2.62 -6.56 9.81
C VAL A 99 -2.67 -7.54 11.00
N ILE A 100 -2.86 -6.99 12.19
CA ILE A 100 -2.93 -7.80 13.40
C ILE A 100 -4.32 -8.40 13.60
N LYS A 101 -4.36 -9.62 14.09
CA LYS A 101 -5.62 -10.31 14.34
C LYS A 101 -5.89 -10.46 15.83
N LEU A 102 -7.16 -10.33 16.21
CA LEU A 102 -7.54 -10.46 17.62
C LEU A 102 -6.92 -11.69 18.24
N ASN A 103 -6.51 -12.64 17.40
CA ASN A 103 -5.89 -13.86 17.88
C ASN A 103 -4.40 -13.67 18.11
N LEU A 104 -4.01 -12.45 18.46
CA LEU A 104 -2.62 -12.13 18.72
C LEU A 104 -1.74 -12.57 17.54
N MET A 105 -2.25 -12.39 16.34
CA MET A 105 -1.50 -12.76 15.14
C MET A 105 -1.32 -11.55 14.22
N SER A 106 -0.66 -11.77 13.09
CA SER A 106 -0.40 -10.70 12.13
C SER A 106 0.00 -11.27 10.77
N GLU A 107 -0.62 -10.75 9.72
CA GLU A 107 -0.33 -11.22 8.37
C GLU A 107 0.61 -10.23 7.65
N GLU A 108 1.14 -10.66 6.52
CA GLU A 108 2.05 -9.83 5.73
C GLU A 108 1.66 -9.82 4.27
N VAL A 109 1.74 -8.65 3.64
CA VAL A 109 1.39 -8.51 2.23
C VAL A 109 2.10 -7.32 1.60
N THR A 110 2.96 -7.59 0.63
CA THR A 110 3.71 -6.54 -0.05
C THR A 110 2.90 -5.95 -1.21
N GLY A 111 2.31 -4.78 -0.97
CA GLY A 111 1.53 -4.13 -2.01
C GLY A 111 2.04 -2.75 -2.34
N GLN A 112 2.58 -2.60 -3.55
CA GLN A 112 3.12 -1.31 -3.99
C GLN A 112 2.57 -0.95 -5.36
N PHE A 113 3.00 0.21 -5.88
CA PHE A 113 2.56 0.68 -7.19
C PHE A 113 3.67 1.43 -7.90
N SER A 114 3.36 1.96 -9.08
CA SER A 114 4.34 2.70 -9.87
C SER A 114 3.77 4.04 -10.31
N VAL A 115 4.64 5.04 -10.38
CA VAL A 115 4.23 6.38 -10.78
C VAL A 115 4.97 6.83 -12.04
N HIS A 116 4.26 7.50 -12.93
CA HIS A 116 4.85 7.99 -14.18
C HIS A 116 4.40 9.41 -14.48
N PRO A 117 5.36 10.28 -14.80
CA PRO A 117 5.09 11.69 -15.11
C PRO A 117 4.36 11.86 -16.44
N GLU A 118 3.54 12.90 -16.53
CA GLU A 118 2.79 13.17 -17.75
C GLU A 118 3.73 13.31 -18.95
N THR A 119 4.03 12.19 -19.60
CA THR A 119 4.92 12.19 -20.75
C THR A 119 4.53 11.10 -21.74
N PRO A 120 3.97 11.51 -22.88
CA PRO A 120 3.54 10.58 -23.94
C PRO A 120 4.72 9.92 -24.64
N LYS A 121 4.49 8.72 -25.14
CA LYS A 121 5.53 7.96 -25.84
C LYS A 121 5.08 7.58 -27.25
N PRO A 122 6.02 7.63 -28.20
CA PRO A 122 5.75 7.29 -29.60
C PRO A 122 5.48 5.81 -29.79
N SER A 123 6.34 4.97 -29.22
CA SER A 123 6.20 3.53 -29.33
C SER A 123 5.23 2.99 -28.29
N ILE A 124 4.21 2.28 -28.75
CA ILE A 124 3.21 1.72 -27.86
C ILE A 124 3.84 0.77 -26.84
N SER A 125 5.10 0.42 -27.08
CA SER A 125 5.83 -0.48 -26.19
C SER A 125 6.70 0.31 -25.22
N GLY A 126 6.30 0.32 -23.95
CA GLY A 126 7.06 1.04 -22.94
C GLY A 126 8.07 0.17 -22.25
N PRO A 127 9.26 0.72 -21.99
CA PRO A 127 10.35 -0.01 -21.31
C PRO A 127 10.05 -0.27 -19.85
N SER A 128 10.06 -1.54 -19.46
CA SER A 128 9.79 -1.93 -18.08
C SER A 128 10.43 -3.27 -17.75
N SER A 129 10.31 -3.68 -16.49
CA SER A 129 10.88 -4.95 -16.05
C SER A 129 9.91 -5.68 -15.13
N GLY A 130 10.23 -6.94 -14.83
CA GLY A 130 9.38 -7.74 -13.96
C GLY A 130 8.74 -6.90 -12.86
N GLY A 1 -12.23 -3.03 -7.62
CA GLY A 1 -13.38 -3.91 -7.48
C GLY A 1 -13.09 -5.32 -7.95
N SER A 2 -12.69 -6.18 -7.01
CA SER A 2 -12.37 -7.57 -7.34
C SER A 2 -13.63 -8.43 -7.29
N SER A 3 -13.51 -9.66 -7.79
CA SER A 3 -14.64 -10.59 -7.81
C SER A 3 -14.14 -12.04 -7.83
N GLY A 4 -15.08 -12.97 -7.76
CA GLY A 4 -14.72 -14.39 -7.77
C GLY A 4 -13.81 -14.76 -6.62
N SER A 5 -14.34 -15.51 -5.67
CA SER A 5 -13.55 -15.93 -4.50
C SER A 5 -13.47 -17.46 -4.43
N SER A 6 -13.27 -18.09 -5.59
CA SER A 6 -13.17 -19.54 -5.65
C SER A 6 -11.73 -19.98 -5.89
N GLY A 7 -11.29 -20.97 -5.12
CA GLY A 7 -9.93 -21.47 -5.27
C GLY A 7 -9.03 -21.04 -4.12
N THR A 8 -7.79 -20.69 -4.44
CA THR A 8 -6.83 -20.27 -3.43
C THR A 8 -7.03 -18.81 -3.06
N ALA A 9 -6.98 -18.52 -1.76
CA ALA A 9 -7.15 -17.15 -1.27
C ALA A 9 -6.07 -16.79 -0.26
N GLN A 10 -5.60 -15.55 -0.32
CA GLN A 10 -4.56 -15.08 0.59
C GLN A 10 -4.46 -13.56 0.57
N LEU A 11 -4.47 -12.95 1.74
CA LEU A 11 -4.38 -11.50 1.85
C LEU A 11 -3.45 -10.93 0.79
N THR A 12 -3.92 -9.91 0.08
CA THR A 12 -3.13 -9.27 -0.97
C THR A 12 -3.45 -7.79 -1.08
N ILE A 13 -2.76 -7.10 -1.98
CA ILE A 13 -2.98 -5.68 -2.18
C ILE A 13 -2.88 -5.31 -3.67
N GLU A 14 -3.90 -4.61 -4.17
CA GLU A 14 -3.92 -4.20 -5.56
C GLU A 14 -4.05 -2.69 -5.69
N ALA A 15 -2.98 -2.04 -6.16
CA ALA A 15 -2.97 -0.60 -6.31
C ALA A 15 -4.02 -0.16 -7.33
N VAL A 16 -4.73 0.93 -7.01
CA VAL A 16 -5.76 1.45 -7.89
C VAL A 16 -5.72 2.98 -7.95
N PRO A 17 -5.26 3.52 -9.09
CA PRO A 17 -4.83 2.71 -10.23
C PRO A 17 -3.53 1.96 -9.95
N SER A 18 -3.06 1.21 -10.95
CA SER A 18 -1.82 0.45 -10.80
C SER A 18 -0.62 1.26 -11.26
N ASN A 19 -0.86 2.20 -12.17
CA ASN A 19 0.21 3.05 -12.69
C ASN A 19 -0.23 4.52 -12.74
N ALA A 20 -0.04 5.22 -11.63
CA ALA A 20 -0.42 6.62 -11.55
C ALA A 20 0.71 7.53 -12.01
N ALA A 21 0.43 8.83 -12.09
CA ALA A 21 1.43 9.79 -12.53
C ALA A 21 1.87 10.69 -11.37
N GLU A 22 2.80 11.60 -11.65
CA GLU A 22 3.29 12.52 -10.63
C GLU A 22 2.22 13.52 -10.21
N GLY A 23 1.87 13.51 -8.93
CA GLY A 23 0.85 14.41 -8.42
C GLY A 23 -0.53 13.79 -8.45
N LYS A 24 -0.59 12.47 -8.58
CA LYS A 24 -1.86 11.76 -8.63
C LYS A 24 -2.12 11.03 -7.31
N GLU A 25 -3.24 10.32 -7.24
CA GLU A 25 -3.60 9.57 -6.04
C GLU A 25 -3.69 8.07 -6.34
N VAL A 26 -3.27 7.27 -5.37
CA VAL A 26 -3.29 5.82 -5.53
C VAL A 26 -3.91 5.15 -4.31
N LEU A 27 -5.01 4.42 -4.53
CA LEU A 27 -5.70 3.73 -3.45
C LEU A 27 -5.33 2.24 -3.44
N LEU A 28 -4.43 1.88 -2.53
CA LEU A 28 -4.00 0.49 -2.41
C LEU A 28 -5.08 -0.37 -1.76
N LEU A 29 -5.86 -1.06 -2.60
CA LEU A 29 -6.94 -1.92 -2.11
C LEU A 29 -6.37 -3.22 -1.54
N VAL A 30 -7.19 -3.93 -0.77
CA VAL A 30 -6.79 -5.19 -0.17
C VAL A 30 -7.85 -6.26 -0.38
N HIS A 31 -7.40 -7.50 -0.57
CA HIS A 31 -8.31 -8.62 -0.79
C HIS A 31 -7.96 -9.79 0.13
N ASN A 32 -8.90 -10.70 0.30
CA ASN A 32 -8.69 -11.87 1.16
C ASN A 32 -8.39 -11.45 2.59
N LEU A 33 -8.90 -10.28 2.97
CA LEU A 33 -8.69 -9.76 4.33
C LEU A 33 -9.17 -10.76 5.37
N PRO A 34 -8.70 -10.60 6.62
CA PRO A 34 -9.07 -11.47 7.73
C PRO A 34 -10.52 -11.28 8.15
N GLN A 35 -11.06 -12.29 8.83
CA GLN A 35 -12.44 -12.24 9.30
C GLN A 35 -12.65 -11.07 10.27
N ASP A 36 -11.83 -11.04 11.31
CA ASP A 36 -11.91 -9.97 12.32
C ASP A 36 -10.54 -9.37 12.57
N PRO A 37 -10.22 -8.29 11.83
CA PRO A 37 -8.95 -7.59 11.95
C PRO A 37 -8.83 -6.82 13.27
N ARG A 38 -7.61 -6.70 13.78
CA ARG A 38 -7.37 -5.99 15.02
C ARG A 38 -6.73 -4.63 14.76
N GLY A 39 -5.97 -4.54 13.68
CA GLY A 39 -5.32 -3.28 13.34
C GLY A 39 -4.40 -3.41 12.14
N TYR A 40 -4.27 -2.34 11.37
CA TYR A 40 -3.43 -2.34 10.19
C TYR A 40 -2.15 -1.54 10.43
N ASN A 41 -1.11 -1.85 9.65
CA ASN A 41 0.17 -1.16 9.79
C ASN A 41 0.90 -1.09 8.44
N TRP A 42 1.01 0.11 7.90
CA TRP A 42 1.68 0.31 6.62
C TRP A 42 3.14 0.71 6.83
N TYR A 43 4.05 -0.08 6.27
CA TYR A 43 5.48 0.21 6.38
C TYR A 43 6.11 0.45 5.02
N LYS A 44 7.33 0.97 5.02
CA LYS A 44 8.04 1.24 3.78
C LYS A 44 9.24 0.31 3.62
N GLY A 45 9.12 -0.65 2.71
CA GLY A 45 10.20 -1.59 2.48
C GLY A 45 9.70 -2.96 2.08
N GLU A 46 10.57 -3.96 2.16
CA GLU A 46 10.21 -5.33 1.80
C GLU A 46 10.07 -6.19 3.04
N THR A 47 9.87 -5.55 4.19
CA THR A 47 9.73 -6.27 5.46
C THR A 47 9.23 -5.33 6.56
N VAL A 48 8.81 -5.92 7.68
CA VAL A 48 8.32 -5.14 8.80
C VAL A 48 9.39 -4.19 9.33
N ASP A 49 9.29 -2.93 8.95
CA ASP A 49 10.25 -1.92 9.40
C ASP A 49 9.59 -0.91 10.33
N ALA A 50 9.84 -1.06 11.63
CA ALA A 50 9.27 -0.16 12.62
C ALA A 50 9.84 1.25 12.48
N ASN A 51 11.06 1.33 11.95
CA ASN A 51 11.72 2.62 11.76
C ASN A 51 11.11 3.38 10.59
N ARG A 52 10.60 2.64 9.61
CA ARG A 52 9.99 3.25 8.44
C ARG A 52 8.47 3.15 8.50
N ARG A 53 7.94 3.11 9.72
CA ARG A 53 6.50 3.01 9.92
C ARG A 53 5.79 4.25 9.40
N ILE A 54 5.07 4.10 8.28
CA ILE A 54 4.35 5.21 7.68
C ILE A 54 3.17 5.63 8.55
N ILE A 55 2.34 4.67 8.93
CA ILE A 55 1.19 4.94 9.77
C ILE A 55 0.51 3.65 10.20
N GLY A 56 -0.05 3.66 11.41
CA GLY A 56 -0.73 2.48 11.92
C GLY A 56 -2.07 2.81 12.57
N TYR A 57 -3.05 1.95 12.34
CA TYR A 57 -4.39 2.15 12.89
C TYR A 57 -4.88 0.89 13.59
N VAL A 58 -5.53 1.08 14.74
CA VAL A 58 -6.06 -0.04 15.52
C VAL A 58 -7.58 -0.06 15.49
N ILE A 59 -8.15 -1.06 14.85
CA ILE A 59 -9.60 -1.18 14.76
C ILE A 59 -10.22 -1.43 16.13
N SER A 60 -9.50 -2.15 16.98
CA SER A 60 -9.98 -2.46 18.32
C SER A 60 -10.39 -1.19 19.05
N ASN A 61 -9.52 -0.18 19.01
CA ASN A 61 -9.79 1.09 19.67
C ASN A 61 -9.78 2.23 18.67
N GLN A 62 -9.97 1.89 17.40
CA GLN A 62 -9.99 2.89 16.33
C GLN A 62 -9.03 4.04 16.64
N GLN A 63 -7.78 3.70 16.91
CA GLN A 63 -6.77 4.70 17.22
C GLN A 63 -5.82 4.90 16.04
N ILE A 64 -5.33 6.13 15.89
CA ILE A 64 -4.41 6.46 14.81
C ILE A 64 -3.08 6.98 15.35
N THR A 65 -1.99 6.40 14.87
CA THR A 65 -0.66 6.81 15.30
C THR A 65 0.28 6.96 14.11
N PRO A 66 0.50 8.20 13.67
CA PRO A 66 1.39 8.50 12.55
C PRO A 66 2.85 8.26 12.88
N GLY A 67 3.48 7.36 12.12
CA GLY A 67 4.88 7.05 12.34
C GLY A 67 5.81 8.10 11.77
N PRO A 68 7.12 7.80 11.77
CA PRO A 68 8.14 8.71 11.24
C PRO A 68 8.07 8.85 9.73
N ALA A 69 7.53 7.82 9.06
CA ALA A 69 7.40 7.84 7.62
C ALA A 69 6.07 8.45 7.18
N TYR A 70 5.62 9.45 7.92
CA TYR A 70 4.36 10.13 7.62
C TYR A 70 4.60 11.59 7.24
N SER A 71 3.84 12.08 6.26
CA SER A 71 3.97 13.46 5.82
C SER A 71 2.60 14.12 5.71
N ASN A 72 1.60 13.52 6.36
CA ASN A 72 0.25 14.05 6.33
C ASN A 72 -0.32 14.04 4.92
N ARG A 73 -0.08 12.95 4.21
CA ARG A 73 -0.57 12.81 2.84
C ARG A 73 -1.28 11.47 2.65
N GLU A 74 -0.81 10.46 3.36
CA GLU A 74 -1.40 9.12 3.27
C GLU A 74 -2.52 8.95 4.28
N THR A 75 -3.45 8.05 3.98
CA THR A 75 -4.58 7.80 4.86
C THR A 75 -4.97 6.32 4.83
N ILE A 76 -5.18 5.74 6.01
CA ILE A 76 -5.57 4.34 6.11
C ILE A 76 -7.05 4.16 5.86
N TYR A 77 -7.48 2.90 5.73
CA TYR A 77 -8.88 2.59 5.48
C TYR A 77 -9.35 1.42 6.34
N PRO A 78 -10.67 1.28 6.50
CA PRO A 78 -11.27 0.21 7.29
C PRO A 78 -11.12 -1.15 6.63
N ASN A 79 -10.43 -1.18 5.50
CA ASN A 79 -10.21 -2.42 4.76
C ASN A 79 -8.71 -2.69 4.59
N ALA A 80 -7.90 -2.03 5.40
CA ALA A 80 -6.45 -2.20 5.34
C ALA A 80 -5.88 -1.57 4.08
N SER A 81 -6.55 -0.53 3.58
CA SER A 81 -6.12 0.16 2.37
C SER A 81 -5.53 1.53 2.72
N LEU A 82 -4.46 1.90 2.02
CA LEU A 82 -3.81 3.19 2.25
C LEU A 82 -3.88 4.06 1.01
N LEU A 83 -4.54 5.21 1.12
CA LEU A 83 -4.67 6.14 0.01
C LEU A 83 -3.49 7.09 -0.05
N MET A 84 -2.73 7.03 -1.14
CA MET A 84 -1.57 7.89 -1.32
C MET A 84 -1.90 9.06 -2.24
N ARG A 85 -2.12 10.24 -1.64
CA ARG A 85 -2.44 11.44 -2.40
C ARG A 85 -1.18 12.23 -2.73
N ASN A 86 -1.19 12.85 -3.91
CA ASN A 86 -0.04 13.64 -4.35
C ASN A 86 1.23 12.79 -4.38
N VAL A 87 1.16 11.66 -5.08
CA VAL A 87 2.31 10.76 -5.19
C VAL A 87 3.44 11.41 -5.97
N THR A 88 4.56 10.69 -6.10
CA THR A 88 5.71 11.20 -6.82
C THR A 88 6.63 10.06 -7.25
N ARG A 89 7.44 10.31 -8.28
CA ARG A 89 8.37 9.31 -8.79
C ARG A 89 9.08 8.59 -7.65
N ASN A 90 9.82 9.37 -6.86
CA ASN A 90 10.57 8.81 -5.73
C ASN A 90 9.70 7.83 -4.94
N ASP A 91 8.41 8.14 -4.84
CA ASP A 91 7.47 7.29 -4.12
C ASP A 91 7.59 5.84 -4.57
N THR A 92 7.70 5.64 -5.88
CA THR A 92 7.81 4.30 -6.45
C THR A 92 8.78 3.45 -5.63
N GLY A 93 8.26 2.38 -5.03
CA GLY A 93 9.09 1.50 -4.24
C GLY A 93 8.32 0.31 -3.71
N SER A 94 8.50 0.01 -2.42
CA SER A 94 7.82 -1.11 -1.79
C SER A 94 7.06 -0.66 -0.55
N TYR A 95 5.93 -1.32 -0.28
CA TYR A 95 5.11 -0.99 0.86
C TYR A 95 4.52 -2.25 1.50
N THR A 96 5.05 -2.61 2.66
CA THR A 96 4.58 -3.80 3.38
C THR A 96 3.39 -3.48 4.27
N LEU A 97 2.42 -4.38 4.31
CA LEU A 97 1.23 -4.19 5.13
C LEU A 97 1.10 -5.30 6.16
N GLN A 98 1.02 -4.90 7.43
CA GLN A 98 0.89 -5.87 8.53
C GLN A 98 -0.49 -5.79 9.16
N VAL A 99 -1.25 -6.87 9.06
CA VAL A 99 -2.60 -6.92 9.63
C VAL A 99 -2.64 -7.85 10.84
N ILE A 100 -2.89 -7.26 12.01
CA ILE A 100 -2.96 -8.03 13.24
C ILE A 100 -4.33 -8.68 13.41
N LYS A 101 -4.35 -9.90 13.93
CA LYS A 101 -5.59 -10.63 14.14
C LYS A 101 -6.00 -10.59 15.61
N LEU A 102 -7.29 -10.76 15.86
CA LEU A 102 -7.81 -10.76 17.23
C LEU A 102 -7.22 -11.91 18.04
N ASN A 103 -6.55 -12.83 17.36
CA ASN A 103 -5.94 -13.97 18.01
C ASN A 103 -4.49 -13.70 18.35
N LEU A 104 -4.17 -12.42 18.56
CA LEU A 104 -2.80 -12.02 18.89
C LEU A 104 -1.82 -12.48 17.82
N MET A 105 -2.18 -12.22 16.56
CA MET A 105 -1.32 -12.61 15.44
C MET A 105 -1.17 -11.45 14.45
N SER A 106 -0.40 -11.68 13.40
CA SER A 106 -0.17 -10.65 12.38
C SER A 106 0.30 -11.29 11.07
N GLU A 107 -0.18 -10.75 9.96
CA GLU A 107 0.19 -11.26 8.65
C GLU A 107 1.18 -10.32 7.96
N GLU A 108 1.57 -10.67 6.72
CA GLU A 108 2.51 -9.86 5.97
C GLU A 108 2.16 -9.87 4.48
N VAL A 109 2.26 -8.70 3.84
CA VAL A 109 1.95 -8.58 2.43
C VAL A 109 2.60 -7.33 1.84
N THR A 110 3.41 -7.51 0.80
CA THR A 110 4.09 -6.40 0.15
C THR A 110 3.26 -5.86 -1.01
N GLY A 111 2.55 -4.77 -0.76
CA GLY A 111 1.72 -4.17 -1.79
C GLY A 111 2.17 -2.77 -2.15
N GLN A 112 2.77 -2.63 -3.34
CA GLN A 112 3.25 -1.33 -3.80
C GLN A 112 2.71 -1.01 -5.18
N PHE A 113 3.17 0.10 -5.75
CA PHE A 113 2.72 0.53 -7.07
C PHE A 113 3.85 1.21 -7.84
N SER A 114 3.54 1.72 -9.02
CA SER A 114 4.53 2.39 -9.85
C SER A 114 4.01 3.73 -10.35
N VAL A 115 4.91 4.70 -10.49
CA VAL A 115 4.53 6.03 -10.95
C VAL A 115 5.28 6.39 -12.24
N HIS A 116 4.62 7.13 -13.11
CA HIS A 116 5.21 7.54 -14.38
C HIS A 116 4.74 8.94 -14.77
N PRO A 117 5.69 9.78 -15.21
CA PRO A 117 5.40 11.15 -15.63
C PRO A 117 4.60 11.22 -16.93
N GLU A 118 3.57 12.05 -16.95
CA GLU A 118 2.73 12.20 -18.13
C GLU A 118 3.49 12.93 -19.25
N THR A 119 4.26 12.18 -20.02
CA THR A 119 5.03 12.77 -21.12
C THR A 119 5.08 11.82 -22.31
N PRO A 120 5.11 12.40 -23.52
CA PRO A 120 5.16 11.63 -24.77
C PRO A 120 6.49 10.92 -24.96
N LYS A 121 6.45 9.71 -25.51
CA LYS A 121 7.66 8.94 -25.76
C LYS A 121 8.22 9.22 -27.14
N PRO A 122 9.50 9.65 -27.18
CA PRO A 122 10.18 9.97 -28.44
C PRO A 122 10.47 8.73 -29.28
N SER A 123 10.85 8.94 -30.53
CA SER A 123 11.14 7.83 -31.44
C SER A 123 12.15 6.88 -30.82
N ILE A 124 13.33 7.41 -30.48
CA ILE A 124 14.37 6.61 -29.87
C ILE A 124 14.27 6.61 -28.35
N SER A 125 14.55 5.46 -27.74
CA SER A 125 14.48 5.32 -26.30
C SER A 125 15.21 4.07 -25.83
N GLY A 126 15.37 3.94 -24.52
CA GLY A 126 16.06 2.78 -23.97
C GLY A 126 17.56 2.81 -24.22
N PRO A 127 18.23 3.83 -23.68
CA PRO A 127 19.68 3.99 -23.83
C PRO A 127 20.47 2.93 -23.09
N SER A 128 21.67 2.62 -23.59
CA SER A 128 22.52 1.62 -22.96
C SER A 128 23.20 2.18 -21.71
N SER A 129 22.61 1.89 -20.55
CA SER A 129 23.15 2.36 -19.29
C SER A 129 23.56 1.20 -18.40
N GLY A 130 24.80 1.23 -17.93
CA GLY A 130 25.30 0.17 -17.09
C GLY A 130 26.73 0.42 -16.62
N GLY A 1 -5.03 -6.23 -14.89
CA GLY A 1 -5.92 -7.39 -14.89
C GLY A 1 -5.20 -8.65 -14.44
N SER A 2 -5.05 -8.80 -13.13
CA SER A 2 -4.38 -9.98 -12.56
C SER A 2 -5.39 -10.95 -11.98
N SER A 3 -5.94 -11.81 -12.83
CA SER A 3 -6.92 -12.80 -12.40
C SER A 3 -6.25 -13.93 -11.63
N GLY A 4 -6.90 -14.36 -10.55
CA GLY A 4 -6.36 -15.43 -9.73
C GLY A 4 -7.35 -16.55 -9.50
N SER A 5 -6.92 -17.78 -9.71
CA SER A 5 -7.79 -18.94 -9.53
C SER A 5 -8.49 -18.89 -8.18
N SER A 6 -9.76 -19.26 -8.17
CA SER A 6 -10.55 -19.25 -6.93
C SER A 6 -10.05 -20.32 -5.97
N GLY A 7 -10.39 -20.15 -4.69
CA GLY A 7 -9.98 -21.10 -3.68
C GLY A 7 -8.99 -20.52 -2.70
N THR A 8 -7.78 -21.07 -2.67
CA THR A 8 -6.74 -20.59 -1.77
C THR A 8 -6.75 -19.06 -1.68
N ALA A 9 -6.74 -18.54 -0.45
CA ALA A 9 -6.74 -17.10 -0.24
C ALA A 9 -5.52 -16.66 0.55
N GLN A 10 -5.08 -15.43 0.33
CA GLN A 10 -3.91 -14.89 1.02
C GLN A 10 -3.86 -13.37 0.91
N LEU A 11 -3.65 -12.71 2.04
CA LEU A 11 -3.58 -11.26 2.07
C LEU A 11 -2.83 -10.72 0.86
N THR A 12 -3.51 -9.93 0.05
CA THR A 12 -2.90 -9.36 -1.15
C THR A 12 -3.26 -7.88 -1.29
N ILE A 13 -2.59 -7.20 -2.21
CA ILE A 13 -2.85 -5.78 -2.45
C ILE A 13 -2.77 -5.45 -3.94
N GLU A 14 -3.79 -4.76 -4.43
CA GLU A 14 -3.84 -4.38 -5.84
C GLU A 14 -3.92 -2.87 -5.99
N ALA A 15 -2.83 -2.26 -6.45
CA ALA A 15 -2.76 -0.82 -6.63
C ALA A 15 -3.86 -0.34 -7.57
N VAL A 16 -4.56 0.72 -7.18
CA VAL A 16 -5.64 1.27 -7.99
C VAL A 16 -5.59 2.80 -7.99
N PRO A 17 -5.24 3.37 -9.14
CA PRO A 17 -4.90 2.61 -10.34
C PRO A 17 -3.58 1.86 -10.19
N SER A 18 -3.26 1.02 -11.18
CA SER A 18 -2.04 0.23 -11.16
C SER A 18 -0.82 1.11 -11.48
N ASN A 19 -1.07 2.19 -12.23
CA ASN A 19 -0.01 3.11 -12.60
C ASN A 19 -0.54 4.53 -12.72
N ALA A 20 -0.21 5.37 -11.74
CA ALA A 20 -0.66 6.75 -11.75
C ALA A 20 0.46 7.68 -12.20
N ALA A 21 0.16 8.98 -12.27
CA ALA A 21 1.14 9.97 -12.70
C ALA A 21 1.53 10.89 -11.54
N GLU A 22 2.51 11.75 -11.78
CA GLU A 22 2.98 12.68 -10.76
C GLU A 22 1.85 13.59 -10.30
N GLY A 23 1.59 13.58 -8.99
CA GLY A 23 0.53 14.41 -8.44
C GLY A 23 -0.77 13.64 -8.25
N LYS A 24 -0.90 12.53 -8.96
CA LYS A 24 -2.10 11.70 -8.86
C LYS A 24 -2.15 10.96 -7.53
N GLU A 25 -3.23 10.20 -7.33
CA GLU A 25 -3.39 9.43 -6.10
C GLU A 25 -3.50 7.94 -6.39
N VAL A 26 -3.01 7.12 -5.47
CA VAL A 26 -3.06 5.68 -5.63
C VAL A 26 -3.68 5.01 -4.41
N LEU A 27 -4.78 4.29 -4.64
CA LEU A 27 -5.47 3.60 -3.56
C LEU A 27 -5.10 2.12 -3.52
N LEU A 28 -4.31 1.74 -2.52
CA LEU A 28 -3.87 0.35 -2.38
C LEU A 28 -4.96 -0.49 -1.72
N LEU A 29 -5.74 -1.19 -2.53
CA LEU A 29 -6.81 -2.04 -2.04
C LEU A 29 -6.25 -3.33 -1.44
N VAL A 30 -7.03 -3.94 -0.55
CA VAL A 30 -6.61 -5.19 0.09
C VAL A 30 -7.69 -6.26 -0.03
N HIS A 31 -7.26 -7.47 -0.36
CA HIS A 31 -8.20 -8.59 -0.51
C HIS A 31 -7.81 -9.74 0.41
N ASN A 32 -8.69 -10.74 0.49
CA ASN A 32 -8.44 -11.91 1.33
C ASN A 32 -8.08 -11.48 2.75
N LEU A 33 -8.57 -10.32 3.16
CA LEU A 33 -8.30 -9.79 4.50
C LEU A 33 -8.60 -10.84 5.56
N PRO A 34 -8.00 -10.67 6.76
CA PRO A 34 -8.18 -11.59 7.88
C PRO A 34 -9.59 -11.50 8.46
N GLN A 35 -9.95 -12.48 9.29
CA GLN A 35 -11.26 -12.52 9.91
C GLN A 35 -11.51 -11.24 10.71
N ASP A 36 -10.65 -10.98 11.68
CA ASP A 36 -10.78 -9.79 12.53
C ASP A 36 -9.45 -9.06 12.64
N PRO A 37 -9.23 -8.09 11.73
CA PRO A 37 -8.00 -7.30 11.70
C PRO A 37 -7.89 -6.34 12.89
N ARG A 38 -7.47 -6.87 14.04
CA ARG A 38 -7.34 -6.06 15.24
C ARG A 38 -6.90 -4.65 14.90
N GLY A 39 -6.07 -4.52 13.86
CA GLY A 39 -5.58 -3.22 13.45
C GLY A 39 -4.68 -3.29 12.23
N TYR A 40 -4.59 -2.19 11.50
CA TYR A 40 -3.76 -2.14 10.30
C TYR A 40 -2.45 -1.41 10.58
N ASN A 41 -1.41 -1.77 9.83
CA ASN A 41 -0.10 -1.15 10.00
C ASN A 41 0.71 -1.22 8.70
N TRP A 42 0.97 -0.06 8.12
CA TRP A 42 1.73 0.02 6.87
C TRP A 42 3.20 0.32 7.15
N TYR A 43 4.04 0.07 6.16
CA TYR A 43 5.47 0.31 6.29
C TYR A 43 6.12 0.55 4.93
N LYS A 44 7.34 1.07 4.94
CA LYS A 44 8.07 1.35 3.71
C LYS A 44 9.20 0.34 3.50
N GLY A 45 9.05 -0.49 2.49
CA GLY A 45 10.06 -1.49 2.20
C GLY A 45 9.47 -2.82 1.78
N GLU A 46 10.29 -3.86 1.76
CA GLU A 46 9.84 -5.19 1.37
C GLU A 46 9.73 -6.10 2.60
N THR A 47 9.51 -5.49 3.76
CA THR A 47 9.39 -6.25 5.00
C THR A 47 8.94 -5.36 6.15
N VAL A 48 8.58 -5.97 7.27
CA VAL A 48 8.13 -5.22 8.44
C VAL A 48 9.24 -4.34 8.98
N ASP A 49 9.14 -3.03 8.72
CA ASP A 49 10.13 -2.07 9.18
C ASP A 49 9.50 -1.04 10.11
N ALA A 50 9.65 -1.26 11.41
CA ALA A 50 9.09 -0.35 12.41
C ALA A 50 9.67 1.06 12.25
N ASN A 51 10.95 1.13 11.91
CA ASN A 51 11.62 2.40 11.73
C ASN A 51 11.00 3.19 10.57
N ARG A 52 10.43 2.47 9.62
CA ARG A 52 9.79 3.10 8.46
C ARG A 52 8.28 3.01 8.56
N ARG A 53 7.78 2.84 9.77
CA ARG A 53 6.34 2.73 10.00
C ARG A 53 5.63 3.99 9.52
N ILE A 54 5.02 3.91 8.34
CA ILE A 54 4.29 5.03 7.77
C ILE A 54 3.18 5.49 8.70
N ILE A 55 2.25 4.58 9.00
CA ILE A 55 1.13 4.89 9.87
C ILE A 55 0.46 3.62 10.38
N GLY A 56 -0.12 3.70 11.57
CA GLY A 56 -0.78 2.55 12.16
C GLY A 56 -2.12 2.90 12.76
N TYR A 57 -3.14 2.09 12.47
CA TYR A 57 -4.48 2.32 12.99
C TYR A 57 -5.02 1.07 13.68
N VAL A 58 -5.67 1.28 14.83
CA VAL A 58 -6.22 0.17 15.60
C VAL A 58 -7.75 0.24 15.63
N ILE A 59 -8.39 -0.76 15.05
CA ILE A 59 -9.84 -0.82 15.02
C ILE A 59 -10.42 -1.04 16.41
N SER A 60 -9.71 -1.80 17.23
CA SER A 60 -10.15 -2.09 18.59
C SER A 60 -10.72 -0.85 19.25
N ASN A 61 -9.97 0.25 19.19
CA ASN A 61 -10.40 1.51 19.79
C ASN A 61 -10.29 2.65 18.79
N GLN A 62 -10.19 2.30 17.51
CA GLN A 62 -10.08 3.30 16.45
C GLN A 62 -8.99 4.31 16.78
N GLN A 63 -7.79 3.81 17.07
CA GLN A 63 -6.67 4.68 17.39
C GLN A 63 -5.77 4.88 16.17
N ILE A 64 -5.17 6.07 16.07
CA ILE A 64 -4.29 6.38 14.96
C ILE A 64 -2.99 7.02 15.45
N THR A 65 -1.87 6.41 15.10
CA THR A 65 -0.57 6.91 15.50
C THR A 65 0.42 6.91 14.33
N PRO A 66 0.66 8.10 13.75
CA PRO A 66 1.57 8.26 12.63
C PRO A 66 3.03 8.05 13.02
N GLY A 67 3.78 7.41 12.14
CA GLY A 67 5.19 7.15 12.42
C GLY A 67 6.11 8.15 11.75
N PRO A 68 7.40 7.81 11.66
CA PRO A 68 8.41 8.68 11.03
C PRO A 68 8.22 8.78 9.52
N ALA A 69 7.60 7.76 8.94
CA ALA A 69 7.36 7.74 7.50
C ALA A 69 6.02 8.36 7.15
N TYR A 70 5.64 9.40 7.90
CA TYR A 70 4.37 10.09 7.68
C TYR A 70 4.61 11.55 7.33
N SER A 71 3.88 12.04 6.33
CA SER A 71 4.00 13.43 5.88
C SER A 71 2.63 14.06 5.71
N ASN A 72 1.62 13.47 6.34
CA ASN A 72 0.26 13.99 6.26
C ASN A 72 -0.25 13.94 4.83
N ARG A 73 0.02 12.82 4.15
CA ARG A 73 -0.42 12.64 2.77
C ARG A 73 -1.18 11.33 2.60
N GLU A 74 -0.76 10.32 3.35
CA GLU A 74 -1.40 9.01 3.29
C GLU A 74 -2.57 8.92 4.26
N THR A 75 -3.51 8.03 3.98
CA THR A 75 -4.68 7.84 4.82
C THR A 75 -5.13 6.39 4.85
N ILE A 76 -5.17 5.80 6.04
CA ILE A 76 -5.58 4.41 6.20
C ILE A 76 -7.07 4.25 5.90
N TYR A 77 -7.50 2.99 5.77
CA TYR A 77 -8.90 2.70 5.50
C TYR A 77 -9.39 1.53 6.35
N PRO A 78 -10.72 1.41 6.47
CA PRO A 78 -11.35 0.34 7.25
C PRO A 78 -11.19 -1.03 6.60
N ASN A 79 -10.45 -1.07 5.49
CA ASN A 79 -10.22 -2.31 4.77
C ASN A 79 -8.73 -2.59 4.63
N ALA A 80 -7.94 -2.04 5.55
CA ALA A 80 -6.50 -2.23 5.54
C ALA A 80 -5.88 -1.62 4.29
N SER A 81 -6.55 -0.63 3.71
CA SER A 81 -6.07 0.03 2.52
C SER A 81 -5.44 1.38 2.85
N LEU A 82 -4.50 1.82 2.00
CA LEU A 82 -3.83 3.09 2.22
C LEU A 82 -3.88 3.95 0.96
N LEU A 83 -4.48 5.13 1.09
CA LEU A 83 -4.60 6.05 -0.04
C LEU A 83 -3.42 7.01 -0.10
N MET A 84 -2.68 6.96 -1.20
CA MET A 84 -1.51 7.82 -1.37
C MET A 84 -1.84 8.98 -2.31
N ARG A 85 -1.79 10.20 -1.78
CA ARG A 85 -2.08 11.39 -2.58
C ARG A 85 -0.79 12.09 -2.99
N ASN A 86 -0.83 12.76 -4.15
CA ASN A 86 0.34 13.46 -4.66
C ASN A 86 1.51 12.51 -4.86
N VAL A 87 1.26 11.41 -5.55
CA VAL A 87 2.29 10.42 -5.82
C VAL A 87 3.35 10.97 -6.75
N THR A 88 4.62 10.74 -6.40
CA THR A 88 5.73 11.23 -7.20
C THR A 88 6.64 10.08 -7.62
N ARG A 89 7.42 10.30 -8.67
CA ARG A 89 8.34 9.29 -9.18
C ARG A 89 9.09 8.60 -8.03
N ASN A 90 9.37 9.38 -6.98
CA ASN A 90 10.08 8.85 -5.82
C ASN A 90 9.27 7.78 -5.12
N ASP A 91 7.99 8.09 -4.87
CA ASP A 91 7.11 7.14 -4.20
C ASP A 91 7.33 5.72 -4.72
N THR A 92 7.48 5.59 -6.03
CA THR A 92 7.69 4.29 -6.65
C THR A 92 8.67 3.46 -5.84
N GLY A 93 8.20 2.30 -5.35
CA GLY A 93 9.04 1.43 -4.56
C GLY A 93 8.28 0.24 -4.00
N SER A 94 8.40 0.04 -2.69
CA SER A 94 7.72 -1.07 -2.02
C SER A 94 7.03 -0.60 -0.75
N TYR A 95 5.87 -1.17 -0.47
CA TYR A 95 5.11 -0.81 0.72
C TYR A 95 4.48 -2.04 1.36
N THR A 96 5.01 -2.43 2.52
CA THR A 96 4.50 -3.60 3.24
C THR A 96 3.35 -3.21 4.17
N LEU A 97 2.30 -4.02 4.18
CA LEU A 97 1.15 -3.77 5.02
C LEU A 97 0.83 -4.99 5.89
N GLN A 98 1.00 -4.83 7.20
CA GLN A 98 0.73 -5.92 8.13
C GLN A 98 -0.62 -5.73 8.81
N VAL A 99 -1.35 -6.84 9.00
CA VAL A 99 -2.66 -6.79 9.62
C VAL A 99 -2.71 -7.69 10.85
N ILE A 100 -2.94 -7.09 12.01
CA ILE A 100 -3.02 -7.84 13.26
C ILE A 100 -4.40 -8.44 13.46
N LYS A 101 -4.45 -9.65 14.00
CA LYS A 101 -5.71 -10.34 14.25
C LYS A 101 -5.98 -10.45 15.75
N LEU A 102 -7.26 -10.36 16.12
CA LEU A 102 -7.64 -10.46 17.52
C LEU A 102 -6.98 -11.65 18.20
N ASN A 103 -6.52 -12.60 17.39
CA ASN A 103 -5.85 -13.79 17.92
C ASN A 103 -4.38 -13.52 18.19
N LEU A 104 -4.06 -12.27 18.52
CA LEU A 104 -2.69 -11.88 18.80
C LEU A 104 -1.75 -12.32 17.69
N MET A 105 -2.20 -12.17 16.45
CA MET A 105 -1.39 -12.54 15.29
C MET A 105 -1.21 -11.37 14.34
N SER A 106 -0.48 -11.59 13.26
CA SER A 106 -0.22 -10.54 12.28
C SER A 106 0.01 -11.14 10.89
N GLU A 107 -0.37 -10.40 9.86
CA GLU A 107 -0.19 -10.86 8.48
C GLU A 107 0.83 -10.00 7.75
N GLU A 108 1.05 -10.31 6.48
CA GLU A 108 2.01 -9.57 5.67
C GLU A 108 1.58 -9.56 4.20
N VAL A 109 1.65 -8.39 3.59
CA VAL A 109 1.27 -8.23 2.18
C VAL A 109 1.97 -7.04 1.54
N THR A 110 2.89 -7.33 0.61
CA THR A 110 3.63 -6.29 -0.07
C THR A 110 2.82 -5.70 -1.22
N GLY A 111 2.25 -4.52 -1.00
CA GLY A 111 1.46 -3.88 -2.03
C GLY A 111 1.97 -2.49 -2.37
N GLN A 112 2.55 -2.36 -3.57
CA GLN A 112 3.10 -1.08 -4.01
C GLN A 112 2.49 -0.67 -5.36
N PHE A 113 2.98 0.43 -5.91
CA PHE A 113 2.49 0.93 -7.18
C PHE A 113 3.61 1.57 -7.99
N SER A 114 3.27 2.08 -9.17
CA SER A 114 4.26 2.71 -10.04
C SER A 114 3.79 4.11 -10.46
N VAL A 115 4.74 5.02 -10.59
CA VAL A 115 4.45 6.39 -10.98
C VAL A 115 5.19 6.78 -12.25
N HIS A 116 4.48 7.41 -13.19
CA HIS A 116 5.08 7.83 -14.45
C HIS A 116 4.79 9.30 -14.72
N PRO A 117 5.77 10.00 -15.32
CA PRO A 117 5.65 11.42 -15.64
C PRO A 117 4.65 11.67 -16.77
N GLU A 118 3.69 12.56 -16.52
CA GLU A 118 2.67 12.89 -17.51
C GLU A 118 3.24 13.83 -18.57
N THR A 119 4.42 13.51 -19.09
CA THR A 119 5.06 14.33 -20.10
C THR A 119 5.59 13.47 -21.25
N PRO A 120 5.75 14.09 -22.43
CA PRO A 120 6.25 13.41 -23.62
C PRO A 120 7.73 13.04 -23.50
N LYS A 121 8.05 11.79 -23.84
CA LYS A 121 9.42 11.32 -23.77
C LYS A 121 10.08 11.35 -25.15
N PRO A 122 10.91 12.38 -25.39
CA PRO A 122 11.61 12.54 -26.66
C PRO A 122 12.71 11.50 -26.86
N SER A 123 12.41 10.50 -27.69
CA SER A 123 13.36 9.43 -27.96
C SER A 123 14.73 10.00 -28.31
N ILE A 124 15.78 9.35 -27.81
CA ILE A 124 17.15 9.80 -28.07
C ILE A 124 18.03 8.63 -28.47
N SER A 125 18.97 8.89 -29.37
CA SER A 125 19.89 7.85 -29.85
C SER A 125 20.55 7.15 -28.67
N GLY A 126 20.98 7.92 -27.68
CA GLY A 126 21.64 7.36 -26.51
C GLY A 126 23.10 7.06 -26.76
N PRO A 127 23.97 7.56 -25.87
CA PRO A 127 25.42 7.37 -25.97
C PRO A 127 25.82 5.92 -25.69
N SER A 128 26.14 5.18 -26.75
CA SER A 128 26.54 3.79 -26.60
C SER A 128 27.54 3.62 -25.47
N SER A 129 27.09 3.00 -24.38
CA SER A 129 27.95 2.78 -23.22
C SER A 129 27.66 1.42 -22.59
N GLY A 130 28.72 0.74 -22.17
CA GLY A 130 28.56 -0.56 -21.54
C GLY A 130 28.65 -0.50 -20.03
N GLY A 1 -22.37 -8.49 -9.54
CA GLY A 1 -21.29 -8.47 -8.56
C GLY A 1 -21.07 -9.83 -7.91
N SER A 2 -20.01 -10.51 -8.32
CA SER A 2 -19.69 -11.83 -7.79
C SER A 2 -18.22 -11.91 -7.42
N SER A 3 -17.93 -12.59 -6.30
CA SER A 3 -16.56 -12.75 -5.84
C SER A 3 -15.63 -13.09 -6.99
N GLY A 4 -15.96 -14.15 -7.72
CA GLY A 4 -15.15 -14.56 -8.85
C GLY A 4 -14.58 -15.96 -8.68
N SER A 5 -13.27 -16.05 -8.50
CA SER A 5 -12.60 -17.34 -8.33
C SER A 5 -12.60 -17.76 -6.86
N SER A 6 -12.80 -19.05 -6.62
CA SER A 6 -12.81 -19.57 -5.26
C SER A 6 -11.70 -20.61 -5.06
N GLY A 7 -11.39 -20.88 -3.80
CA GLY A 7 -10.35 -21.85 -3.50
C GLY A 7 -9.23 -21.26 -2.66
N THR A 8 -8.01 -21.68 -2.93
CA THR A 8 -6.84 -21.19 -2.19
C THR A 8 -6.79 -19.67 -2.20
N ALA A 9 -6.99 -19.08 -1.03
CA ALA A 9 -6.96 -17.62 -0.90
C ALA A 9 -5.72 -17.16 -0.14
N GLN A 10 -5.43 -15.86 -0.24
CA GLN A 10 -4.26 -15.30 0.43
C GLN A 10 -4.30 -13.77 0.40
N LEU A 11 -4.17 -13.16 1.57
CA LEU A 11 -4.19 -11.70 1.68
C LEU A 11 -3.33 -11.06 0.59
N THR A 12 -3.92 -10.16 -0.17
CA THR A 12 -3.21 -9.48 -1.24
C THR A 12 -3.57 -8.00 -1.29
N ILE A 13 -2.89 -7.25 -2.15
CA ILE A 13 -3.14 -5.83 -2.29
C ILE A 13 -3.06 -5.39 -3.76
N GLU A 14 -4.09 -4.68 -4.22
CA GLU A 14 -4.13 -4.21 -5.59
C GLU A 14 -4.18 -2.68 -5.64
N ALA A 15 -3.23 -2.08 -6.35
CA ALA A 15 -3.17 -0.63 -6.47
C ALA A 15 -4.24 -0.12 -7.44
N VAL A 16 -4.87 1.00 -7.09
CA VAL A 16 -5.90 1.60 -7.92
C VAL A 16 -5.78 3.11 -7.96
N PRO A 17 -5.34 3.64 -9.11
CA PRO A 17 -5.00 2.82 -10.27
C PRO A 17 -3.73 2.01 -10.06
N SER A 18 -3.36 1.22 -11.05
CA SER A 18 -2.17 0.38 -10.98
C SER A 18 -0.91 1.18 -11.31
N ASN A 19 -1.11 2.28 -12.03
CA ASN A 19 0.00 3.14 -12.43
C ASN A 19 -0.46 4.58 -12.61
N ALA A 20 -0.11 5.43 -11.65
CA ALA A 20 -0.49 6.84 -11.70
C ALA A 20 0.71 7.72 -12.05
N ALA A 21 0.47 9.02 -12.19
CA ALA A 21 1.53 9.96 -12.52
C ALA A 21 1.75 10.96 -11.39
N GLU A 22 2.94 11.57 -11.37
CA GLU A 22 3.26 12.55 -10.35
C GLU A 22 2.10 13.51 -10.10
N GLY A 23 1.76 13.69 -8.83
CA GLY A 23 0.66 14.58 -8.49
C GLY A 23 -0.66 13.85 -8.37
N LYS A 24 -0.70 12.62 -8.84
CA LYS A 24 -1.91 11.81 -8.79
C LYS A 24 -1.99 11.05 -7.47
N GLU A 25 -3.06 10.28 -7.30
CA GLU A 25 -3.26 9.49 -6.10
C GLU A 25 -3.41 8.00 -6.41
N VAL A 26 -3.00 7.17 -5.47
CA VAL A 26 -3.09 5.71 -5.66
C VAL A 26 -3.66 5.03 -4.43
N LEU A 27 -4.78 4.34 -4.61
CA LEU A 27 -5.43 3.64 -3.51
C LEU A 27 -5.05 2.16 -3.49
N LEU A 28 -4.23 1.76 -2.53
CA LEU A 28 -3.81 0.38 -2.41
C LEU A 28 -4.86 -0.47 -1.70
N LEU A 29 -5.73 -1.10 -2.48
CA LEU A 29 -6.79 -1.94 -1.92
C LEU A 29 -6.22 -3.24 -1.39
N VAL A 30 -7.02 -3.95 -0.59
CA VAL A 30 -6.60 -5.22 -0.01
C VAL A 30 -7.70 -6.26 -0.11
N HIS A 31 -7.33 -7.47 -0.54
CA HIS A 31 -8.29 -8.56 -0.67
C HIS A 31 -7.92 -9.73 0.23
N ASN A 32 -8.88 -10.63 0.44
CA ASN A 32 -8.65 -11.80 1.29
C ASN A 32 -8.34 -11.38 2.72
N LEU A 33 -8.87 -10.23 3.12
CA LEU A 33 -8.65 -9.72 4.47
C LEU A 33 -9.10 -10.72 5.53
N PRO A 34 -8.60 -10.56 6.76
CA PRO A 34 -8.95 -11.44 7.87
C PRO A 34 -10.39 -11.27 8.33
N GLN A 35 -10.98 -12.34 8.84
CA GLN A 35 -12.36 -12.30 9.31
C GLN A 35 -12.60 -11.10 10.21
N ASP A 36 -11.81 -11.00 11.26
CA ASP A 36 -11.92 -9.90 12.21
C ASP A 36 -10.56 -9.28 12.51
N PRO A 37 -10.25 -8.16 11.81
CA PRO A 37 -8.97 -7.46 11.98
C PRO A 37 -8.88 -6.76 13.33
N ARG A 38 -7.66 -6.58 13.81
CA ARG A 38 -7.42 -5.92 15.10
C ARG A 38 -6.73 -4.57 14.90
N GLY A 39 -5.94 -4.46 13.84
CA GLY A 39 -5.24 -3.22 13.57
C GLY A 39 -4.33 -3.33 12.35
N TYR A 40 -4.28 -2.27 11.55
CA TYR A 40 -3.44 -2.25 10.36
C TYR A 40 -2.15 -1.50 10.62
N ASN A 41 -1.10 -1.87 9.90
CA ASN A 41 0.21 -1.23 10.05
C ASN A 41 0.97 -1.25 8.73
N TRP A 42 1.13 -0.07 8.13
CA TRP A 42 1.84 0.05 6.86
C TRP A 42 3.30 0.42 7.09
N TYR A 43 4.15 0.09 6.13
CA TYR A 43 5.58 0.39 6.23
C TYR A 43 6.15 0.79 4.88
N LYS A 44 7.43 1.16 4.87
CA LYS A 44 8.09 1.56 3.63
C LYS A 44 9.50 0.98 3.56
N GLY A 45 9.70 0.03 2.66
CA GLY A 45 10.99 -0.60 2.51
C GLY A 45 10.92 -2.11 2.54
N GLU A 46 9.73 -2.65 2.32
CA GLU A 46 9.52 -4.09 2.32
C GLU A 46 9.92 -4.70 3.67
N THR A 47 9.66 -3.95 4.74
CA THR A 47 9.99 -4.40 6.08
C THR A 47 8.96 -3.91 7.10
N VAL A 48 8.68 -4.73 8.11
CA VAL A 48 7.73 -4.38 9.15
C VAL A 48 8.43 -3.81 10.38
N ASP A 49 9.24 -2.77 10.16
CA ASP A 49 9.97 -2.14 11.25
C ASP A 49 9.39 -0.76 11.56
N ALA A 50 9.27 -0.44 12.84
CA ALA A 50 8.74 0.84 13.27
C ALA A 50 9.56 2.00 12.68
N ASN A 51 10.85 1.76 12.48
CA ASN A 51 11.73 2.77 11.93
C ASN A 51 11.22 3.27 10.58
N ARG A 52 10.67 2.36 9.79
CA ARG A 52 10.14 2.70 8.48
C ARG A 52 8.62 2.60 8.46
N ARG A 53 8.00 2.81 9.62
CA ARG A 53 6.55 2.74 9.74
C ARG A 53 5.90 4.00 9.17
N ILE A 54 4.97 3.82 8.23
CA ILE A 54 4.28 4.93 7.61
C ILE A 54 3.07 5.35 8.45
N ILE A 55 2.12 4.44 8.60
CA ILE A 55 0.91 4.71 9.37
C ILE A 55 0.41 3.46 10.08
N GLY A 56 -0.12 3.63 11.28
CA GLY A 56 -0.63 2.50 12.04
C GLY A 56 -1.96 2.81 12.71
N TYR A 57 -2.98 2.03 12.37
CA TYR A 57 -4.30 2.22 12.94
C TYR A 57 -4.77 0.96 13.66
N VAL A 58 -5.45 1.16 14.79
CA VAL A 58 -5.96 0.04 15.57
C VAL A 58 -7.49 0.06 15.65
N ILE A 59 -8.12 -0.92 15.02
CA ILE A 59 -9.58 -1.01 15.03
C ILE A 59 -10.11 -1.27 16.43
N SER A 60 -9.32 -2.00 17.23
CA SER A 60 -9.72 -2.33 18.59
C SER A 60 -10.09 -1.07 19.37
N ASN A 61 -9.16 -0.11 19.41
CA ASN A 61 -9.40 1.14 20.11
C ASN A 61 -9.61 2.29 19.14
N GLN A 62 -9.71 1.96 17.85
CA GLN A 62 -9.92 2.96 16.81
C GLN A 62 -8.97 4.14 17.00
N GLN A 63 -7.69 3.85 17.15
CA GLN A 63 -6.69 4.88 17.33
C GLN A 63 -5.74 4.94 16.14
N ILE A 64 -5.34 6.16 15.77
CA ILE A 64 -4.44 6.35 14.64
C ILE A 64 -3.09 6.91 15.11
N THR A 65 -2.02 6.19 14.77
CA THR A 65 -0.68 6.61 15.16
C THR A 65 0.26 6.61 13.95
N PRO A 66 0.48 7.81 13.38
CA PRO A 66 1.36 7.98 12.22
C PRO A 66 2.82 7.77 12.56
N GLY A 67 3.49 6.91 11.79
CA GLY A 67 4.89 6.64 12.03
C GLY A 67 5.78 7.78 11.61
N PRO A 68 7.11 7.55 11.65
CA PRO A 68 8.10 8.57 11.28
C PRO A 68 8.10 8.85 9.78
N ALA A 69 7.77 7.83 9.00
CA ALA A 69 7.73 7.97 7.55
C ALA A 69 6.38 8.50 7.08
N TYR A 70 5.73 9.28 7.93
CA TYR A 70 4.42 9.84 7.60
C TYR A 70 4.56 11.30 7.16
N SER A 71 4.17 11.58 5.92
CA SER A 71 4.26 12.92 5.38
C SER A 71 2.91 13.63 5.46
N ASN A 72 1.94 12.96 6.07
CA ASN A 72 0.59 13.52 6.22
C ASN A 72 -0.14 13.55 4.88
N ARG A 73 0.19 12.59 4.02
CA ARG A 73 -0.43 12.52 2.70
C ARG A 73 -1.13 11.17 2.50
N GLU A 74 -0.85 10.24 3.41
CA GLU A 74 -1.44 8.90 3.34
C GLU A 74 -2.57 8.76 4.35
N THR A 75 -3.58 7.97 4.01
CA THR A 75 -4.72 7.74 4.89
C THR A 75 -5.15 6.27 4.88
N ILE A 76 -5.19 5.66 6.05
CA ILE A 76 -5.59 4.27 6.18
C ILE A 76 -7.07 4.08 5.87
N TYR A 77 -7.48 2.84 5.69
CA TYR A 77 -8.87 2.52 5.37
C TYR A 77 -9.38 1.38 6.26
N PRO A 78 -10.71 1.27 6.36
CA PRO A 78 -11.35 0.23 7.16
C PRO A 78 -11.19 -1.17 6.55
N ASN A 79 -10.47 -1.23 5.43
CA ASN A 79 -10.23 -2.50 4.76
C ASN A 79 -8.73 -2.81 4.68
N ALA A 80 -7.95 -2.11 5.50
CA ALA A 80 -6.51 -2.31 5.53
C ALA A 80 -5.86 -1.74 4.27
N SER A 81 -6.47 -0.71 3.71
CA SER A 81 -5.95 -0.08 2.50
C SER A 81 -5.35 1.29 2.83
N LEU A 82 -4.42 1.73 1.99
CA LEU A 82 -3.75 3.02 2.19
C LEU A 82 -3.85 3.87 0.93
N LEU A 83 -4.42 5.06 1.06
CA LEU A 83 -4.57 5.98 -0.06
C LEU A 83 -3.39 6.94 -0.13
N MET A 84 -2.58 6.79 -1.18
CA MET A 84 -1.42 7.65 -1.37
C MET A 84 -1.77 8.87 -2.22
N ARG A 85 -1.65 10.05 -1.62
CA ARG A 85 -1.96 11.30 -2.33
C ARG A 85 -0.69 12.00 -2.77
N ASN A 86 -0.79 12.77 -3.85
CA ASN A 86 0.36 13.50 -4.39
C ASN A 86 1.56 12.57 -4.55
N VAL A 87 1.35 11.47 -5.27
CA VAL A 87 2.42 10.50 -5.51
C VAL A 87 3.54 11.12 -6.35
N THR A 88 4.72 10.53 -6.25
CA THR A 88 5.87 11.02 -7.00
C THR A 88 6.63 9.87 -7.66
N ARG A 89 7.48 10.21 -8.64
CA ARG A 89 8.25 9.20 -9.35
C ARG A 89 9.18 8.45 -8.39
N ASN A 90 9.61 9.14 -7.34
CA ASN A 90 10.50 8.53 -6.35
C ASN A 90 9.75 7.50 -5.50
N ASP A 91 8.54 7.85 -5.10
CA ASP A 91 7.72 6.96 -4.28
C ASP A 91 7.80 5.53 -4.79
N THR A 92 7.92 5.38 -6.11
CA THR A 92 8.01 4.06 -6.73
C THR A 92 8.97 3.16 -5.95
N GLY A 93 8.46 2.03 -5.48
CA GLY A 93 9.28 1.09 -4.74
C GLY A 93 8.48 -0.09 -4.21
N SER A 94 8.32 -0.14 -2.89
CA SER A 94 7.58 -1.23 -2.25
C SER A 94 7.02 -0.79 -0.90
N TYR A 95 5.83 -1.27 -0.58
CA TYR A 95 5.19 -0.93 0.68
C TYR A 95 4.52 -2.16 1.30
N THR A 96 5.06 -2.63 2.42
CA THR A 96 4.52 -3.80 3.10
C THR A 96 3.44 -3.38 4.10
N LEU A 97 2.31 -4.07 4.07
CA LEU A 97 1.20 -3.78 4.97
C LEU A 97 0.93 -4.96 5.89
N GLN A 98 1.25 -4.79 7.17
CA GLN A 98 1.04 -5.84 8.17
C GLN A 98 -0.20 -5.56 9.01
N VAL A 99 -1.11 -6.52 9.07
CA VAL A 99 -2.34 -6.38 9.84
C VAL A 99 -2.40 -7.41 10.96
N ILE A 100 -2.76 -6.95 12.16
CA ILE A 100 -2.88 -7.84 13.32
C ILE A 100 -4.28 -8.39 13.45
N LYS A 101 -4.38 -9.66 13.82
CA LYS A 101 -5.67 -10.31 13.99
C LYS A 101 -6.11 -10.29 15.46
N LEU A 102 -7.34 -10.73 15.71
CA LEU A 102 -7.88 -10.76 17.06
C LEU A 102 -7.27 -11.91 17.86
N ASN A 103 -6.72 -12.89 17.15
CA ASN A 103 -6.11 -14.05 17.80
C ASN A 103 -4.65 -13.76 18.16
N LEU A 104 -4.32 -12.49 18.29
CA LEU A 104 -2.96 -12.08 18.64
C LEU A 104 -1.97 -12.53 17.58
N MET A 105 -2.32 -12.32 16.32
CA MET A 105 -1.46 -12.70 15.21
C MET A 105 -1.28 -11.54 14.23
N SER A 106 -0.46 -11.75 13.21
CA SER A 106 -0.19 -10.73 12.21
C SER A 106 0.14 -11.34 10.85
N GLU A 107 -0.28 -10.67 9.79
CA GLU A 107 -0.03 -11.16 8.43
C GLU A 107 0.94 -10.24 7.70
N GLU A 108 1.23 -10.58 6.45
CA GLU A 108 2.14 -9.78 5.63
C GLU A 108 1.72 -9.80 4.17
N VAL A 109 1.77 -8.64 3.52
CA VAL A 109 1.39 -8.52 2.12
C VAL A 109 2.06 -7.30 1.47
N THR A 110 2.96 -7.56 0.53
CA THR A 110 3.66 -6.50 -0.17
C THR A 110 2.82 -5.91 -1.29
N GLY A 111 2.26 -4.74 -1.05
CA GLY A 111 1.43 -4.09 -2.05
C GLY A 111 1.91 -2.69 -2.39
N GLN A 112 2.39 -2.51 -3.62
CA GLN A 112 2.89 -1.22 -4.05
C GLN A 112 2.39 -0.89 -5.45
N PHE A 113 2.79 0.26 -5.98
CA PHE A 113 2.39 0.69 -7.31
C PHE A 113 3.55 1.36 -8.04
N SER A 114 3.26 1.89 -9.23
CA SER A 114 4.28 2.57 -10.03
C SER A 114 3.85 3.99 -10.37
N VAL A 115 4.83 4.88 -10.49
CA VAL A 115 4.56 6.28 -10.80
C VAL A 115 5.41 6.75 -11.98
N HIS A 116 4.77 7.45 -12.92
CA HIS A 116 5.48 7.97 -14.09
C HIS A 116 4.95 9.34 -14.48
N PRO A 117 5.86 10.24 -14.85
CA PRO A 117 5.51 11.61 -15.26
C PRO A 117 4.79 11.65 -16.59
N GLU A 118 3.95 12.68 -16.77
CA GLU A 118 3.20 12.83 -18.02
C GLU A 118 4.05 13.48 -19.09
N THR A 119 5.22 12.91 -19.36
CA THR A 119 6.13 13.44 -20.36
C THR A 119 5.91 12.77 -21.71
N PRO A 120 6.05 13.55 -22.80
CA PRO A 120 5.86 13.05 -24.15
C PRO A 120 6.98 12.10 -24.58
N LYS A 121 6.60 11.00 -25.21
CA LYS A 121 7.57 10.01 -25.67
C LYS A 121 8.29 10.50 -26.92
N PRO A 122 9.60 10.23 -27.00
CA PRO A 122 10.43 10.63 -28.14
C PRO A 122 10.10 9.84 -29.40
N SER A 123 9.87 10.56 -30.50
CA SER A 123 9.54 9.93 -31.77
C SER A 123 10.81 9.52 -32.52
N ILE A 124 10.79 8.31 -33.08
CA ILE A 124 11.94 7.81 -33.83
C ILE A 124 11.63 7.71 -35.32
N SER A 125 12.62 8.00 -36.15
CA SER A 125 12.45 7.95 -37.60
C SER A 125 13.04 6.67 -38.16
N GLY A 126 12.19 5.86 -38.80
CA GLY A 126 12.65 4.61 -39.38
C GLY A 126 11.60 3.52 -39.30
N PRO A 127 11.30 2.90 -40.45
CA PRO A 127 10.31 1.83 -40.52
C PRO A 127 10.78 0.54 -39.84
N SER A 128 9.96 0.02 -38.94
CA SER A 128 10.31 -1.21 -38.22
C SER A 128 10.63 -2.34 -39.20
N SER A 129 11.06 -3.47 -38.65
CA SER A 129 11.41 -4.62 -39.47
C SER A 129 10.24 -5.59 -39.58
N GLY A 130 9.78 -6.09 -38.44
CA GLY A 130 8.66 -7.01 -38.42
C GLY A 130 9.09 -8.43 -38.08
N GLY A 1 1.32 -20.27 -11.05
CA GLY A 1 0.15 -19.82 -11.79
C GLY A 1 -0.86 -20.93 -12.00
N SER A 2 -2.10 -20.68 -11.60
CA SER A 2 -3.16 -21.67 -11.74
C SER A 2 -3.84 -21.53 -13.09
N SER A 3 -4.29 -20.31 -13.41
CA SER A 3 -4.97 -20.04 -14.66
C SER A 3 -6.29 -20.80 -14.75
N GLY A 4 -7.03 -20.81 -13.64
CA GLY A 4 -8.30 -21.52 -13.60
C GLY A 4 -9.27 -20.90 -12.61
N SER A 5 -9.42 -21.56 -11.46
CA SER A 5 -10.33 -21.08 -10.42
C SER A 5 -9.63 -21.03 -9.07
N SER A 6 -9.65 -19.87 -8.43
CA SER A 6 -9.02 -19.69 -7.13
C SER A 6 -9.63 -20.63 -6.10
N GLY A 7 -9.01 -20.69 -4.93
CA GLY A 7 -9.51 -21.55 -3.87
C GLY A 7 -9.14 -21.04 -2.49
N THR A 8 -7.87 -20.74 -2.29
CA THR A 8 -7.39 -20.24 -1.01
C THR A 8 -7.16 -18.73 -1.05
N ALA A 9 -7.73 -18.02 -0.07
CA ALA A 9 -7.59 -16.58 0.00
C ALA A 9 -6.29 -16.19 0.71
N GLN A 10 -5.52 -15.31 0.07
CA GLN A 10 -4.25 -14.86 0.64
C GLN A 10 -4.16 -13.35 0.63
N LEU A 11 -3.89 -12.77 1.80
CA LEU A 11 -3.78 -11.32 1.94
C LEU A 11 -3.00 -10.72 0.77
N THR A 12 -3.70 -9.99 -0.09
CA THR A 12 -3.08 -9.36 -1.24
C THR A 12 -3.45 -7.89 -1.33
N ILE A 13 -2.79 -7.17 -2.24
CA ILE A 13 -3.05 -5.75 -2.43
C ILE A 13 -2.97 -5.36 -3.89
N GLU A 14 -3.93 -4.56 -4.35
CA GLU A 14 -3.96 -4.12 -5.74
C GLU A 14 -4.04 -2.59 -5.82
N ALA A 15 -2.97 -1.98 -6.34
CA ALA A 15 -2.93 -0.52 -6.47
C ALA A 15 -3.99 -0.02 -7.44
N VAL A 16 -4.68 1.04 -7.07
CA VAL A 16 -5.72 1.62 -7.91
C VAL A 16 -5.66 3.14 -7.89
N PRO A 17 -5.23 3.73 -9.03
CA PRO A 17 -4.85 2.96 -10.22
C PRO A 17 -3.55 2.19 -10.02
N SER A 18 -3.15 1.45 -11.05
CA SER A 18 -1.93 0.66 -10.98
C SER A 18 -0.71 1.49 -11.41
N ASN A 19 -0.96 2.49 -12.26
CA ASN A 19 0.10 3.36 -12.75
C ASN A 19 -0.33 4.82 -12.70
N ALA A 20 -0.08 5.47 -11.56
CA ALA A 20 -0.45 6.87 -11.40
C ALA A 20 0.68 7.78 -11.84
N ALA A 21 0.38 9.07 -11.98
CA ALA A 21 1.38 10.05 -12.40
C ALA A 21 1.71 11.01 -11.27
N GLU A 22 2.93 11.54 -11.30
CA GLU A 22 3.38 12.48 -10.26
C GLU A 22 2.27 13.49 -9.94
N GLY A 23 2.00 13.65 -8.65
CA GLY A 23 0.97 14.59 -8.22
C GLY A 23 -0.39 13.93 -8.09
N LYS A 24 -0.52 12.72 -8.62
CA LYS A 24 -1.77 11.98 -8.55
C LYS A 24 -1.88 11.19 -7.25
N GLU A 25 -3.01 10.52 -7.05
CA GLU A 25 -3.23 9.73 -5.85
C GLU A 25 -3.40 8.25 -6.19
N VAL A 26 -2.92 7.39 -5.30
CA VAL A 26 -3.02 5.94 -5.51
C VAL A 26 -3.71 5.26 -4.32
N LEU A 27 -4.63 4.36 -4.62
CA LEU A 27 -5.36 3.64 -3.58
C LEU A 27 -4.96 2.17 -3.57
N LEU A 28 -4.18 1.77 -2.58
CA LEU A 28 -3.73 0.39 -2.46
C LEU A 28 -4.80 -0.46 -1.79
N LEU A 29 -5.68 -1.05 -2.60
CA LEU A 29 -6.74 -1.90 -2.09
C LEU A 29 -6.19 -3.20 -1.52
N VAL A 30 -6.97 -3.84 -0.66
CA VAL A 30 -6.56 -5.10 -0.05
C VAL A 30 -7.68 -6.14 -0.10
N HIS A 31 -7.34 -7.35 -0.53
CA HIS A 31 -8.32 -8.43 -0.63
C HIS A 31 -7.93 -9.59 0.28
N ASN A 32 -8.81 -10.58 0.37
CA ASN A 32 -8.56 -11.76 1.20
C ASN A 32 -8.22 -11.34 2.63
N LEU A 33 -8.70 -10.17 3.03
CA LEU A 33 -8.45 -9.66 4.38
C LEU A 33 -8.74 -10.73 5.43
N PRO A 34 -8.18 -10.54 6.63
CA PRO A 34 -8.37 -11.48 7.75
C PRO A 34 -9.80 -11.45 8.29
N GLN A 35 -10.03 -12.18 9.37
CA GLN A 35 -11.35 -12.24 9.99
C GLN A 35 -11.55 -11.06 10.95
N ASP A 36 -10.65 -10.93 11.90
CA ASP A 36 -10.74 -9.85 12.89
C ASP A 36 -9.41 -9.08 12.96
N PRO A 37 -9.23 -8.14 12.03
CA PRO A 37 -8.01 -7.32 11.97
C PRO A 37 -7.92 -6.33 13.12
N ARG A 38 -7.43 -6.80 14.27
CA ARG A 38 -7.30 -5.96 15.45
C ARG A 38 -6.87 -4.54 15.06
N GLY A 39 -6.01 -4.45 14.04
CA GLY A 39 -5.55 -3.15 13.59
C GLY A 39 -4.63 -3.26 12.39
N TYR A 40 -4.63 -2.23 11.55
CA TYR A 40 -3.79 -2.21 10.36
C TYR A 40 -2.49 -1.47 10.62
N ASN A 41 -1.45 -1.83 9.89
CA ASN A 41 -0.14 -1.20 10.05
C ASN A 41 0.64 -1.23 8.74
N TRP A 42 0.78 -0.07 8.12
CA TRP A 42 1.51 0.05 6.86
C TRP A 42 2.98 0.36 7.10
N TYR A 43 3.81 0.10 6.10
CA TYR A 43 5.24 0.35 6.20
C TYR A 43 5.83 0.71 4.84
N LYS A 44 6.99 1.35 4.86
CA LYS A 44 7.67 1.76 3.63
C LYS A 44 8.91 0.90 3.39
N GLY A 45 8.72 -0.23 2.71
CA GLY A 45 9.83 -1.12 2.42
C GLY A 45 9.42 -2.58 2.44
N GLU A 46 10.35 -3.45 2.05
CA GLU A 46 10.08 -4.88 2.02
C GLU A 46 10.30 -5.52 3.39
N THR A 47 10.03 -4.74 4.44
CA THR A 47 10.21 -5.22 5.80
C THR A 47 9.29 -4.48 6.77
N VAL A 48 8.97 -5.12 7.89
CA VAL A 48 8.11 -4.51 8.89
C VAL A 48 8.92 -3.82 9.98
N ASP A 49 9.74 -2.85 9.57
CA ASP A 49 10.58 -2.11 10.50
C ASP A 49 9.89 -0.82 10.93
N ALA A 50 9.98 -0.51 12.23
CA ALA A 50 9.37 0.71 12.77
C ALA A 50 9.91 1.95 12.08
N ASN A 51 11.21 1.93 11.76
CA ASN A 51 11.85 3.06 11.11
C ASN A 51 11.22 3.32 9.74
N ARG A 52 10.51 2.33 9.22
CA ARG A 52 9.86 2.46 7.93
C ARG A 52 8.34 2.51 8.08
N ARG A 53 7.87 2.35 9.31
CA ARG A 53 6.44 2.37 9.59
C ARG A 53 5.81 3.67 9.13
N ILE A 54 4.89 3.58 8.17
CA ILE A 54 4.22 4.75 7.63
C ILE A 54 3.08 5.20 8.54
N ILE A 55 2.17 4.27 8.84
CA ILE A 55 1.04 4.56 9.70
C ILE A 55 0.34 3.28 10.16
N GLY A 56 -0.30 3.35 11.31
CA GLY A 56 -1.00 2.19 11.84
C GLY A 56 -2.28 2.56 12.57
N TYR A 57 -3.40 2.03 12.10
CA TYR A 57 -4.70 2.31 12.71
C TYR A 57 -5.22 1.10 13.48
N VAL A 58 -5.53 1.30 14.76
CA VAL A 58 -6.04 0.22 15.60
C VAL A 58 -7.56 0.22 15.62
N ILE A 59 -8.16 -0.80 14.99
CA ILE A 59 -9.61 -0.92 14.94
C ILE A 59 -10.17 -1.25 16.32
N SER A 60 -9.45 -2.07 17.07
CA SER A 60 -9.89 -2.46 18.41
C SER A 60 -10.02 -1.25 19.31
N ASN A 61 -9.04 -0.34 19.23
CA ASN A 61 -9.05 0.87 20.04
C ASN A 61 -9.34 2.10 19.19
N GLN A 62 -9.76 1.87 17.95
CA GLN A 62 -10.07 2.96 17.04
C GLN A 62 -9.12 4.13 17.24
N GLN A 63 -7.82 3.85 17.23
CA GLN A 63 -6.82 4.88 17.42
C GLN A 63 -5.79 4.85 16.29
N ILE A 64 -5.53 6.01 15.70
CA ILE A 64 -4.56 6.12 14.61
C ILE A 64 -3.22 6.62 15.11
N THR A 65 -2.17 5.83 14.89
CA THR A 65 -0.83 6.20 15.32
C THR A 65 0.11 6.33 14.13
N PRO A 66 0.36 7.58 13.70
CA PRO A 66 1.24 7.87 12.57
C PRO A 66 2.70 7.59 12.89
N GLY A 67 3.39 6.92 11.97
CA GLY A 67 4.79 6.60 12.17
C GLY A 67 5.72 7.70 11.67
N PRO A 68 7.02 7.40 11.62
CA PRO A 68 8.03 8.35 11.16
C PRO A 68 7.93 8.62 9.66
N ALA A 69 7.54 7.60 8.90
CA ALA A 69 7.41 7.73 7.45
C ALA A 69 6.04 8.29 7.08
N TYR A 70 5.51 9.17 7.92
CA TYR A 70 4.20 9.78 7.68
C TYR A 70 4.34 11.27 7.41
N SER A 71 3.66 11.74 6.38
CA SER A 71 3.71 13.16 6.01
C SER A 71 2.30 13.70 5.78
N ASN A 72 1.34 13.14 6.50
CA ASN A 72 -0.05 13.58 6.39
C ASN A 72 -0.52 13.52 4.94
N ARG A 73 0.09 12.62 4.16
CA ARG A 73 -0.27 12.46 2.76
C ARG A 73 -0.92 11.10 2.52
N GLU A 74 -0.78 10.20 3.49
CA GLU A 74 -1.35 8.87 3.39
C GLU A 74 -2.53 8.70 4.33
N THR A 75 -3.56 7.98 3.88
CA THR A 75 -4.74 7.75 4.69
C THR A 75 -5.15 6.28 4.68
N ILE A 76 -5.43 5.74 5.85
CA ILE A 76 -5.83 4.34 5.98
C ILE A 76 -7.31 4.15 5.64
N TYR A 77 -7.71 2.91 5.39
CA TYR A 77 -9.08 2.61 5.06
C TYR A 77 -9.62 1.48 5.94
N PRO A 78 -10.95 1.36 6.00
CA PRO A 78 -11.63 0.32 6.80
C PRO A 78 -11.42 -1.07 6.23
N ASN A 79 -10.65 -1.16 5.15
CA ASN A 79 -10.38 -2.44 4.50
C ASN A 79 -8.89 -2.74 4.49
N ALA A 80 -8.13 -1.98 5.27
CA ALA A 80 -6.68 -2.16 5.36
C ALA A 80 -5.99 -1.61 4.12
N SER A 81 -6.61 -0.61 3.49
CA SER A 81 -6.06 0.00 2.29
C SER A 81 -5.47 1.38 2.61
N LEU A 82 -4.42 1.74 1.88
CA LEU A 82 -3.77 3.03 2.09
C LEU A 82 -3.84 3.88 0.83
N LEU A 83 -4.34 5.11 0.97
CA LEU A 83 -4.46 6.03 -0.15
C LEU A 83 -3.34 7.06 -0.14
N MET A 84 -2.43 6.95 -1.10
CA MET A 84 -1.31 7.89 -1.21
C MET A 84 -1.71 9.12 -2.00
N ARG A 85 -1.46 10.30 -1.44
CA ARG A 85 -1.78 11.55 -2.10
C ARG A 85 -0.52 12.25 -2.59
N ASN A 86 -0.60 12.83 -3.79
CA ASN A 86 0.54 13.54 -4.37
C ASN A 86 1.74 12.60 -4.52
N VAL A 87 1.49 11.44 -5.12
CA VAL A 87 2.56 10.46 -5.34
C VAL A 87 3.70 11.05 -6.16
N THR A 88 4.88 10.46 -6.01
CA THR A 88 6.06 10.92 -6.74
C THR A 88 6.97 9.76 -7.11
N ARG A 89 7.74 9.94 -8.18
CA ARG A 89 8.66 8.91 -8.64
C ARG A 89 9.38 8.25 -7.47
N ASN A 90 9.62 9.03 -6.42
CA ASN A 90 10.30 8.53 -5.23
C ASN A 90 9.47 7.44 -4.55
N ASP A 91 8.18 7.70 -4.40
CA ASP A 91 7.29 6.74 -3.76
C ASP A 91 7.46 5.35 -4.36
N THR A 92 7.70 5.29 -5.66
CA THR A 92 7.89 4.02 -6.36
C THR A 92 8.86 3.13 -5.60
N GLY A 93 8.35 2.01 -5.09
CA GLY A 93 9.18 1.08 -4.35
C GLY A 93 8.40 -0.08 -3.77
N SER A 94 8.58 -0.33 -2.48
CA SER A 94 7.88 -1.42 -1.81
C SER A 94 7.11 -0.91 -0.59
N TYR A 95 5.94 -1.49 -0.36
CA TYR A 95 5.10 -1.10 0.77
C TYR A 95 4.50 -2.31 1.45
N THR A 96 4.98 -2.61 2.66
CA THR A 96 4.50 -3.74 3.43
C THR A 96 3.34 -3.33 4.33
N LEU A 97 2.28 -4.14 4.33
CA LEU A 97 1.10 -3.87 5.15
C LEU A 97 0.84 -5.02 6.11
N GLN A 98 1.12 -4.79 7.39
CA GLN A 98 0.90 -5.81 8.41
C GLN A 98 -0.45 -5.63 9.10
N VAL A 99 -1.18 -6.73 9.27
CA VAL A 99 -2.49 -6.68 9.91
C VAL A 99 -2.53 -7.59 11.14
N ILE A 100 -2.81 -7.00 12.29
CA ILE A 100 -2.88 -7.75 13.54
C ILE A 100 -4.28 -8.29 13.76
N LYS A 101 -4.35 -9.55 14.21
CA LYS A 101 -5.64 -10.19 14.48
C LYS A 101 -5.91 -10.28 15.99
N LEU A 102 -7.18 -10.35 16.35
CA LEU A 102 -7.57 -10.45 17.75
C LEU A 102 -6.95 -11.68 18.40
N ASN A 103 -6.51 -12.63 17.57
CA ASN A 103 -5.90 -13.85 18.07
C ASN A 103 -4.44 -13.62 18.45
N LEU A 104 -4.07 -12.35 18.58
CA LEU A 104 -2.69 -12.00 18.94
C LEU A 104 -1.72 -12.42 17.85
N MET A 105 -2.11 -12.22 16.59
CA MET A 105 -1.27 -12.58 15.46
C MET A 105 -1.14 -11.42 14.48
N SER A 106 -0.31 -11.59 13.46
CA SER A 106 -0.09 -10.55 12.46
C SER A 106 0.21 -11.16 11.10
N GLU A 107 -0.35 -10.58 10.04
CA GLU A 107 -0.13 -11.07 8.69
C GLU A 107 0.91 -10.21 7.96
N GLU A 108 1.18 -10.56 6.72
CA GLU A 108 2.15 -9.83 5.91
C GLU A 108 1.76 -9.84 4.43
N VAL A 109 1.81 -8.67 3.81
CA VAL A 109 1.46 -8.54 2.39
C VAL A 109 2.21 -7.37 1.75
N THR A 110 2.97 -7.67 0.70
CA THR A 110 3.73 -6.66 -0.02
C THR A 110 2.91 -6.04 -1.14
N GLY A 111 2.36 -4.86 -0.89
CA GLY A 111 1.55 -4.18 -1.89
C GLY A 111 2.09 -2.81 -2.23
N GLN A 112 2.68 -2.69 -3.41
CA GLN A 112 3.23 -1.42 -3.86
C GLN A 112 2.66 -1.01 -5.21
N PHE A 113 3.17 0.10 -5.75
CA PHE A 113 2.70 0.60 -7.04
C PHE A 113 3.84 1.24 -7.82
N SER A 114 3.51 1.81 -8.97
CA SER A 114 4.50 2.45 -9.82
C SER A 114 4.01 3.81 -10.30
N VAL A 115 4.92 4.79 -10.35
CA VAL A 115 4.57 6.13 -10.80
C VAL A 115 5.37 6.52 -12.04
N HIS A 116 4.70 7.15 -12.99
CA HIS A 116 5.35 7.58 -14.22
C HIS A 116 4.96 9.02 -14.58
N PRO A 117 5.97 9.85 -14.83
CA PRO A 117 5.75 11.27 -15.18
C PRO A 117 5.15 11.43 -16.56
N GLU A 118 3.90 11.90 -16.61
CA GLU A 118 3.21 12.10 -17.87
C GLU A 118 4.12 12.81 -18.88
N THR A 119 4.74 12.04 -19.77
CA THR A 119 5.62 12.58 -20.79
C THR A 119 5.44 11.87 -22.12
N PRO A 120 5.54 12.64 -23.22
CA PRO A 120 5.39 12.11 -24.58
C PRO A 120 6.56 11.21 -24.98
N LYS A 121 6.44 10.60 -26.15
CA LYS A 121 7.49 9.71 -26.65
C LYS A 121 7.56 9.76 -28.17
N PRO A 122 8.73 9.39 -28.72
CA PRO A 122 8.96 9.38 -30.17
C PRO A 122 8.17 8.30 -30.88
N SER A 123 7.93 7.19 -30.18
CA SER A 123 7.18 6.07 -30.75
C SER A 123 6.42 5.33 -29.66
N ILE A 124 5.23 4.86 -29.99
CA ILE A 124 4.40 4.12 -29.05
C ILE A 124 4.15 2.70 -29.53
N SER A 125 4.00 2.54 -30.83
CA SER A 125 3.75 1.22 -31.42
C SER A 125 4.56 0.15 -30.70
N GLY A 126 3.98 -1.04 -30.58
CA GLY A 126 4.65 -2.13 -29.91
C GLY A 126 4.37 -3.47 -30.57
N PRO A 127 5.07 -3.74 -31.69
CA PRO A 127 4.90 -5.00 -32.43
C PRO A 127 5.47 -6.19 -31.68
N SER A 128 4.61 -6.88 -30.92
CA SER A 128 5.03 -8.03 -30.16
C SER A 128 3.82 -8.73 -29.51
N SER A 129 4.03 -9.97 -29.09
CA SER A 129 2.95 -10.74 -28.46
C SER A 129 3.38 -11.27 -27.09
N GLY A 130 2.82 -10.68 -26.04
CA GLY A 130 3.17 -11.11 -24.70
C GLY A 130 1.97 -11.68 -23.95
N GLY A 1 -9.19 -8.23 -8.23
CA GLY A 1 -8.73 -9.47 -7.64
C GLY A 1 -8.88 -10.65 -8.58
N SER A 2 -8.08 -11.69 -8.36
CA SER A 2 -8.13 -12.89 -9.20
C SER A 2 -9.51 -13.54 -9.14
N SER A 3 -10.19 -13.55 -10.28
CA SER A 3 -11.53 -14.14 -10.35
C SER A 3 -11.52 -15.40 -11.21
N GLY A 4 -10.93 -15.29 -12.40
CA GLY A 4 -10.87 -16.44 -13.30
C GLY A 4 -10.59 -17.73 -12.56
N SER A 5 -9.35 -17.92 -12.14
CA SER A 5 -8.95 -19.14 -11.44
C SER A 5 -9.40 -19.08 -9.98
N SER A 6 -10.23 -20.03 -9.58
CA SER A 6 -10.74 -20.09 -8.21
C SER A 6 -10.13 -21.27 -7.46
N GLY A 7 -9.29 -20.96 -6.47
CA GLY A 7 -8.65 -22.00 -5.69
C GLY A 7 -8.50 -21.62 -4.23
N THR A 8 -7.32 -21.11 -3.88
CA THR A 8 -7.05 -20.70 -2.50
C THR A 8 -6.97 -19.19 -2.38
N ALA A 9 -7.18 -18.68 -1.17
CA ALA A 9 -7.11 -17.24 -0.92
C ALA A 9 -5.89 -16.88 -0.09
N GLN A 10 -5.35 -15.69 -0.34
CA GLN A 10 -4.17 -15.22 0.39
C GLN A 10 -4.13 -13.70 0.44
N LEU A 11 -4.15 -13.14 1.65
CA LEU A 11 -4.12 -11.69 1.82
C LEU A 11 -3.21 -11.04 0.79
N THR A 12 -3.82 -10.30 -0.14
CA THR A 12 -3.06 -9.62 -1.19
C THR A 12 -3.46 -8.14 -1.27
N ILE A 13 -2.68 -7.37 -2.01
CA ILE A 13 -2.95 -5.95 -2.19
C ILE A 13 -2.89 -5.56 -3.66
N GLU A 14 -3.69 -4.56 -4.03
CA GLU A 14 -3.73 -4.09 -5.41
C GLU A 14 -3.79 -2.57 -5.46
N ALA A 15 -3.03 -1.98 -6.38
CA ALA A 15 -2.99 -0.53 -6.53
C ALA A 15 -4.04 -0.06 -7.54
N VAL A 16 -4.83 0.93 -7.15
CA VAL A 16 -5.87 1.47 -8.01
C VAL A 16 -5.77 3.00 -8.09
N PRO A 17 -5.33 3.49 -9.25
CA PRO A 17 -4.94 2.65 -10.38
C PRO A 17 -3.66 1.86 -10.12
N SER A 18 -3.15 1.19 -11.15
CA SER A 18 -1.93 0.40 -11.02
C SER A 18 -0.71 1.25 -11.31
N ASN A 19 -0.91 2.35 -12.04
CA ASN A 19 0.19 3.25 -12.38
C ASN A 19 -0.31 4.69 -12.51
N ALA A 20 0.00 5.51 -11.50
CA ALA A 20 -0.42 6.90 -11.51
C ALA A 20 0.74 7.81 -11.90
N ALA A 21 0.45 9.11 -12.04
CA ALA A 21 1.47 10.08 -12.40
C ALA A 21 1.73 11.06 -11.27
N GLU A 22 2.92 11.66 -11.28
CA GLU A 22 3.29 12.62 -10.23
C GLU A 22 2.16 13.61 -9.99
N GLY A 23 1.67 13.64 -8.75
CA GLY A 23 0.60 14.55 -8.40
C GLY A 23 -0.75 13.85 -8.33
N LYS A 24 -0.79 12.60 -8.77
CA LYS A 24 -2.02 11.82 -8.75
C LYS A 24 -2.19 11.09 -7.42
N GLU A 25 -3.29 10.35 -7.30
CA GLU A 25 -3.56 9.60 -6.08
C GLU A 25 -3.75 8.12 -6.38
N VAL A 26 -3.24 7.27 -5.51
CA VAL A 26 -3.36 5.82 -5.67
C VAL A 26 -3.99 5.17 -4.46
N LEU A 27 -4.91 4.24 -4.69
CA LEU A 27 -5.59 3.54 -3.61
C LEU A 27 -5.24 2.06 -3.62
N LEU A 28 -4.43 1.64 -2.64
CA LEU A 28 -4.02 0.25 -2.53
C LEU A 28 -5.08 -0.58 -1.80
N LEU A 29 -5.88 -1.33 -2.56
CA LEU A 29 -6.92 -2.16 -1.98
C LEU A 29 -6.35 -3.45 -1.43
N VAL A 30 -7.11 -4.12 -0.57
CA VAL A 30 -6.68 -5.39 0.02
C VAL A 30 -7.76 -6.45 -0.11
N HIS A 31 -7.32 -7.68 -0.43
CA HIS A 31 -8.25 -8.79 -0.59
C HIS A 31 -7.86 -9.97 0.31
N ASN A 32 -8.78 -10.89 0.50
CA ASN A 32 -8.53 -12.06 1.34
C ASN A 32 -8.22 -11.64 2.78
N LEU A 33 -8.76 -10.50 3.19
CA LEU A 33 -8.53 -10.00 4.54
C LEU A 33 -8.95 -11.02 5.58
N PRO A 34 -8.42 -10.87 6.80
CA PRO A 34 -8.73 -11.77 7.92
C PRO A 34 -10.16 -11.62 8.41
N GLN A 35 -10.46 -12.24 9.55
CA GLN A 35 -11.80 -12.17 10.13
C GLN A 35 -11.94 -10.93 11.01
N ASP A 36 -11.01 -10.74 11.91
CA ASP A 36 -11.04 -9.59 12.82
C ASP A 36 -9.67 -8.91 12.87
N PRO A 37 -9.45 -7.96 11.94
CA PRO A 37 -8.18 -7.21 11.86
C PRO A 37 -8.01 -6.25 13.03
N ARG A 38 -7.51 -6.77 14.15
CA ARG A 38 -7.29 -5.95 15.34
C ARG A 38 -6.84 -4.54 14.95
N GLY A 39 -6.03 -4.45 13.90
CA GLY A 39 -5.54 -3.16 13.46
C GLY A 39 -4.61 -3.28 12.27
N TYR A 40 -4.56 -2.22 11.46
CA TYR A 40 -3.70 -2.21 10.27
C TYR A 40 -2.43 -1.42 10.53
N ASN A 41 -1.35 -1.81 9.87
CA ASN A 41 -0.06 -1.14 10.02
C ASN A 41 0.72 -1.17 8.71
N TRP A 42 0.83 -0.01 8.08
CA TRP A 42 1.56 0.12 6.82
C TRP A 42 3.02 0.46 7.06
N TYR A 43 3.89 -0.03 6.20
CA TYR A 43 5.32 0.23 6.33
C TYR A 43 5.94 0.52 4.96
N LYS A 44 7.15 1.10 4.98
CA LYS A 44 7.86 1.43 3.75
C LYS A 44 9.01 0.46 3.50
N GLY A 45 9.02 -0.14 2.31
CA GLY A 45 10.07 -1.09 1.97
C GLY A 45 9.53 -2.44 1.55
N GLU A 46 10.34 -3.47 1.70
CA GLU A 46 9.93 -4.82 1.33
C GLU A 46 9.90 -5.74 2.55
N THR A 47 9.72 -5.14 3.72
CA THR A 47 9.67 -5.90 4.97
C THR A 47 9.15 -5.06 6.12
N VAL A 48 8.89 -5.70 7.25
CA VAL A 48 8.38 -4.99 8.42
C VAL A 48 9.46 -4.12 9.06
N ASP A 49 9.36 -2.81 8.82
CA ASP A 49 10.33 -1.87 9.37
C ASP A 49 9.64 -0.85 10.27
N ALA A 50 9.92 -0.93 11.57
CA ALA A 50 9.33 -0.01 12.53
C ALA A 50 9.94 1.38 12.41
N ASN A 51 11.13 1.46 11.81
CA ASN A 51 11.82 2.73 11.63
C ASN A 51 11.19 3.53 10.49
N ARG A 52 10.62 2.82 9.52
CA ARG A 52 9.99 3.46 8.38
C ARG A 52 8.47 3.35 8.46
N ARG A 53 7.97 3.08 9.66
CA ARG A 53 6.53 2.94 9.87
C ARG A 53 5.78 4.15 9.33
N ILE A 54 5.03 3.95 8.25
CA ILE A 54 4.27 5.02 7.64
C ILE A 54 3.13 5.48 8.54
N ILE A 55 2.28 4.54 8.95
CA ILE A 55 1.16 4.85 9.82
C ILE A 55 0.45 3.58 10.28
N GLY A 56 -0.10 3.62 11.50
CA GLY A 56 -0.79 2.46 12.03
C GLY A 56 -2.12 2.82 12.65
N TYR A 57 -3.15 2.03 12.36
CA TYR A 57 -4.48 2.29 12.90
C TYR A 57 -5.01 1.06 13.62
N VAL A 58 -5.59 1.27 14.80
CA VAL A 58 -6.14 0.18 15.58
C VAL A 58 -7.66 0.23 15.60
N ILE A 59 -8.28 -0.86 15.16
CA ILE A 59 -9.74 -0.95 15.12
C ILE A 59 -10.31 -1.21 16.51
N SER A 60 -9.59 -1.99 17.30
CA SER A 60 -10.03 -2.32 18.66
C SER A 60 -10.14 -1.06 19.51
N ASN A 61 -9.37 -0.04 19.15
CA ASN A 61 -9.38 1.22 19.89
C ASN A 61 -9.54 2.40 18.94
N GLN A 62 -9.87 2.11 17.68
CA GLN A 62 -10.05 3.15 16.67
C GLN A 62 -9.06 4.29 16.89
N GLN A 63 -7.80 3.94 17.13
CA GLN A 63 -6.76 4.94 17.35
C GLN A 63 -5.78 4.98 16.17
N ILE A 64 -5.19 6.15 15.95
CA ILE A 64 -4.24 6.33 14.86
C ILE A 64 -2.92 6.88 15.37
N THR A 65 -1.84 6.16 15.10
CA THR A 65 -0.52 6.59 15.52
C THR A 65 0.46 6.64 14.35
N PRO A 66 0.67 7.83 13.79
CA PRO A 66 1.57 8.04 12.65
C PRO A 66 3.04 7.85 13.05
N GLY A 67 3.81 7.26 12.14
CA GLY A 67 5.21 7.03 12.41
C GLY A 67 6.11 8.07 11.75
N PRO A 68 7.40 7.76 11.65
CA PRO A 68 8.40 8.67 11.04
C PRO A 68 8.20 8.79 9.54
N ALA A 69 7.63 7.76 8.92
CA ALA A 69 7.40 7.76 7.49
C ALA A 69 6.07 8.42 7.15
N TYR A 70 5.67 9.38 7.97
CA TYR A 70 4.40 10.08 7.76
C TYR A 70 4.65 11.51 7.30
N SER A 71 3.91 11.92 6.27
CA SER A 71 4.05 13.27 5.72
C SER A 71 2.70 13.97 5.64
N ASN A 72 1.67 13.31 6.16
CA ASN A 72 0.32 13.87 6.14
C ASN A 72 -0.29 13.79 4.74
N ARG A 73 0.04 12.72 4.02
CA ARG A 73 -0.47 12.54 2.67
C ARG A 73 -1.16 11.18 2.54
N GLU A 74 -0.74 10.23 3.35
CA GLU A 74 -1.32 8.89 3.32
C GLU A 74 -2.50 8.79 4.28
N THR A 75 -3.48 7.96 3.91
CA THR A 75 -4.66 7.77 4.73
C THR A 75 -5.10 6.30 4.74
N ILE A 76 -5.16 5.72 5.93
CA ILE A 76 -5.56 4.33 6.07
C ILE A 76 -7.06 4.15 5.78
N TYR A 77 -7.48 2.91 5.64
CA TYR A 77 -8.88 2.60 5.37
C TYR A 77 -9.37 1.45 6.24
N PRO A 78 -10.69 1.34 6.39
CA PRO A 78 -11.33 0.29 7.19
C PRO A 78 -11.18 -1.09 6.56
N ASN A 79 -10.49 -1.14 5.43
CA ASN A 79 -10.28 -2.41 4.72
C ASN A 79 -8.80 -2.70 4.57
N ALA A 80 -7.98 -2.08 5.42
CA ALA A 80 -6.54 -2.28 5.39
C ALA A 80 -5.93 -1.68 4.13
N SER A 81 -6.58 -0.66 3.58
CA SER A 81 -6.11 0.00 2.37
C SER A 81 -5.51 1.37 2.70
N LEU A 82 -4.53 1.77 1.92
CA LEU A 82 -3.87 3.06 2.12
C LEU A 82 -3.98 3.93 0.88
N LEU A 83 -4.52 5.14 1.04
CA LEU A 83 -4.69 6.07 -0.07
C LEU A 83 -3.50 7.04 -0.14
N MET A 84 -2.69 6.88 -1.19
CA MET A 84 -1.53 7.75 -1.38
C MET A 84 -1.89 8.95 -2.25
N ARG A 85 -1.80 10.13 -1.64
CA ARG A 85 -2.12 11.37 -2.35
C ARG A 85 -0.85 12.08 -2.82
N ASN A 86 -0.97 12.90 -3.85
CA ASN A 86 0.17 13.63 -4.39
C ASN A 86 1.38 12.72 -4.52
N VAL A 87 1.20 11.58 -5.18
CA VAL A 87 2.28 10.62 -5.36
C VAL A 87 3.44 11.25 -6.13
N THR A 88 4.64 10.71 -5.93
CA THR A 88 5.83 11.22 -6.59
C THR A 88 6.69 10.08 -7.13
N ARG A 89 7.51 10.39 -8.14
CA ARG A 89 8.37 9.39 -8.75
C ARG A 89 9.19 8.66 -7.69
N ASN A 90 9.49 9.36 -6.59
CA ASN A 90 10.26 8.78 -5.50
C ASN A 90 9.48 7.70 -4.78
N ASP A 91 8.20 7.98 -4.52
CA ASP A 91 7.33 7.03 -3.84
C ASP A 91 7.48 5.63 -4.42
N THR A 92 7.63 5.55 -5.74
CA THR A 92 7.78 4.27 -6.42
C THR A 92 8.80 3.39 -5.71
N GLY A 93 8.34 2.26 -5.20
CA GLY A 93 9.22 1.34 -4.50
C GLY A 93 8.50 0.13 -3.96
N SER A 94 8.32 0.08 -2.65
CA SER A 94 7.64 -1.03 -2.00
C SER A 94 6.97 -0.59 -0.71
N TYR A 95 5.79 -1.14 -0.44
CA TYR A 95 5.05 -0.80 0.77
C TYR A 95 4.46 -2.05 1.42
N THR A 96 5.01 -2.43 2.56
CA THR A 96 4.54 -3.61 3.29
C THR A 96 3.36 -3.26 4.19
N LEU A 97 2.30 -4.06 4.09
CA LEU A 97 1.10 -3.83 4.89
C LEU A 97 0.84 -5.02 5.81
N GLN A 98 1.03 -4.82 7.11
CA GLN A 98 0.82 -5.87 8.09
C GLN A 98 -0.55 -5.73 8.75
N VAL A 99 -1.25 -6.85 8.90
CA VAL A 99 -2.57 -6.86 9.52
C VAL A 99 -2.59 -7.74 10.76
N ILE A 100 -2.97 -7.14 11.89
CA ILE A 100 -3.03 -7.87 13.15
C ILE A 100 -4.45 -8.34 13.44
N LYS A 101 -4.58 -9.56 13.95
CA LYS A 101 -5.89 -10.12 14.27
C LYS A 101 -6.09 -10.20 15.78
N LEU A 102 -7.35 -10.25 16.21
CA LEU A 102 -7.67 -10.32 17.62
C LEU A 102 -7.06 -11.56 18.26
N ASN A 103 -6.55 -12.46 17.42
CA ASN A 103 -5.93 -13.69 17.90
C ASN A 103 -4.45 -13.47 18.21
N LEU A 104 -4.06 -12.22 18.39
CA LEU A 104 -2.68 -11.87 18.69
C LEU A 104 -1.76 -12.31 17.56
N MET A 105 -2.29 -12.35 16.34
CA MET A 105 -1.50 -12.75 15.18
C MET A 105 -1.32 -11.58 14.22
N SER A 106 -0.49 -11.78 13.19
CA SER A 106 -0.23 -10.74 12.20
C SER A 106 0.10 -11.36 10.85
N GLU A 107 -0.24 -10.64 9.78
CA GLU A 107 0.02 -11.11 8.43
C GLU A 107 0.87 -10.11 7.66
N GLU A 108 1.46 -10.56 6.56
CA GLU A 108 2.31 -9.71 5.73
C GLU A 108 1.87 -9.76 4.27
N VAL A 109 1.90 -8.61 3.60
CA VAL A 109 1.52 -8.53 2.20
C VAL A 109 2.14 -7.31 1.53
N THR A 110 3.09 -7.55 0.63
CA THR A 110 3.78 -6.48 -0.08
C THR A 110 2.88 -5.89 -1.16
N GLY A 111 2.40 -4.67 -0.93
CA GLY A 111 1.53 -4.02 -1.89
C GLY A 111 2.01 -2.62 -2.24
N GLN A 112 2.47 -2.44 -3.47
CA GLN A 112 2.97 -1.14 -3.92
C GLN A 112 2.51 -0.86 -5.35
N PHE A 113 2.98 0.25 -5.91
CA PHE A 113 2.62 0.64 -7.26
C PHE A 113 3.79 1.32 -7.96
N SER A 114 3.55 1.81 -9.18
CA SER A 114 4.57 2.48 -9.96
C SER A 114 4.10 3.86 -10.41
N VAL A 115 4.96 4.86 -10.23
CA VAL A 115 4.64 6.23 -10.62
C VAL A 115 5.51 6.69 -11.78
N HIS A 116 4.86 7.19 -12.84
CA HIS A 116 5.57 7.66 -14.02
C HIS A 116 5.17 9.09 -14.35
N PRO A 117 6.16 9.93 -14.70
CA PRO A 117 5.94 11.33 -15.05
C PRO A 117 5.21 11.49 -16.39
N GLU A 118 4.57 12.63 -16.58
CA GLU A 118 3.84 12.90 -17.81
C GLU A 118 4.76 13.48 -18.87
N THR A 119 5.94 12.88 -19.03
CA THR A 119 6.91 13.35 -20.00
C THR A 119 6.96 12.41 -21.21
N PRO A 120 7.17 13.00 -22.40
CA PRO A 120 7.25 12.24 -23.65
C PRO A 120 8.51 11.38 -23.74
N LYS A 121 8.37 10.20 -24.32
CA LYS A 121 9.51 9.29 -24.47
C LYS A 121 9.48 8.61 -25.84
N PRO A 122 10.50 8.90 -26.66
CA PRO A 122 10.61 8.32 -28.00
C PRO A 122 10.92 6.83 -27.97
N SER A 123 11.05 6.28 -26.76
CA SER A 123 11.35 4.86 -26.60
C SER A 123 10.07 4.02 -26.68
N ILE A 124 9.05 4.45 -25.97
CA ILE A 124 7.77 3.74 -25.97
C ILE A 124 7.98 2.24 -26.14
N SER A 125 8.90 1.69 -25.36
CA SER A 125 9.20 0.26 -25.42
C SER A 125 7.93 -0.57 -25.21
N GLY A 126 8.05 -1.88 -25.39
CA GLY A 126 6.90 -2.76 -25.23
C GLY A 126 6.71 -3.17 -23.78
N PRO A 127 5.51 -2.91 -23.25
CA PRO A 127 5.17 -3.25 -21.87
C PRO A 127 5.03 -4.75 -21.65
N SER A 128 4.65 -5.14 -20.44
CA SER A 128 4.49 -6.56 -20.11
C SER A 128 5.57 -7.40 -20.77
N SER A 129 6.80 -6.91 -20.72
CA SER A 129 7.93 -7.61 -21.33
C SER A 129 9.23 -7.26 -20.61
N GLY A 130 10.06 -8.28 -20.37
CA GLY A 130 11.32 -8.06 -19.70
C GLY A 130 12.50 -8.54 -20.52
#